data_6ZY1
#
_entry.id   6ZY1
#
_cell.length_a   175.871
_cell.length_b   170.104
_cell.length_c   107.651
_cell.angle_alpha   90
_cell.angle_beta   98.35
_cell.angle_gamma   90
#
_symmetry.space_group_name_H-M   'C 1 2 1'
#
loop_
_entity.id
_entity.type
_entity.pdbx_description
1 polymer 'Oxidoreductase, NAD-binding/iron-sulfur cluster-binding protein'
2 non-polymer 'IRON/SULFUR CLUSTER'
3 non-polymer COBALAMIN
4 non-polymer 'SODIUM ION'
5 non-polymer '3 bromo 4 hydroxybenzoic acid'
6 water water
#
_entity_poly.entity_id   1
_entity_poly.type   'polypeptide(L)'
_entity_poly.pdbx_seq_one_letter_code
;MVQTSFEHHHHHHSAGENLYFQGAQISMRLYSNRDRPNHLGPLALERLARVDDVVAQPARQPEDGFAASEDSLLGDVEEY
ARLFTRFLDGPVAPLGDAIPDDPARRAENLKASAYFLDASMVGICRLDPDDRAGDCDPSHTHALVFAVQFGREPEAGEAG
AEWIRGTNAARTDMRCAEIAAILSGYVRWMGFPARGHFSGDAQVDLARLAVRAGLARVVDGVLVAPFLRRGFRLGVVTTG
YALAADRPLAPEGDLGETAPEVMLGIDGTRPGWEDAEEEKRPLHMGRYPMETIRRVDEPTTLVVRQEIQRVAKRGDFFKR
AEAGDLGEKAKQEKKRFPMKHPLALGMQPLIQNMVPLQGTREKLAPTGKGGDLSDPGRNAEAIKALGYYLGADFVGICRA
EPWMYYASDEVEGKPIEAYHDYAVVMLIDQGYETMEGASGDDWISASQSMRAYMRGAEIAGVMAAHCRRMGYSARSHSNA
HSEVIHNPAILMAGLGEVSRIGDTLLNPFIGPRSKSIVFTTDLPMSVDRPIDFGLQDFCNQCRKCARECPCNAISFGDKV
MFNGYEIWKADVEKCTKYRVTQMKGSACGRCMKMCPWNREDTVEGRRLAELSIKVPEARAAIIAMDDALQNGKRNLIKRW
WFDLEVIDGVAGAPRMGTNERDLSPDRGDKIGANQKLAMYPPRLQPPPGTTLDAVLPVDRSGGLAEYAAAETPAAARARL
KSSAG
;
_entity_poly.pdbx_strand_id   A,B,C
#
# COMPACT_ATOMS: atom_id res chain seq x y z
N GLN A 25 30.32 -16.30 -18.19
CA GLN A 25 30.37 -15.39 -17.05
C GLN A 25 31.67 -14.62 -17.04
N ILE A 26 31.56 -13.28 -17.06
CA ILE A 26 32.70 -12.41 -17.31
C ILE A 26 32.95 -11.46 -16.13
N SER A 27 32.42 -11.76 -14.95
CA SER A 27 32.59 -10.86 -13.83
C SER A 27 33.80 -11.21 -12.95
N MET A 28 34.50 -12.32 -13.23
CA MET A 28 35.64 -12.69 -12.41
C MET A 28 36.75 -11.65 -12.51
N ARG A 29 37.48 -11.45 -11.42
CA ARG A 29 38.64 -10.56 -11.46
C ARG A 29 39.65 -11.06 -12.48
N LEU A 30 40.13 -10.14 -13.32
CA LEU A 30 41.20 -10.48 -14.25
C LEU A 30 42.53 -10.66 -13.54
N TYR A 31 42.77 -9.92 -12.46
CA TYR A 31 44.07 -9.83 -11.84
C TYR A 31 44.04 -10.37 -10.42
N SER A 32 45.18 -10.94 -9.99
CA SER A 32 45.25 -11.58 -8.70
C SER A 32 45.54 -10.57 -7.60
N ASN A 33 45.07 -10.88 -6.40
CA ASN A 33 45.35 -10.07 -5.23
C ASN A 33 46.44 -10.68 -4.36
N ARG A 34 47.21 -11.62 -4.90
CA ARG A 34 48.18 -12.37 -4.09
C ARG A 34 49.15 -11.44 -3.38
N ASP A 35 49.45 -10.27 -3.95
CA ASP A 35 50.37 -9.32 -3.33
C ASP A 35 49.66 -8.19 -2.61
N ARG A 36 48.35 -8.31 -2.38
CA ARG A 36 47.59 -7.25 -1.72
C ARG A 36 47.36 -7.64 -0.27
N PRO A 37 47.92 -6.91 0.70
CA PRO A 37 47.63 -7.21 2.10
C PRO A 37 46.14 -7.07 2.39
N ASN A 38 45.69 -7.84 3.38
CA ASN A 38 44.25 -7.96 3.60
C ASN A 38 43.64 -6.69 4.19
N HIS A 39 44.44 -5.88 4.89
CA HIS A 39 43.87 -4.65 5.45
C HIS A 39 43.43 -3.66 4.38
N LEU A 40 43.81 -3.88 3.11
CA LEU A 40 43.37 -3.02 2.02
C LEU A 40 42.00 -3.39 1.50
N GLY A 41 41.53 -4.60 1.78
CA GLY A 41 40.19 -5.01 1.40
C GLY A 41 40.05 -5.26 -0.08
N PRO A 42 38.84 -5.62 -0.52
CA PRO A 42 38.61 -5.90 -1.94
C PRO A 42 38.37 -4.68 -2.81
N LEU A 43 38.19 -3.49 -2.22
CA LEU A 43 37.98 -2.27 -2.99
C LEU A 43 39.25 -1.42 -2.98
N ALA A 44 39.53 -0.76 -4.10
CA ALA A 44 40.74 0.06 -4.22
C ALA A 44 40.55 1.41 -3.53
N LEU A 45 40.31 1.34 -2.21
CA LEU A 45 40.09 2.55 -1.43
C LEU A 45 41.31 3.45 -1.43
N GLU A 46 42.51 2.87 -1.53
CA GLU A 46 43.74 3.64 -1.53
C GLU A 46 43.92 4.46 -2.81
N ARG A 47 42.96 4.45 -3.72
CA ARG A 47 43.05 5.24 -4.94
C ARG A 47 42.00 6.35 -4.98
N LEU A 48 41.38 6.66 -3.86
CA LEU A 48 40.36 7.69 -3.79
C LEU A 48 40.97 9.00 -3.29
N ALA A 49 40.45 10.11 -3.79
CA ALA A 49 40.93 11.41 -3.35
C ALA A 49 40.62 11.62 -1.88
N ARG A 50 41.63 12.05 -1.11
CA ARG A 50 41.45 12.25 0.32
C ARG A 50 42.13 13.55 0.74
N VAL A 51 41.74 14.04 1.92
CA VAL A 51 42.29 15.24 2.51
C VAL A 51 42.39 15.00 4.02
N ASP A 52 43.09 15.89 4.72
CA ASP A 52 43.40 15.65 6.13
C ASP A 52 42.15 15.76 7.00
N ASP A 53 41.27 16.73 6.72
CA ASP A 53 40.09 16.96 7.53
C ASP A 53 38.94 17.39 6.64
N VAL A 54 37.72 17.30 7.16
CA VAL A 54 36.55 17.85 6.52
C VAL A 54 35.61 18.37 7.60
N VAL A 55 34.79 19.35 7.23
CA VAL A 55 33.91 20.02 8.17
C VAL A 55 32.69 19.13 8.40
N ALA A 56 32.45 18.74 9.65
CA ALA A 56 31.33 17.88 9.96
C ALA A 56 30.02 18.55 9.59
N GLN A 57 29.05 17.74 9.15
CA GLN A 57 27.73 18.23 8.79
C GLN A 57 26.72 17.14 9.11
N PRO A 58 25.44 17.48 9.25
CA PRO A 58 24.44 16.46 9.57
C PRO A 58 24.32 15.43 8.47
N ALA A 59 24.08 14.17 8.87
CA ALA A 59 23.96 13.08 7.92
C ALA A 59 23.25 11.91 8.59
N ARG A 60 22.46 11.19 7.81
CA ARG A 60 21.86 9.94 8.25
C ARG A 60 22.32 8.81 7.34
N GLN A 61 22.19 7.59 7.84
CA GLN A 61 22.54 6.42 7.05
C GLN A 61 21.49 6.20 5.97
N PRO A 62 21.85 5.51 4.89
CA PRO A 62 20.84 5.16 3.89
C PRO A 62 19.74 4.30 4.50
N GLU A 63 18.54 4.41 3.93
CA GLU A 63 17.38 3.68 4.41
C GLU A 63 16.72 2.96 3.24
N ASP A 64 15.76 2.09 3.56
CA ASP A 64 14.99 1.43 2.51
C ASP A 64 14.14 2.44 1.76
N GLY A 65 13.78 2.09 0.53
CA GLY A 65 12.87 2.88 -0.25
C GLY A 65 11.43 2.46 -0.15
N PHE A 66 11.15 1.36 0.57
CA PHE A 66 9.80 0.87 0.81
C PHE A 66 9.72 0.34 2.23
N ALA A 67 8.49 0.10 2.68
CA ALA A 67 8.26 -0.44 4.01
C ALA A 67 8.11 -1.96 3.93
N ALA A 68 8.19 -2.60 5.10
CA ALA A 68 8.09 -4.04 5.23
C ALA A 68 6.73 -4.41 5.80
N SER A 69 6.13 -5.46 5.26
CA SER A 69 4.83 -5.92 5.70
C SER A 69 4.98 -6.90 6.87
N GLU A 70 3.88 -7.57 7.22
CA GLU A 70 3.91 -8.72 8.10
C GLU A 70 4.38 -9.99 7.39
N ASP A 71 4.28 -10.01 6.05
CA ASP A 71 4.86 -11.06 5.24
C ASP A 71 6.39 -11.10 5.32
N SER A 72 7.02 -10.18 6.03
CA SER A 72 8.43 -9.90 5.79
C SER A 72 9.33 -10.42 6.92
N LEU A 73 10.53 -10.81 6.53
CA LEU A 73 11.69 -11.15 7.34
C LEU A 73 11.98 -10.19 8.51
N LEU A 74 11.40 -8.98 8.47
CA LEU A 74 11.86 -7.89 9.33
C LEU A 74 11.93 -8.30 10.80
N GLY A 75 10.84 -8.86 11.33
CA GLY A 75 10.82 -9.22 12.74
C GLY A 75 11.99 -10.11 13.15
N ASP A 76 12.46 -10.96 12.23
CA ASP A 76 13.48 -11.93 12.56
C ASP A 76 14.88 -11.29 12.61
N VAL A 77 15.21 -10.46 11.62
CA VAL A 77 16.53 -9.82 11.64
C VAL A 77 16.64 -8.87 12.82
N GLU A 78 15.52 -8.28 13.25
CA GLU A 78 15.59 -7.41 14.42
C GLU A 78 15.87 -8.20 15.68
N GLU A 79 15.29 -9.40 15.79
CA GLU A 79 15.55 -10.23 16.96
C GLU A 79 17.03 -10.55 17.08
N TYR A 80 17.67 -10.97 15.98
CA TYR A 80 19.08 -11.31 16.02
C TYR A 80 19.95 -10.08 16.26
N ALA A 81 19.55 -8.92 15.71
CA ALA A 81 20.24 -7.69 16.06
C ALA A 81 20.21 -7.44 17.56
N ARG A 82 19.05 -7.65 18.18
CA ARG A 82 18.94 -7.47 19.63
C ARG A 82 19.80 -8.47 20.37
N LEU A 83 19.89 -9.70 19.87
CA LEU A 83 20.76 -10.71 20.49
C LEU A 83 22.22 -10.28 20.41
N PHE A 84 22.68 -9.87 19.24
CA PHE A 84 24.08 -9.46 19.12
C PHE A 84 24.36 -8.21 19.95
N THR A 85 23.34 -7.37 20.16
CA THR A 85 23.53 -6.14 20.93
C THR A 85 24.05 -6.43 22.34
N ARG A 86 23.67 -7.55 22.93
CA ARG A 86 24.13 -7.81 24.29
C ARG A 86 25.61 -8.21 24.34
N PHE A 87 26.30 -8.23 23.21
CA PHE A 87 27.73 -8.54 23.21
C PHE A 87 28.55 -7.37 22.66
N LEU A 88 27.94 -6.19 22.51
CA LEU A 88 28.66 -4.99 22.13
C LEU A 88 29.60 -4.51 23.24
N ASP A 89 29.30 -4.85 24.50
CA ASP A 89 30.23 -4.62 25.59
C ASP A 89 30.30 -5.87 26.44
N GLY A 90 31.37 -5.99 27.22
CA GLY A 90 31.58 -7.16 28.04
C GLY A 90 32.83 -7.08 28.88
N PRO A 91 33.22 -8.20 29.49
CA PRO A 91 34.41 -8.19 30.34
C PRO A 91 35.68 -7.96 29.52
N VAL A 92 36.69 -7.40 30.19
CA VAL A 92 37.97 -7.09 29.58
C VAL A 92 39.05 -7.94 30.23
N ALA A 93 39.82 -8.64 29.42
CA ALA A 93 40.80 -9.55 29.95
C ALA A 93 42.00 -8.80 30.50
N PRO A 94 42.81 -9.45 31.33
CA PRO A 94 44.08 -8.85 31.74
C PRO A 94 44.98 -8.63 30.54
N LEU A 95 45.82 -7.61 30.64
CA LEU A 95 46.73 -7.26 29.55
C LEU A 95 47.97 -8.13 29.64
N GLY A 96 48.17 -9.00 28.64
CA GLY A 96 49.41 -9.72 28.49
C GLY A 96 50.49 -8.83 27.92
N ASP A 97 51.62 -9.46 27.59
CA ASP A 97 52.79 -8.74 27.07
C ASP A 97 53.08 -9.07 25.61
N ALA A 98 52.05 -9.43 24.84
CA ALA A 98 52.26 -9.87 23.46
C ALA A 98 51.48 -9.06 22.44
N ILE A 99 50.82 -7.99 22.84
CA ILE A 99 50.03 -7.16 21.94
C ILE A 99 50.95 -6.14 21.30
N PRO A 100 51.11 -6.11 19.98
CA PRO A 100 52.02 -5.15 19.34
C PRO A 100 51.72 -3.71 19.74
N ASP A 101 52.80 -2.92 19.86
CA ASP A 101 52.70 -1.51 20.22
C ASP A 101 52.27 -0.65 19.03
N ASP A 102 52.85 -0.92 17.86
CA ASP A 102 52.72 -0.03 16.71
C ASP A 102 51.26 0.23 16.34
N PRO A 103 50.78 1.47 16.42
CA PRO A 103 49.40 1.74 15.97
C PRO A 103 49.15 1.39 14.51
N ALA A 104 50.18 1.48 13.65
CA ALA A 104 49.99 1.12 12.24
C ALA A 104 49.70 -0.37 12.09
N ARG A 105 50.43 -1.21 12.81
CA ARG A 105 50.15 -2.64 12.75
C ARG A 105 48.80 -2.95 13.38
N ARG A 106 48.50 -2.32 14.52
CA ARG A 106 47.17 -2.49 15.13
C ARG A 106 46.07 -2.13 14.14
N ALA A 107 46.27 -1.06 13.37
CA ALA A 107 45.25 -0.63 12.42
C ALA A 107 45.04 -1.67 11.33
N GLU A 108 46.13 -2.15 10.72
CA GLU A 108 46.00 -3.13 9.65
C GLU A 108 45.37 -4.40 10.14
N ASN A 109 45.79 -4.90 11.30
CA ASN A 109 45.24 -6.14 11.83
C ASN A 109 43.76 -6.02 12.11
N LEU A 110 43.32 -4.89 12.67
CA LEU A 110 41.90 -4.72 12.97
C LEU A 110 41.09 -4.51 11.69
N LYS A 111 41.63 -3.72 10.75
CA LYS A 111 41.00 -3.59 9.45
C LYS A 111 40.86 -4.94 8.77
N ALA A 112 41.94 -5.72 8.75
CA ALA A 112 41.89 -7.06 8.15
C ALA A 112 40.87 -7.94 8.86
N SER A 113 40.81 -7.84 10.19
CA SER A 113 39.81 -8.61 10.94
C SER A 113 38.40 -8.28 10.45
N ALA A 114 38.12 -7.00 10.23
CA ALA A 114 36.77 -6.60 9.80
C ALA A 114 36.47 -7.11 8.40
N TYR A 115 37.44 -7.07 7.50
CA TYR A 115 37.23 -7.60 6.17
C TYR A 115 37.05 -9.11 6.20
N PHE A 116 37.81 -9.79 7.06
CA PHE A 116 37.62 -11.21 7.29
C PHE A 116 36.17 -11.52 7.60
N LEU A 117 35.54 -10.70 8.44
CA LEU A 117 34.14 -10.87 8.82
C LEU A 117 33.17 -10.24 7.83
N ASP A 118 33.69 -9.78 6.68
CA ASP A 118 32.88 -9.34 5.56
C ASP A 118 32.33 -7.94 5.72
N ALA A 119 33.09 -7.06 6.36
CA ALA A 119 32.84 -5.64 6.18
C ALA A 119 33.01 -5.27 4.72
N SER A 120 32.18 -4.37 4.22
CA SER A 120 32.32 -3.89 2.85
C SER A 120 33.40 -2.83 2.73
N MET A 121 33.69 -2.12 3.81
CA MET A 121 34.57 -0.95 3.76
C MET A 121 34.95 -0.59 5.19
N VAL A 122 36.22 -0.29 5.44
CA VAL A 122 36.70 -0.09 6.80
C VAL A 122 37.56 1.17 6.86
N GLY A 123 37.46 1.90 7.97
CA GLY A 123 38.29 3.06 8.19
C GLY A 123 38.47 3.26 9.68
N ILE A 124 39.42 4.13 10.01
CA ILE A 124 39.74 4.44 11.40
C ILE A 124 39.83 5.96 11.56
N CYS A 125 39.34 6.47 12.68
CA CYS A 125 39.44 7.90 12.96
C CYS A 125 39.60 8.09 14.46
N ARG A 126 40.11 9.27 14.82
CA ARG A 126 40.27 9.61 16.22
C ARG A 126 38.96 10.16 16.78
N LEU A 127 38.61 9.69 17.98
CA LEU A 127 37.48 10.27 18.69
C LEU A 127 37.90 11.57 19.36
N ASP A 128 37.01 12.56 19.35
CA ASP A 128 37.32 13.82 20.00
C ASP A 128 36.43 14.01 21.22
N PRO A 129 36.59 15.11 21.96
CA PRO A 129 35.75 15.33 23.14
C PRO A 129 34.26 15.11 22.89
N ASP A 130 33.72 15.73 21.85
CA ASP A 130 32.29 15.69 21.62
C ASP A 130 31.73 14.28 21.57
N ASP A 131 32.56 13.28 21.26
CA ASP A 131 32.09 11.90 21.22
C ASP A 131 32.12 11.26 22.59
N ARG A 132 33.19 11.48 23.36
CA ARG A 132 33.29 10.95 24.72
C ARG A 132 32.32 11.62 25.68
N ALA A 133 31.70 12.73 25.28
CA ALA A 133 30.82 13.48 26.17
C ALA A 133 29.46 12.82 26.35
N GLY A 134 29.08 11.89 25.48
CA GLY A 134 27.86 11.13 25.65
C GLY A 134 28.08 9.96 26.59
N ASP A 135 27.20 8.97 26.48
CA ASP A 135 27.36 7.79 27.32
C ASP A 135 28.59 6.96 26.95
N CYS A 136 29.38 7.39 25.98
CA CYS A 136 30.55 6.60 25.58
C CYS A 136 31.63 6.64 26.65
N ASP A 137 32.31 5.52 26.80
CA ASP A 137 33.44 5.44 27.73
C ASP A 137 34.39 6.60 27.50
N PRO A 138 34.75 7.37 28.53
CA PRO A 138 35.60 8.55 28.31
C PRO A 138 37.06 8.23 28.05
N SER A 139 37.51 6.99 28.29
CA SER A 139 38.88 6.60 27.98
C SER A 139 39.08 6.19 26.53
N HIS A 140 38.04 6.33 25.70
CA HIS A 140 38.09 5.89 24.31
C HIS A 140 38.66 6.98 23.42
N THR A 141 39.69 6.65 22.66
CA THR A 141 40.38 7.62 21.82
C THR A 141 40.19 7.39 20.32
N HIS A 142 39.99 6.15 19.89
CA HIS A 142 39.93 5.83 18.47
C HIS A 142 38.66 5.06 18.16
N ALA A 143 38.24 5.15 16.91
CA ALA A 143 37.02 4.52 16.43
C ALA A 143 37.34 3.73 15.18
N LEU A 144 37.00 2.44 15.18
CA LEU A 144 37.01 1.63 13.98
C LEU A 144 35.62 1.71 13.37
N VAL A 145 35.52 2.33 12.19
CA VAL A 145 34.26 2.48 11.48
C VAL A 145 34.27 1.52 10.30
N PHE A 146 33.17 0.79 10.13
CA PHE A 146 33.02 -0.08 8.98
C PHE A 146 31.61 0.03 8.43
N ALA A 147 31.48 -0.19 7.12
CA ALA A 147 30.19 -0.21 6.44
C ALA A 147 29.90 -1.61 5.91
N VAL A 148 28.64 -1.99 5.93
CA VAL A 148 28.16 -3.19 5.27
C VAL A 148 27.14 -2.76 4.23
N GLN A 149 27.28 -3.25 3.01
CA GLN A 149 26.39 -2.82 1.93
C GLN A 149 25.07 -3.58 2.00
N PHE A 150 23.99 -2.85 1.68
CA PHE A 150 22.69 -3.48 1.49
C PHE A 150 22.82 -4.74 0.65
N GLY A 151 22.00 -5.74 0.95
CA GLY A 151 21.97 -6.93 0.13
C GLY A 151 21.19 -6.73 -1.15
N ARG A 152 21.46 -7.59 -2.13
CA ARG A 152 20.64 -7.61 -3.32
C ARG A 152 19.23 -8.07 -2.97
N GLU A 153 18.25 -7.47 -3.63
CA GLU A 153 16.88 -7.88 -3.36
C GLU A 153 16.25 -8.50 -4.61
N PRO A 154 15.32 -9.42 -4.43
CA PRO A 154 14.59 -9.95 -5.60
C PRO A 154 13.88 -8.84 -6.34
N GLU A 155 13.86 -8.95 -7.67
CA GLU A 155 13.09 -8.01 -8.46
C GLU A 155 11.61 -8.20 -8.21
N ALA A 156 10.85 -7.12 -8.42
CA ALA A 156 9.40 -7.20 -8.25
C ALA A 156 8.83 -8.34 -9.07
N GLY A 157 7.95 -9.13 -8.44
CA GLY A 157 7.36 -10.28 -9.08
C GLY A 157 8.14 -11.56 -8.94
N GLU A 158 9.39 -11.51 -8.46
CA GLU A 158 10.16 -12.72 -8.23
C GLU A 158 9.73 -13.37 -6.93
N ALA A 159 10.01 -14.67 -6.83
CA ALA A 159 9.68 -15.42 -5.63
C ALA A 159 10.40 -14.83 -4.43
N GLY A 160 9.66 -14.61 -3.34
CA GLY A 160 10.22 -14.13 -2.10
C GLY A 160 10.45 -12.63 -2.02
N ALA A 161 10.10 -11.87 -3.06
CA ALA A 161 10.26 -10.42 -3.01
C ALA A 161 9.56 -9.83 -1.79
N GLU A 162 8.35 -10.30 -1.49
CA GLU A 162 7.59 -9.79 -0.36
C GLU A 162 8.28 -10.08 0.98
N TRP A 163 9.06 -11.16 1.05
CA TRP A 163 9.75 -11.49 2.29
C TRP A 163 10.84 -10.49 2.62
N ILE A 164 11.33 -9.76 1.61
CA ILE A 164 12.59 -9.03 1.70
C ILE A 164 12.40 -7.53 1.60
N ARG A 165 11.51 -7.06 0.73
CA ARG A 165 11.37 -5.62 0.48
C ARG A 165 11.18 -4.86 1.78
N GLY A 166 12.01 -3.84 1.99
CA GLY A 166 11.92 -3.00 3.17
C GLY A 166 12.65 -3.53 4.38
N THR A 167 13.38 -4.64 4.27
CA THR A 167 14.11 -5.21 5.40
C THR A 167 15.60 -4.99 5.31
N ASN A 168 16.08 -4.24 4.31
CA ASN A 168 17.52 -4.19 4.05
C ASN A 168 18.26 -3.48 5.18
N ALA A 169 17.74 -2.36 5.68
CA ALA A 169 18.42 -1.64 6.76
C ALA A 169 18.50 -2.49 8.02
N ALA A 170 17.37 -3.06 8.44
CA ALA A 170 17.39 -3.97 9.59
C ALA A 170 18.30 -5.16 9.32
N ARG A 171 18.16 -5.76 8.14
CA ARG A 171 19.03 -6.87 7.77
C ARG A 171 20.50 -6.47 7.83
N THR A 172 20.84 -5.34 7.20
CA THR A 172 22.22 -4.88 7.24
C THR A 172 22.63 -4.45 8.63
N ASP A 173 21.70 -3.94 9.44
CA ASP A 173 22.02 -3.57 10.81
C ASP A 173 22.38 -4.80 11.64
N MET A 174 21.62 -5.88 11.49
CA MET A 174 21.98 -7.14 12.15
C MET A 174 23.43 -7.51 11.87
N ARG A 175 23.83 -7.51 10.60
CA ARG A 175 25.19 -7.85 10.22
C ARG A 175 26.19 -6.91 10.88
N CYS A 176 25.88 -5.62 10.93
CA CYS A 176 26.80 -4.66 11.56
C CYS A 176 26.96 -4.98 13.03
N ALA A 177 25.84 -5.16 13.74
CA ALA A 177 25.90 -5.50 15.16
C ALA A 177 26.71 -6.77 15.38
N GLU A 178 26.54 -7.77 14.52
CA GLU A 178 27.35 -8.98 14.60
C GLU A 178 28.83 -8.63 14.58
N ILE A 179 29.27 -7.94 13.52
CA ILE A 179 30.69 -7.63 13.35
C ILE A 179 31.20 -6.76 14.48
N ALA A 180 30.44 -5.73 14.84
CA ALA A 180 30.85 -4.88 15.96
C ALA A 180 31.03 -5.71 17.23
N ALA A 181 30.11 -6.65 17.48
CA ALA A 181 30.20 -7.46 18.70
C ALA A 181 31.44 -8.32 18.71
N ILE A 182 31.78 -8.92 17.56
CA ILE A 182 32.94 -9.79 17.49
C ILE A 182 34.21 -8.97 17.64
N LEU A 183 34.31 -7.88 16.88
CA LEU A 183 35.52 -7.07 16.94
C LEU A 183 35.71 -6.44 18.31
N SER A 184 34.64 -5.90 18.89
CA SER A 184 34.76 -5.32 20.22
C SER A 184 35.22 -6.36 21.23
N GLY A 185 34.60 -7.54 21.21
CA GLY A 185 35.06 -8.61 22.08
C GLY A 185 36.50 -9.00 21.80
N TYR A 186 36.90 -8.96 20.53
CA TYR A 186 38.27 -9.32 20.16
C TYR A 186 39.28 -8.40 20.84
N VAL A 187 39.06 -7.09 20.76
CA VAL A 187 39.95 -6.14 21.43
C VAL A 187 39.88 -6.32 22.94
N ARG A 188 38.68 -6.60 23.48
CA ARG A 188 38.55 -6.76 24.92
C ARG A 188 39.36 -7.95 25.43
N TRP A 189 39.51 -8.99 24.61
CA TRP A 189 40.30 -10.14 25.03
C TRP A 189 41.79 -9.86 24.96
N MET A 190 42.21 -8.93 24.11
CA MET A 190 43.59 -8.48 24.13
C MET A 190 43.87 -7.51 25.29
N GLY A 191 42.87 -7.27 26.14
CA GLY A 191 43.04 -6.49 27.34
C GLY A 191 42.69 -5.02 27.22
N PHE A 192 41.98 -4.62 26.17
CA PHE A 192 41.67 -3.22 25.93
C PHE A 192 40.16 -3.04 25.97
N PRO A 193 39.65 -2.15 26.81
CA PRO A 193 38.20 -1.89 26.82
C PRO A 193 37.72 -1.40 25.47
N ALA A 194 36.62 -1.97 24.99
CA ALA A 194 36.09 -1.63 23.68
C ALA A 194 34.59 -1.80 23.69
N ARG A 195 33.91 -1.02 22.83
CA ARG A 195 32.46 -0.99 22.78
C ARG A 195 32.02 -0.97 21.33
N GLY A 196 31.10 -1.87 20.97
CA GLY A 196 30.51 -1.86 19.65
C GLY A 196 29.30 -0.95 19.58
N HIS A 197 29.08 -0.39 18.40
CA HIS A 197 27.97 0.54 18.17
C HIS A 197 27.35 0.26 16.82
N PHE A 198 26.03 0.36 16.76
CA PHE A 198 25.32 0.37 15.49
C PHE A 198 23.99 1.08 15.70
N SER A 199 23.23 1.24 14.61
CA SER A 199 21.97 1.99 14.70
C SER A 199 21.10 1.53 15.85
N GLY A 200 21.17 0.25 16.22
CA GLY A 200 20.31 -0.26 17.27
C GLY A 200 20.78 0.04 18.67
N ASP A 201 22.07 0.31 18.85
CA ASP A 201 22.64 0.56 20.18
C ASP A 201 23.97 1.27 19.95
N ALA A 202 23.94 2.59 19.92
CA ALA A 202 25.11 3.39 19.62
C ALA A 202 25.24 4.51 20.64
N GLN A 203 26.44 4.68 21.18
CA GLN A 203 26.75 5.77 22.09
C GLN A 203 27.45 6.94 21.41
N VAL A 204 27.78 6.80 20.12
CA VAL A 204 28.48 7.84 19.37
C VAL A 204 27.71 8.10 18.08
N ASP A 205 28.07 9.19 17.41
CA ASP A 205 27.42 9.60 16.17
C ASP A 205 28.01 8.77 15.04
N LEU A 206 27.24 7.79 14.57
CA LEU A 206 27.77 6.86 13.58
C LEU A 206 28.06 7.57 12.26
N ALA A 207 27.09 8.31 11.73
CA ALA A 207 27.29 8.99 10.46
C ALA A 207 28.50 9.92 10.52
N ARG A 208 28.61 10.70 11.59
CA ARG A 208 29.73 11.63 11.72
C ARG A 208 31.07 10.91 11.68
N LEU A 209 31.18 9.78 12.38
CA LEU A 209 32.44 9.06 12.39
C LEU A 209 32.73 8.39 11.04
N ALA A 210 31.69 8.00 10.30
CA ALA A 210 31.91 7.40 8.99
C ALA A 210 32.54 8.41 8.03
N VAL A 211 32.17 9.68 8.15
CA VAL A 211 32.74 10.71 7.30
C VAL A 211 34.19 10.99 7.70
N ARG A 212 34.43 11.11 9.01
CA ARG A 212 35.80 11.36 9.47
C ARG A 212 36.72 10.20 9.15
N ALA A 213 36.22 8.96 9.26
CA ALA A 213 37.04 7.81 8.93
C ALA A 213 37.23 7.62 7.43
N GLY A 214 36.54 8.41 6.61
CA GLY A 214 36.75 8.39 5.17
C GLY A 214 35.95 7.35 4.43
N LEU A 215 34.84 6.87 4.98
CA LEU A 215 34.01 5.90 4.28
C LEU A 215 32.94 6.55 3.41
N ALA A 216 32.50 7.76 3.75
CA ALA A 216 31.38 8.34 3.05
C ALA A 216 31.49 9.86 3.03
N ARG A 217 30.77 10.46 2.09
CA ARG A 217 30.52 11.88 2.02
C ARG A 217 29.03 12.09 2.26
N VAL A 218 28.59 13.35 2.18
CA VAL A 218 27.21 13.70 2.50
C VAL A 218 26.58 14.34 1.27
N VAL A 219 25.46 13.77 0.83
CA VAL A 219 24.67 14.32 -0.26
C VAL A 219 23.25 14.48 0.24
N ASP A 220 22.77 15.72 0.32
CA ASP A 220 21.41 15.99 0.78
C ASP A 220 21.16 15.35 2.14
N GLY A 221 22.13 15.50 3.04
CA GLY A 221 21.96 15.00 4.40
C GLY A 221 21.92 13.50 4.53
N VAL A 222 22.21 12.76 3.47
CA VAL A 222 22.30 11.30 3.50
C VAL A 222 23.72 10.90 3.16
N LEU A 223 24.22 9.88 3.85
CA LEU A 223 25.56 9.38 3.56
C LEU A 223 25.60 8.74 2.19
N VAL A 224 26.71 8.95 1.48
CA VAL A 224 26.96 8.30 0.19
C VAL A 224 28.37 7.76 0.21
N ALA A 225 28.51 6.45 0.08
CA ALA A 225 29.80 5.79 0.11
C ALA A 225 30.23 5.39 -1.29
N PRO A 226 31.49 5.56 -1.65
CA PRO A 226 31.94 5.12 -2.97
C PRO A 226 31.88 3.61 -3.07
N PHE A 227 31.54 3.12 -4.26
CA PHE A 227 31.49 1.69 -4.55
C PHE A 227 30.21 1.04 -4.01
N LEU A 228 29.68 1.54 -2.90
CA LEU A 228 28.52 0.91 -2.27
C LEU A 228 27.22 1.51 -2.79
N ARG A 229 27.00 1.32 -4.10
CA ARG A 229 25.87 1.94 -4.78
C ARG A 229 24.52 1.41 -4.32
N ARG A 230 24.49 0.28 -3.64
CA ARG A 230 23.23 -0.31 -3.19
C ARG A 230 22.75 0.24 -1.86
N GLY A 231 23.48 1.15 -1.24
CA GLY A 231 23.20 1.60 0.11
C GLY A 231 24.01 0.80 1.12
N PHE A 232 23.96 1.24 2.37
CA PHE A 232 24.75 0.55 3.38
C PHE A 232 24.27 0.95 4.76
N ARG A 233 24.82 0.28 5.78
CA ARG A 233 24.63 0.62 7.18
C ARG A 233 25.98 0.50 7.87
N LEU A 234 26.09 1.14 9.04
CA LEU A 234 27.36 1.35 9.72
C LEU A 234 27.48 0.55 11.01
N GLY A 235 28.71 0.20 11.35
CA GLY A 235 29.05 -0.26 12.67
C GLY A 235 30.35 0.39 13.11
N VAL A 236 30.55 0.43 14.43
CA VAL A 236 31.71 1.13 14.98
C VAL A 236 32.15 0.40 16.25
N VAL A 237 33.47 0.37 16.44
CA VAL A 237 34.10 -0.12 17.67
C VAL A 237 34.97 1.01 18.18
N THR A 238 34.58 1.58 19.32
CA THR A 238 35.36 2.62 19.98
C THR A 238 36.22 1.97 21.06
N THR A 239 37.46 2.42 21.17
CA THR A 239 38.40 1.77 22.07
C THR A 239 39.53 2.74 22.40
N GLY A 240 40.28 2.41 23.46
CA GLY A 240 41.46 3.15 23.83
C GLY A 240 42.72 2.49 23.31
N TYR A 241 42.53 1.30 22.74
CA TYR A 241 43.53 0.61 21.91
C TYR A 241 43.91 1.49 20.73
N ALA A 242 45.09 2.12 20.80
CA ALA A 242 45.43 3.17 19.84
C ALA A 242 45.67 2.59 18.45
N LEU A 243 45.12 3.27 17.45
CA LEU A 243 45.21 2.85 16.06
C LEU A 243 45.65 4.04 15.20
N ALA A 244 46.36 3.73 14.11
CA ALA A 244 46.64 4.73 13.10
C ALA A 244 45.33 5.14 12.41
N ALA A 245 45.11 6.44 12.27
CA ALA A 245 43.87 6.93 11.67
C ALA A 245 43.99 7.09 10.17
N ASP A 246 42.85 7.05 9.50
CA ASP A 246 42.74 7.27 8.07
C ASP A 246 42.39 8.73 7.79
N ARG A 247 42.14 9.05 6.53
CA ARG A 247 41.85 10.42 6.14
C ARG A 247 40.52 10.50 5.41
N PRO A 248 39.74 11.55 5.65
CA PRO A 248 38.43 11.64 4.99
C PRO A 248 38.57 11.76 3.48
N LEU A 249 37.47 11.46 2.80
CA LEU A 249 37.40 11.58 1.36
C LEU A 249 37.39 13.06 0.97
N ALA A 250 37.97 13.34 -0.19
CA ALA A 250 37.89 14.69 -0.75
C ALA A 250 36.43 15.14 -0.77
N PRO A 251 36.09 16.26 -0.12
CA PRO A 251 34.68 16.54 0.15
C PRO A 251 33.86 16.84 -1.09
N GLU A 252 34.47 17.14 -2.22
CA GLU A 252 33.69 17.51 -3.40
C GLU A 252 34.45 17.13 -4.65
N GLY A 253 33.70 16.70 -5.67
CA GLY A 253 34.26 16.34 -6.95
C GLY A 253 34.37 14.84 -7.11
N ASP A 254 34.96 14.46 -8.24
CA ASP A 254 35.14 13.05 -8.57
C ASP A 254 36.24 12.44 -7.72
N LEU A 255 35.91 11.34 -7.03
CA LEU A 255 36.85 10.68 -6.14
C LEU A 255 37.83 9.78 -6.86
N GLY A 256 37.60 9.48 -8.14
CA GLY A 256 38.43 8.54 -8.86
C GLY A 256 37.91 7.12 -8.86
N GLU A 257 36.64 6.91 -8.49
CA GLU A 257 36.10 5.57 -8.42
C GLU A 257 36.22 4.83 -9.75
N THR A 258 36.14 5.55 -10.87
CA THR A 258 36.10 4.94 -12.18
C THR A 258 37.41 5.11 -12.96
N ALA A 259 38.49 5.45 -12.28
CA ALA A 259 39.78 5.54 -12.94
C ALA A 259 40.13 4.19 -13.56
N PRO A 260 40.94 4.19 -14.62
CA PRO A 260 41.25 2.91 -15.29
C PRO A 260 41.83 1.86 -14.35
N GLU A 261 42.76 2.25 -13.47
CA GLU A 261 43.34 1.29 -12.53
C GLU A 261 42.26 0.68 -11.64
N VAL A 262 41.21 1.43 -11.33
CA VAL A 262 40.16 0.94 -10.45
C VAL A 262 39.13 0.14 -11.23
N MET A 263 38.79 0.61 -12.44
CA MET A 263 37.81 -0.08 -13.26
C MET A 263 38.26 -1.51 -13.54
N LEU A 264 39.51 -1.68 -13.97
CA LEU A 264 40.04 -3.00 -14.26
C LEU A 264 40.51 -3.75 -13.02
N GLY A 265 40.57 -3.08 -11.86
CA GLY A 265 41.04 -3.71 -10.65
C GLY A 265 42.45 -4.27 -10.78
N ILE A 266 43.39 -3.43 -11.20
CA ILE A 266 44.68 -3.95 -11.60
C ILE A 266 45.43 -4.53 -10.42
N ASP A 267 45.13 -4.09 -9.21
CA ASP A 267 45.77 -4.62 -8.00
C ASP A 267 45.01 -5.80 -7.40
N GLY A 268 44.12 -6.42 -8.17
CA GLY A 268 43.34 -7.54 -7.65
C GLY A 268 42.08 -7.15 -6.91
N THR A 269 41.55 -5.96 -7.15
CA THR A 269 40.36 -5.50 -6.46
C THR A 269 39.12 -5.74 -7.32
N ARG A 270 37.96 -5.53 -6.70
CA ARG A 270 36.70 -5.76 -7.36
C ARG A 270 36.64 -4.98 -8.68
N PRO A 271 36.40 -5.65 -9.81
CA PRO A 271 36.26 -4.91 -11.07
C PRO A 271 35.08 -3.94 -11.01
N GLY A 272 35.20 -2.86 -11.79
CA GLY A 272 34.17 -1.83 -11.78
C GLY A 272 32.85 -2.25 -12.39
N TRP A 273 32.86 -3.30 -13.21
CA TRP A 273 31.65 -3.77 -13.85
C TRP A 273 30.97 -4.91 -13.11
N GLU A 274 31.60 -5.45 -12.06
CA GLU A 274 31.09 -6.69 -11.48
C GLU A 274 29.69 -6.51 -10.90
N ASP A 275 29.43 -5.37 -10.27
CA ASP A 275 28.08 -5.11 -9.76
C ASP A 275 27.05 -5.21 -10.87
N ALA A 276 27.20 -4.39 -11.91
CA ALA A 276 26.21 -4.37 -12.99
C ALA A 276 26.05 -5.74 -13.62
N GLU A 277 27.13 -6.49 -13.76
CA GLU A 277 27.05 -7.83 -14.31
C GLU A 277 26.29 -8.76 -13.37
N GLU A 278 26.73 -8.85 -12.11
CA GLU A 278 26.07 -9.70 -11.14
C GLU A 278 24.57 -9.42 -11.10
N GLU A 279 24.20 -8.14 -11.06
CA GLU A 279 22.80 -7.77 -10.94
C GLU A 279 21.95 -8.23 -12.13
N LYS A 280 22.56 -8.81 -13.17
CA LYS A 280 21.78 -9.34 -14.28
C LYS A 280 21.30 -10.76 -14.05
N ARG A 281 21.95 -11.51 -13.16
CA ARG A 281 21.52 -12.84 -12.76
C ARG A 281 20.39 -12.76 -11.73
N PRO A 282 19.36 -13.59 -11.86
CA PRO A 282 18.33 -13.66 -10.82
C PRO A 282 18.97 -13.97 -9.47
N LEU A 283 18.48 -13.29 -8.44
CA LEU A 283 19.11 -13.44 -7.12
C LEU A 283 19.07 -14.88 -6.66
N HIS A 284 18.02 -15.62 -7.00
CA HIS A 284 17.88 -16.98 -6.51
C HIS A 284 18.88 -17.94 -7.13
N MET A 285 19.65 -17.50 -8.13
CA MET A 285 20.62 -18.37 -8.76
C MET A 285 22.00 -18.31 -8.11
N GLY A 286 22.21 -17.40 -7.15
CA GLY A 286 23.49 -17.30 -6.48
C GLY A 286 24.52 -16.68 -7.39
N ARG A 287 25.72 -16.52 -6.84
CA ARG A 287 26.78 -15.83 -7.57
C ARG A 287 27.59 -16.78 -8.44
N TYR A 288 27.75 -18.03 -8.01
CA TYR A 288 28.49 -19.01 -8.79
C TYR A 288 27.56 -19.77 -9.74
N PRO A 289 27.98 -20.01 -10.98
CA PRO A 289 27.07 -20.60 -11.98
C PRO A 289 26.83 -22.09 -11.78
N MET A 290 26.15 -22.43 -10.69
CA MET A 290 25.82 -23.83 -10.44
C MET A 290 24.89 -24.40 -11.51
N GLU A 291 24.14 -23.56 -12.22
CA GLU A 291 23.25 -24.06 -13.26
C GLU A 291 24.02 -24.68 -14.42
N THR A 292 25.32 -24.42 -14.52
CA THR A 292 26.15 -25.01 -15.55
C THR A 292 26.72 -26.37 -15.16
N ILE A 293 26.54 -26.79 -13.91
CA ILE A 293 27.10 -28.05 -13.43
C ILE A 293 26.14 -29.18 -13.77
N ARG A 294 26.69 -30.30 -14.23
CA ARG A 294 25.87 -31.44 -14.63
C ARG A 294 25.12 -32.03 -13.44
N ARG A 295 23.83 -32.32 -13.63
CA ARG A 295 22.98 -32.90 -12.60
C ARG A 295 22.69 -34.35 -12.89
N VAL A 296 22.54 -35.15 -11.84
CA VAL A 296 22.20 -36.56 -11.96
C VAL A 296 21.20 -36.91 -10.86
N ASP A 297 20.36 -37.90 -11.15
CA ASP A 297 19.31 -38.27 -10.20
C ASP A 297 19.88 -38.92 -8.96
N GLU A 298 21.00 -39.64 -9.08
CA GLU A 298 21.66 -40.26 -7.96
C GLU A 298 23.09 -39.74 -7.84
N PRO A 299 23.66 -39.72 -6.64
CA PRO A 299 25.01 -39.18 -6.47
C PRO A 299 26.03 -39.98 -7.27
N THR A 300 27.19 -39.37 -7.45
CA THR A 300 28.26 -40.02 -8.21
C THR A 300 28.94 -41.13 -7.43
N THR A 301 28.55 -41.34 -6.18
CA THR A 301 29.06 -42.41 -5.34
C THR A 301 27.89 -43.18 -4.77
N LEU A 302 28.12 -44.46 -4.49
CA LEU A 302 27.02 -45.37 -4.17
C LEU A 302 26.41 -45.02 -2.82
N VAL A 303 25.07 -45.01 -2.76
CA VAL A 303 24.33 -44.79 -1.53
C VAL A 303 23.26 -45.88 -1.42
N VAL A 304 23.38 -46.73 -0.40
CA VAL A 304 22.47 -47.85 -0.19
C VAL A 304 21.62 -47.59 1.04
N ARG A 305 20.51 -46.86 0.85
CA ARG A 305 19.74 -46.33 1.98
C ARG A 305 19.31 -47.43 2.95
N GLN A 306 18.87 -48.57 2.44
CA GLN A 306 18.41 -49.62 3.34
C GLN A 306 19.53 -50.22 4.19
N GLU A 307 20.79 -49.85 3.94
CA GLU A 307 21.91 -50.33 4.72
C GLU A 307 22.56 -49.26 5.56
N ILE A 308 22.02 -48.03 5.57
CA ILE A 308 22.59 -46.94 6.34
C ILE A 308 21.96 -46.94 7.73
N GLN A 309 22.76 -47.21 8.74
CA GLN A 309 22.30 -47.10 10.11
C GLN A 309 22.41 -45.67 10.62
N ARG A 310 21.49 -45.29 11.49
CA ARG A 310 21.57 -44.00 12.16
C ARG A 310 22.53 -44.08 13.34
N VAL A 311 23.23 -42.99 13.59
CA VAL A 311 24.32 -42.94 14.56
C VAL A 311 23.91 -42.12 15.77
N ALA A 312 24.24 -42.61 16.96
CA ALA A 312 24.07 -41.81 18.16
C ALA A 312 24.87 -40.51 18.00
N LYS A 313 24.26 -39.38 18.38
CA LYS A 313 25.01 -38.13 18.36
C LYS A 313 26.25 -38.25 19.24
N ARG A 314 26.18 -39.06 20.29
CA ARG A 314 27.32 -39.37 21.13
C ARG A 314 28.47 -40.00 20.34
N GLY A 315 28.23 -40.38 19.09
CA GLY A 315 29.25 -41.00 18.27
C GLY A 315 30.10 -39.97 17.53
N ASP A 316 29.58 -38.75 17.43
CA ASP A 316 30.37 -37.60 17.05
C ASP A 316 31.69 -37.63 17.81
N PHE A 317 32.80 -37.60 17.07
CA PHE A 317 34.09 -37.83 17.73
C PHE A 317 34.54 -36.68 18.59
N PHE A 318 34.00 -35.47 18.40
CA PHE A 318 34.17 -34.44 19.42
C PHE A 318 33.45 -34.82 20.69
N LYS A 319 32.20 -35.31 20.57
CA LYS A 319 31.49 -35.81 21.74
C LYS A 319 32.25 -36.97 22.37
N ARG A 320 32.85 -37.85 21.57
CA ARG A 320 33.65 -38.92 22.12
C ARG A 320 34.86 -38.36 22.89
N ALA A 321 35.56 -37.41 22.28
CA ALA A 321 36.66 -36.75 22.96
C ALA A 321 36.20 -36.17 24.29
N GLU A 322 35.05 -35.50 24.28
CA GLU A 322 34.57 -34.82 25.48
C GLU A 322 34.28 -35.80 26.61
N ALA A 323 33.81 -37.01 26.28
CA ALA A 323 33.44 -37.99 27.28
C ALA A 323 34.61 -38.81 27.81
N GLY A 324 35.81 -38.63 27.25
CA GLY A 324 36.96 -39.41 27.65
C GLY A 324 37.32 -40.54 26.72
N ASP A 325 36.55 -40.75 25.66
CA ASP A 325 36.76 -41.87 24.75
C ASP A 325 38.14 -41.86 24.10
N LEU A 326 38.80 -40.70 24.01
CA LEU A 326 40.06 -40.59 23.31
C LEU A 326 41.23 -40.30 24.25
N GLY A 327 41.07 -40.52 25.54
CA GLY A 327 42.12 -40.23 26.49
C GLY A 327 41.87 -38.94 27.24
N GLU A 328 42.76 -38.67 28.20
CA GLU A 328 42.53 -37.54 29.09
C GLU A 328 42.93 -36.22 28.46
N LYS A 329 43.99 -36.20 27.65
CA LYS A 329 44.42 -34.94 27.07
C LYS A 329 43.39 -34.42 26.07
N ALA A 330 42.85 -35.30 25.22
CA ALA A 330 41.77 -34.90 24.34
C ALA A 330 40.56 -34.40 25.13
N LYS A 331 40.25 -35.07 26.24
CA LYS A 331 39.15 -34.64 27.09
C LYS A 331 39.43 -33.27 27.71
N GLN A 332 40.66 -33.05 28.18
CA GLN A 332 41.02 -31.78 28.80
C GLN A 332 40.87 -30.62 27.82
N GLU A 333 41.38 -30.81 26.60
CA GLU A 333 41.45 -29.71 25.63
C GLU A 333 40.20 -29.57 24.79
N LYS A 334 39.24 -30.48 24.92
CA LYS A 334 38.07 -30.45 24.05
C LYS A 334 37.34 -29.11 24.10
N LYS A 335 37.34 -28.45 25.26
CA LYS A 335 36.56 -27.22 25.38
C LYS A 335 37.29 -26.01 24.82
N ARG A 336 38.62 -25.92 25.02
CA ARG A 336 39.37 -24.72 24.68
C ARG A 336 40.02 -24.76 23.31
N PHE A 337 40.18 -25.94 22.71
CA PHE A 337 41.06 -26.04 21.54
C PHE A 337 40.68 -25.12 20.39
N PRO A 338 39.41 -24.78 20.15
CA PRO A 338 39.07 -23.82 19.09
C PRO A 338 38.95 -22.38 19.57
N MET A 339 39.17 -22.12 20.87
CA MET A 339 39.04 -20.80 21.45
C MET A 339 40.35 -20.30 22.03
N LYS A 340 41.47 -20.79 21.48
CA LYS A 340 42.77 -20.33 21.92
C LYS A 340 43.06 -18.90 21.47
N HIS A 341 42.40 -18.42 20.41
CA HIS A 341 42.72 -17.14 19.84
C HIS A 341 41.64 -16.11 20.18
N PRO A 342 42.03 -14.89 20.55
CA PRO A 342 41.04 -13.89 20.98
C PRO A 342 39.95 -13.58 19.96
N LEU A 343 40.24 -13.68 18.66
CA LEU A 343 39.21 -13.40 17.67
C LEU A 343 38.08 -14.42 17.77
N ALA A 344 38.43 -15.71 17.80
CA ALA A 344 37.41 -16.74 17.98
C ALA A 344 36.66 -16.53 19.30
N LEU A 345 37.36 -16.08 20.34
CA LEU A 345 36.70 -15.82 21.61
C LEU A 345 35.66 -14.72 21.46
N GLY A 346 35.93 -13.73 20.61
CA GLY A 346 34.94 -12.70 20.32
C GLY A 346 33.68 -13.25 19.66
N MET A 347 33.78 -14.39 18.99
CA MET A 347 32.64 -15.00 18.35
C MET A 347 31.86 -15.93 19.26
N GLN A 348 32.48 -16.43 20.34
CA GLN A 348 31.81 -17.43 21.17
C GLN A 348 30.48 -16.96 21.69
N PRO A 349 30.35 -15.78 22.30
CA PRO A 349 29.04 -15.36 22.82
C PRO A 349 27.93 -15.48 21.80
N LEU A 350 28.18 -15.02 20.57
CA LEU A 350 27.15 -15.09 19.54
C LEU A 350 26.81 -16.53 19.20
N ILE A 351 27.84 -17.36 19.01
CA ILE A 351 27.60 -18.77 18.67
C ILE A 351 26.70 -19.42 19.72
N GLN A 352 27.14 -19.40 20.97
CA GLN A 352 26.44 -20.14 22.01
C GLN A 352 25.02 -19.61 22.22
N ASN A 353 24.82 -18.30 22.13
CA ASN A 353 23.52 -17.74 22.46
C ASN A 353 22.55 -17.71 21.29
N MET A 354 22.98 -18.06 20.08
CA MET A 354 22.02 -18.29 19.01
C MET A 354 21.32 -19.64 19.15
N VAL A 355 21.92 -20.57 19.90
CA VAL A 355 21.36 -21.91 19.99
C VAL A 355 19.91 -21.90 20.46
N PRO A 356 19.53 -21.15 21.49
CA PRO A 356 18.15 -21.23 21.99
C PRO A 356 17.13 -20.74 20.97
N LEU A 357 17.59 -20.21 19.85
CA LEU A 357 16.72 -19.64 18.83
C LEU A 357 16.65 -20.49 17.57
N GLN A 358 17.15 -21.72 17.60
CA GLN A 358 17.30 -22.46 16.34
C GLN A 358 15.97 -22.94 15.77
N GLY A 359 14.93 -23.08 16.57
CA GLY A 359 13.62 -23.38 16.05
C GLY A 359 12.99 -24.59 16.70
N THR A 360 11.83 -24.96 16.17
CA THR A 360 10.95 -25.95 16.78
C THR A 360 10.87 -27.22 15.94
N ARG A 361 10.55 -28.33 16.60
CA ARG A 361 10.39 -29.60 15.92
C ARG A 361 8.94 -29.99 15.71
N GLU A 362 8.01 -29.42 16.47
CA GLU A 362 6.61 -29.79 16.36
C GLU A 362 6.02 -29.20 15.09
N LYS A 363 4.97 -29.85 14.59
CA LYS A 363 4.28 -29.37 13.41
C LYS A 363 3.61 -28.04 13.70
N LEU A 364 3.61 -27.16 12.70
CA LEU A 364 3.00 -25.85 12.84
C LEU A 364 1.82 -25.72 11.88
N ALA A 365 0.92 -24.80 12.22
CA ALA A 365 -0.24 -24.53 11.39
C ALA A 365 0.08 -23.39 10.43
N PRO A 366 -0.05 -23.58 9.11
CA PRO A 366 0.17 -22.48 8.18
C PRO A 366 -0.61 -21.23 8.55
N THR A 367 0.10 -20.13 8.78
CA THR A 367 -0.49 -18.93 9.34
C THR A 367 -1.07 -17.99 8.29
N GLY A 368 -0.87 -18.27 7.01
CA GLY A 368 -1.36 -17.39 5.97
C GLY A 368 -0.45 -16.22 5.67
N LYS A 369 0.65 -16.06 6.40
CA LYS A 369 1.62 -15.05 6.04
C LYS A 369 2.58 -15.57 4.97
N GLY A 370 3.26 -14.66 4.30
CA GLY A 370 4.27 -15.01 3.34
C GLY A 370 3.82 -15.08 1.89
N GLY A 371 2.64 -14.57 1.56
CA GLY A 371 2.26 -14.57 0.17
C GLY A 371 1.86 -15.95 -0.33
N ASP A 372 1.95 -16.13 -1.64
CA ASP A 372 1.51 -17.36 -2.30
C ASP A 372 2.56 -18.44 -2.06
N LEU A 373 2.19 -19.48 -1.32
CA LEU A 373 3.12 -20.56 -0.98
C LEU A 373 2.74 -21.88 -1.66
N SER A 374 1.99 -21.83 -2.75
CA SER A 374 1.47 -23.05 -3.34
C SER A 374 2.38 -23.64 -4.41
N ASP A 375 3.32 -22.87 -4.95
CA ASP A 375 4.22 -23.40 -5.97
C ASP A 375 5.51 -23.82 -5.29
N PRO A 376 5.74 -25.12 -5.07
CA PRO A 376 7.02 -25.54 -4.48
C PRO A 376 8.22 -25.03 -5.26
N GLY A 377 8.09 -24.87 -6.58
CA GLY A 377 9.18 -24.33 -7.36
C GLY A 377 9.47 -22.88 -7.05
N ARG A 378 8.41 -22.08 -6.87
CA ARG A 378 8.60 -20.70 -6.43
C ARG A 378 9.12 -20.64 -5.00
N ASN A 379 8.67 -21.58 -4.16
CA ASN A 379 9.14 -21.60 -2.78
C ASN A 379 10.64 -21.81 -2.72
N ALA A 380 11.17 -22.73 -3.54
CA ALA A 380 12.61 -22.97 -3.56
C ALA A 380 13.37 -21.74 -4.02
N GLU A 381 12.84 -21.04 -5.04
CA GLU A 381 13.52 -19.83 -5.53
C GLU A 381 13.51 -18.75 -4.46
N ALA A 382 12.42 -18.62 -3.72
CA ALA A 382 12.36 -17.62 -2.65
C ALA A 382 13.34 -17.95 -1.54
N ILE A 383 13.45 -19.24 -1.19
CA ILE A 383 14.37 -19.63 -0.13
C ILE A 383 15.82 -19.40 -0.56
N LYS A 384 16.16 -19.75 -1.79
CA LYS A 384 17.51 -19.50 -2.26
C LYS A 384 17.79 -18.01 -2.30
N ALA A 385 16.91 -17.24 -2.93
CA ALA A 385 17.05 -15.79 -2.92
C ALA A 385 17.18 -15.26 -1.50
N LEU A 386 16.40 -15.80 -0.57
CA LEU A 386 16.49 -15.35 0.82
C LEU A 386 17.87 -15.62 1.40
N GLY A 387 18.41 -16.82 1.17
CA GLY A 387 19.73 -17.12 1.69
C GLY A 387 20.81 -16.21 1.14
N TYR A 388 20.80 -16.02 -0.19
CA TYR A 388 21.82 -15.17 -0.80
C TYR A 388 21.69 -13.72 -0.31
N TYR A 389 20.46 -13.25 -0.12
CA TYR A 389 20.24 -11.92 0.44
C TYR A 389 20.84 -11.78 1.83
N LEU A 390 20.94 -12.87 2.57
CA LEU A 390 21.43 -12.83 3.94
C LEU A 390 22.93 -13.08 4.06
N GLY A 391 23.56 -13.52 2.96
CA GLY A 391 25.00 -13.71 2.96
C GLY A 391 25.48 -15.11 2.61
N ALA A 392 24.60 -16.07 2.31
CA ALA A 392 25.08 -17.39 1.94
C ALA A 392 25.82 -17.33 0.61
N ASP A 393 26.73 -18.29 0.40
CA ASP A 393 27.47 -18.39 -0.85
C ASP A 393 26.89 -19.44 -1.79
N PHE A 394 26.21 -20.46 -1.23
CA PHE A 394 25.51 -21.49 -1.99
C PHE A 394 24.26 -21.87 -1.23
N VAL A 395 23.19 -22.16 -1.96
CA VAL A 395 21.95 -22.68 -1.37
C VAL A 395 21.48 -23.86 -2.20
N GLY A 396 21.20 -24.96 -1.53
CA GLY A 396 20.58 -26.11 -2.17
C GLY A 396 19.54 -26.70 -1.26
N ILE A 397 18.58 -27.39 -1.86
CA ILE A 397 17.44 -27.94 -1.13
C ILE A 397 17.35 -29.43 -1.45
N CYS A 398 17.15 -30.24 -0.40
CA CYS A 398 16.94 -31.68 -0.57
C CYS A 398 15.98 -32.14 0.51
N ARG A 399 15.44 -33.35 0.32
CA ARG A 399 14.61 -33.94 1.35
C ARG A 399 15.46 -34.41 2.52
N ALA A 400 14.99 -34.11 3.74
CA ALA A 400 15.65 -34.53 4.97
C ALA A 400 15.23 -35.97 5.26
N GLU A 401 15.93 -36.92 4.65
CA GLU A 401 15.58 -38.32 4.81
C GLU A 401 15.91 -38.80 6.23
N PRO A 402 15.15 -39.76 6.76
CA PRO A 402 15.31 -40.11 8.17
C PRO A 402 16.71 -40.55 8.53
N TRP A 403 17.43 -41.21 7.62
CA TRP A 403 18.79 -41.65 7.94
C TRP A 403 19.76 -40.48 8.06
N MET A 404 19.34 -39.27 7.71
CA MET A 404 20.18 -38.09 7.90
C MET A 404 20.14 -37.57 9.34
N TYR A 405 19.12 -37.91 10.12
CA TYR A 405 19.04 -37.50 11.51
C TYR A 405 19.84 -38.43 12.41
N TYR A 406 20.42 -37.87 13.47
CA TYR A 406 21.05 -38.71 14.47
C TYR A 406 20.02 -39.63 15.10
N ALA A 407 20.49 -40.77 15.60
CA ALA A 407 19.57 -41.71 16.24
C ALA A 407 19.11 -41.18 17.60
N SER A 408 20.02 -40.57 18.36
CA SER A 408 19.74 -40.14 19.73
C SER A 408 20.65 -38.98 20.08
N ASP A 409 20.15 -38.10 20.95
CA ASP A 409 20.98 -37.01 21.41
C ASP A 409 22.03 -37.53 22.40
N GLU A 410 23.06 -36.71 22.64
CA GLU A 410 24.18 -37.16 23.44
C GLU A 410 24.06 -36.79 24.92
N VAL A 411 23.10 -35.96 25.28
CA VAL A 411 22.98 -35.46 26.65
C VAL A 411 22.08 -36.40 27.45
N GLU A 412 20.85 -36.60 26.99
CA GLU A 412 19.91 -37.48 27.66
C GLU A 412 19.77 -38.84 26.98
N GLY A 413 20.28 -38.99 25.77
CA GLY A 413 20.21 -40.24 25.06
C GLY A 413 18.85 -40.57 24.49
N LYS A 414 17.95 -39.59 24.41
CA LYS A 414 16.62 -39.90 23.93
C LYS A 414 16.59 -39.95 22.41
N PRO A 415 15.65 -40.71 21.84
CA PRO A 415 15.54 -40.76 20.38
C PRO A 415 15.37 -39.38 19.78
N ILE A 416 15.90 -39.21 18.57
CA ILE A 416 15.63 -38.05 17.74
C ILE A 416 14.67 -38.47 16.64
N GLU A 417 13.65 -37.66 16.41
CA GLU A 417 12.66 -37.92 15.37
C GLU A 417 13.10 -37.28 14.07
N ALA A 418 12.72 -37.91 12.96
CA ALA A 418 12.82 -37.27 11.65
C ALA A 418 11.60 -36.36 11.51
N TYR A 419 11.69 -35.19 12.12
CA TYR A 419 10.51 -34.36 12.33
C TYR A 419 10.23 -33.38 11.19
N HIS A 420 11.15 -33.16 10.25
CA HIS A 420 10.93 -32.22 9.16
C HIS A 420 11.12 -32.91 7.82
N ASP A 421 10.45 -32.37 6.79
CA ASP A 421 10.46 -33.01 5.49
C ASP A 421 11.66 -32.60 4.66
N TYR A 422 12.09 -31.35 4.77
CA TYR A 422 13.08 -30.79 3.85
C TYR A 422 14.28 -30.24 4.62
N ALA A 423 15.42 -30.29 3.97
CA ALA A 423 16.66 -29.71 4.47
C ALA A 423 17.13 -28.63 3.51
N VAL A 424 17.27 -27.41 4.01
CA VAL A 424 17.89 -26.33 3.26
C VAL A 424 19.35 -26.27 3.66
N VAL A 425 20.24 -26.43 2.68
CA VAL A 425 21.68 -26.53 2.91
C VAL A 425 22.36 -25.31 2.31
N MET A 426 23.19 -24.64 3.10
CA MET A 426 23.89 -23.45 2.64
C MET A 426 25.37 -23.56 2.99
N LEU A 427 26.21 -23.20 2.02
CA LEU A 427 27.66 -23.20 2.19
C LEU A 427 28.13 -21.79 2.48
N ILE A 428 29.00 -21.65 3.48
CA ILE A 428 29.68 -20.40 3.80
C ILE A 428 31.15 -20.59 3.47
N ASP A 429 31.67 -19.76 2.57
CA ASP A 429 33.08 -19.83 2.21
C ASP A 429 33.95 -19.52 3.43
N GLN A 430 34.93 -20.38 3.69
CA GLN A 430 35.80 -20.16 4.85
C GLN A 430 36.83 -19.06 4.63
N GLY A 431 37.13 -18.71 3.38
CA GLY A 431 38.03 -17.61 3.11
C GLY A 431 39.35 -17.99 2.45
N TYR A 432 39.45 -17.77 1.13
CA TYR A 432 40.65 -18.15 0.41
C TYR A 432 41.86 -17.33 0.85
N GLU A 433 41.72 -16.00 0.92
CA GLU A 433 42.89 -15.15 1.11
C GLU A 433 43.50 -15.35 2.50
N THR A 434 42.67 -15.46 3.54
CA THR A 434 43.20 -15.78 4.86
C THR A 434 43.91 -17.12 4.85
N MET A 435 43.26 -18.15 4.30
CA MET A 435 43.85 -19.48 4.29
C MET A 435 45.13 -19.53 3.48
N GLU A 436 45.31 -18.59 2.54
CA GLU A 436 46.50 -18.59 1.71
C GLU A 436 47.73 -18.23 2.55
N GLY A 437 47.59 -17.29 3.48
CA GLY A 437 48.68 -16.94 4.36
C GLY A 437 48.88 -17.83 5.56
N ALA A 438 47.97 -18.78 5.79
CA ALA A 438 48.01 -19.63 6.97
C ALA A 438 48.69 -20.95 6.66
N SER A 439 49.05 -21.67 7.72
CA SER A 439 49.56 -23.03 7.59
C SER A 439 48.43 -24.04 7.47
N GLY A 440 47.21 -23.66 7.83
CA GLY A 440 46.10 -24.57 7.97
C GLY A 440 45.88 -25.06 9.39
N ASP A 441 46.93 -25.03 10.21
CA ASP A 441 46.85 -25.46 11.60
C ASP A 441 47.57 -24.48 12.52
N ASP A 442 47.65 -23.21 12.13
CA ASP A 442 48.21 -22.20 13.03
C ASP A 442 47.10 -21.54 13.85
N TRP A 443 47.30 -20.30 14.27
CA TRP A 443 46.46 -19.70 15.29
C TRP A 443 45.20 -19.06 14.74
N ILE A 444 44.95 -19.19 13.44
CA ILE A 444 43.74 -18.64 12.83
C ILE A 444 42.80 -19.73 12.31
N SER A 445 43.21 -21.00 12.35
CA SER A 445 42.42 -22.07 11.75
C SER A 445 41.03 -22.13 12.38
N ALA A 446 40.97 -22.29 13.69
CA ALA A 446 39.68 -22.35 14.37
C ALA A 446 38.87 -21.08 14.16
N SER A 447 39.54 -19.95 13.98
CA SER A 447 38.80 -18.71 13.69
C SER A 447 38.13 -18.77 12.32
N GLN A 448 38.78 -19.41 11.34
CA GLN A 448 38.12 -19.60 10.05
C GLN A 448 36.93 -20.54 10.15
N SER A 449 37.04 -21.58 10.98
CA SER A 449 35.90 -22.44 11.23
C SER A 449 34.78 -21.66 11.90
N MET A 450 35.11 -20.95 12.99
CA MET A 450 34.06 -20.33 13.81
C MET A 450 33.38 -19.19 13.08
N ARG A 451 34.11 -18.43 12.27
CA ARG A 451 33.49 -17.37 11.49
C ARG A 451 32.40 -17.94 10.58
N ALA A 452 32.73 -18.98 9.83
CA ALA A 452 31.75 -19.59 8.95
C ALA A 452 30.60 -20.18 9.76
N TYR A 453 30.91 -20.85 10.87
CA TYR A 453 29.89 -21.35 11.77
C TYR A 453 28.97 -20.22 12.26
N MET A 454 29.57 -19.16 12.81
CA MET A 454 28.79 -18.05 13.33
C MET A 454 27.92 -17.43 12.24
N ARG A 455 28.46 -17.26 11.03
CA ARG A 455 27.71 -16.61 9.96
C ARG A 455 26.60 -17.49 9.43
N GLY A 456 26.85 -18.80 9.33
CA GLY A 456 25.81 -19.70 8.86
C GLY A 456 24.66 -19.81 9.85
N ALA A 457 25.00 -20.04 11.12
CA ALA A 457 23.97 -20.12 12.15
C ALA A 457 23.08 -18.88 12.17
N GLU A 458 23.69 -17.70 12.04
CA GLU A 458 22.92 -16.46 11.96
C GLU A 458 21.93 -16.50 10.80
N ILE A 459 22.43 -16.81 9.61
CA ILE A 459 21.58 -16.81 8.41
C ILE A 459 20.51 -17.88 8.52
N ALA A 460 20.89 -19.10 8.92
CA ALA A 460 19.90 -20.17 9.02
C ALA A 460 18.89 -19.89 10.11
N GLY A 461 19.34 -19.34 11.24
CA GLY A 461 18.39 -18.99 12.29
C GLY A 461 17.35 -17.99 11.82
N VAL A 462 17.76 -17.02 11.01
CA VAL A 462 16.83 -16.03 10.48
C VAL A 462 15.85 -16.70 9.53
N MET A 463 16.32 -17.62 8.70
CA MET A 463 15.46 -18.21 7.68
C MET A 463 14.48 -19.20 8.29
N ALA A 464 14.94 -20.02 9.23
CA ALA A 464 14.02 -20.92 9.93
C ALA A 464 12.93 -20.11 10.61
N ALA A 465 13.31 -19.01 11.27
CA ALA A 465 12.33 -18.14 11.91
C ALA A 465 11.25 -17.71 10.93
N HIS A 466 11.66 -17.26 9.74
CA HIS A 466 10.67 -16.80 8.76
C HIS A 466 9.76 -17.94 8.34
N CYS A 467 10.31 -19.14 8.15
CA CYS A 467 9.46 -20.30 7.88
C CYS A 467 8.43 -20.49 8.97
N ARG A 468 8.87 -20.42 10.23
CA ARG A 468 7.93 -20.58 11.34
C ARG A 468 6.90 -19.44 11.34
N ARG A 469 7.32 -18.23 10.98
CA ARG A 469 6.37 -17.12 10.87
C ARG A 469 5.27 -17.44 9.87
N MET A 470 5.61 -18.07 8.76
CA MET A 470 4.63 -18.47 7.75
C MET A 470 3.85 -19.71 8.15
N GLY A 471 4.05 -20.23 9.36
CA GLY A 471 3.33 -21.40 9.82
C GLY A 471 3.91 -22.72 9.37
N TYR A 472 5.23 -22.81 9.23
CA TYR A 472 5.88 -24.04 8.78
C TYR A 472 7.04 -24.35 9.70
N SER A 473 6.95 -25.46 10.42
CA SER A 473 7.98 -25.82 11.37
C SER A 473 9.35 -25.76 10.70
N ALA A 474 10.34 -25.28 11.45
CA ALA A 474 11.69 -25.14 10.92
C ALA A 474 12.65 -25.02 12.08
N ARG A 475 13.80 -25.68 11.95
CA ARG A 475 14.85 -25.60 12.95
C ARG A 475 16.20 -25.66 12.26
N SER A 476 17.13 -24.84 12.75
CA SER A 476 18.47 -24.83 12.17
C SER A 476 19.37 -25.79 12.94
N HIS A 477 20.41 -26.26 12.27
CA HIS A 477 21.36 -27.20 12.84
C HIS A 477 22.75 -26.59 12.71
N SER A 478 23.31 -26.18 13.83
CA SER A 478 24.53 -25.38 13.86
C SER A 478 25.70 -26.22 14.37
N ASN A 479 26.86 -25.58 14.45
CA ASN A 479 28.01 -26.22 15.08
CA ASN A 479 28.00 -26.23 15.08
C ASN A 479 27.70 -26.58 16.53
N ALA A 480 27.02 -25.66 17.24
CA ALA A 480 26.75 -25.88 18.66
C ALA A 480 25.66 -26.91 18.89
N HIS A 481 24.77 -27.09 17.92
CA HIS A 481 23.66 -28.01 18.12
C HIS A 481 23.08 -28.39 16.76
N SER A 482 23.36 -29.62 16.31
CA SER A 482 22.74 -30.18 15.12
C SER A 482 22.13 -31.53 15.47
N GLU A 483 21.00 -31.83 14.85
CA GLU A 483 20.40 -33.15 14.95
C GLU A 483 20.41 -33.91 13.62
N VAL A 484 20.95 -33.33 12.56
CA VAL A 484 21.21 -34.03 11.31
C VAL A 484 22.70 -33.96 11.02
N ILE A 485 23.17 -34.94 10.26
CA ILE A 485 24.54 -34.96 9.76
C ILE A 485 24.56 -34.22 8.43
N HIS A 486 25.34 -33.15 8.34
CA HIS A 486 25.25 -32.27 7.19
C HIS A 486 25.65 -32.96 5.90
N ASN A 487 26.63 -33.85 5.97
CA ASN A 487 27.29 -34.38 4.77
C ASN A 487 26.31 -34.95 3.75
N PRO A 488 25.47 -35.91 4.11
CA PRO A 488 24.52 -36.44 3.11
C PRO A 488 23.57 -35.40 2.57
N ALA A 489 23.26 -34.37 3.36
CA ALA A 489 22.44 -33.28 2.87
C ALA A 489 23.20 -32.40 1.89
N ILE A 490 24.50 -32.22 2.10
CA ILE A 490 25.31 -31.50 1.11
C ILE A 490 25.33 -32.27 -0.20
N LEU A 491 25.45 -33.60 -0.12
CA LEU A 491 25.44 -34.43 -1.31
C LEU A 491 24.10 -34.34 -2.03
N MET A 492 23.02 -34.72 -1.33
CA MET A 492 21.71 -34.82 -1.97
C MET A 492 21.23 -33.46 -2.48
N ALA A 493 21.68 -32.37 -1.86
CA ALA A 493 21.33 -31.03 -2.32
C ALA A 493 22.16 -30.59 -3.51
N GLY A 494 23.09 -31.41 -3.97
CA GLY A 494 23.87 -31.05 -5.14
C GLY A 494 24.83 -29.89 -4.91
N LEU A 495 25.45 -29.82 -3.73
CA LEU A 495 26.43 -28.79 -3.44
C LEU A 495 27.85 -29.30 -3.44
N GLY A 496 28.07 -30.61 -3.42
CA GLY A 496 29.42 -31.16 -3.50
C GLY A 496 29.39 -32.62 -3.90
N GLU A 497 30.59 -33.14 -4.17
CA GLU A 497 30.82 -34.56 -4.38
C GLU A 497 31.66 -35.12 -3.25
N VAL A 498 31.57 -36.45 -3.07
CA VAL A 498 32.52 -37.14 -2.21
C VAL A 498 33.93 -36.85 -2.69
N SER A 499 34.79 -36.41 -1.78
CA SER A 499 36.18 -36.10 -2.08
C SER A 499 37.09 -36.94 -1.19
N ARG A 500 38.36 -37.04 -1.58
CA ARG A 500 39.29 -37.87 -0.82
C ARG A 500 39.45 -37.38 0.61
N ILE A 501 39.25 -36.08 0.86
CA ILE A 501 39.45 -35.57 2.22
C ILE A 501 38.66 -36.37 3.22
N GLY A 502 37.55 -36.96 2.80
CA GLY A 502 36.87 -37.94 3.64
C GLY A 502 35.54 -37.47 4.15
N ASP A 503 35.55 -36.80 5.31
CA ASP A 503 34.36 -36.22 5.90
C ASP A 503 34.10 -34.81 5.41
N THR A 504 34.63 -34.46 4.24
CA THR A 504 34.40 -33.16 3.63
C THR A 504 33.96 -33.40 2.19
N LEU A 505 32.89 -32.72 1.78
CA LEU A 505 32.47 -32.76 0.38
C LEU A 505 33.03 -31.54 -0.34
N LEU A 506 33.28 -31.72 -1.63
CA LEU A 506 34.03 -30.76 -2.42
C LEU A 506 33.14 -30.14 -3.48
N ASN A 507 33.07 -28.82 -3.48
CA ASN A 507 32.25 -28.01 -4.37
C ASN A 507 33.07 -27.57 -5.59
N PRO A 508 32.46 -27.55 -6.79
CA PRO A 508 33.26 -27.28 -7.99
C PRO A 508 33.80 -25.86 -8.06
N PHE A 509 33.27 -24.94 -7.26
CA PHE A 509 33.66 -23.54 -7.36
C PHE A 509 34.50 -23.05 -6.18
N ILE A 510 34.22 -23.50 -4.97
CA ILE A 510 35.06 -23.13 -3.83
C ILE A 510 35.78 -24.35 -3.25
N GLY A 511 35.83 -25.45 -3.99
CA GLY A 511 36.50 -26.63 -3.53
C GLY A 511 35.97 -27.05 -2.17
N PRO A 512 36.87 -27.48 -1.29
CA PRO A 512 36.46 -27.88 0.06
C PRO A 512 36.43 -26.75 1.08
N ARG A 513 36.55 -25.49 0.65
CA ARG A 513 36.78 -24.37 1.56
C ARG A 513 35.43 -23.81 2.05
N SER A 514 34.77 -24.58 2.91
CA SER A 514 33.42 -24.19 3.29
C SER A 514 33.08 -24.76 4.65
N LYS A 515 32.12 -24.10 5.31
CA LYS A 515 31.34 -24.70 6.38
C LYS A 515 29.88 -24.68 5.94
N SER A 516 29.19 -25.78 6.18
CA SER A 516 27.78 -25.86 5.83
C SER A 516 26.92 -25.48 7.03
N ILE A 517 25.76 -24.91 6.73
CA ILE A 517 24.68 -24.76 7.70
C ILE A 517 23.43 -25.37 7.09
N VAL A 518 22.68 -26.10 7.89
CA VAL A 518 21.44 -26.73 7.46
C VAL A 518 20.34 -26.26 8.40
N PHE A 519 19.15 -26.02 7.84
CA PHE A 519 17.95 -25.91 8.65
C PHE A 519 16.87 -26.72 7.98
N THR A 520 16.20 -27.55 8.77
CA THR A 520 15.11 -28.37 8.27
C THR A 520 13.80 -27.62 8.40
N THR A 521 12.84 -28.00 7.57
CA THR A 521 11.56 -27.29 7.54
C THR A 521 10.53 -28.15 6.83
N ASP A 522 9.27 -27.89 7.13
CA ASP A 522 8.15 -28.51 6.43
C ASP A 522 7.69 -27.71 5.22
N LEU A 523 8.27 -26.52 4.99
CA LEU A 523 7.86 -25.69 3.86
C LEU A 523 8.05 -26.45 2.55
N PRO A 524 6.99 -26.67 1.78
CA PRO A 524 7.12 -27.42 0.52
C PRO A 524 8.00 -26.71 -0.49
N MET A 525 9.09 -27.37 -0.89
CA MET A 525 10.03 -26.84 -1.85
C MET A 525 10.45 -27.92 -2.83
N SER A 526 10.66 -27.52 -4.08
CA SER A 526 11.27 -28.42 -5.04
C SER A 526 12.72 -28.67 -4.67
N VAL A 527 13.13 -29.93 -4.72
CA VAL A 527 14.47 -30.32 -4.32
C VAL A 527 15.40 -30.21 -5.51
N ASP A 528 16.67 -29.92 -5.23
CA ASP A 528 17.72 -30.02 -6.22
C ASP A 528 18.19 -31.47 -6.36
N ARG A 529 19.00 -31.71 -7.39
CA ARG A 529 19.57 -33.03 -7.65
C ARG A 529 21.07 -33.05 -7.39
N PRO A 530 21.62 -34.22 -7.07
CA PRO A 530 23.07 -34.35 -6.97
C PRO A 530 23.76 -33.85 -8.23
N ILE A 531 25.03 -33.48 -8.06
CA ILE A 531 25.83 -32.93 -9.15
C ILE A 531 26.95 -33.90 -9.50
N ASP A 532 27.45 -33.75 -10.72
CA ASP A 532 28.54 -34.59 -11.22
C ASP A 532 29.47 -33.69 -12.03
N PHE A 533 30.58 -33.25 -11.42
CA PHE A 533 31.59 -32.48 -12.14
C PHE A 533 32.89 -33.24 -12.28
N GLY A 534 32.85 -34.57 -12.23
CA GLY A 534 34.02 -35.38 -12.51
C GLY A 534 34.99 -35.55 -11.38
N LEU A 535 34.60 -35.24 -10.13
CA LEU A 535 35.56 -35.26 -9.04
C LEU A 535 36.04 -36.67 -8.72
N GLN A 536 35.22 -37.69 -8.92
CA GLN A 536 35.65 -39.03 -8.57
C GLN A 536 36.91 -39.41 -9.34
N ASP A 537 36.90 -39.18 -10.65
CA ASP A 537 38.07 -39.46 -11.47
C ASP A 537 39.23 -38.54 -11.08
N PHE A 538 38.93 -37.30 -10.70
CA PHE A 538 39.98 -36.36 -10.33
C PHE A 538 40.63 -36.76 -9.01
N CYS A 539 39.84 -36.96 -7.95
CA CYS A 539 40.43 -37.38 -6.69
C CYS A 539 41.18 -38.70 -6.83
N ASN A 540 40.72 -39.57 -7.73
CA ASN A 540 41.39 -40.84 -7.95
C ASN A 540 42.84 -40.64 -8.40
N GLN A 541 43.16 -39.49 -8.99
CA GLN A 541 44.50 -39.21 -9.50
C GLN A 541 45.27 -38.22 -8.63
N CYS A 542 44.75 -37.86 -7.47
CA CYS A 542 45.32 -36.79 -6.66
C CYS A 542 45.54 -37.29 -5.24
N ARG A 543 46.63 -36.84 -4.62
CA ARG A 543 46.92 -37.21 -3.25
C ARG A 543 47.33 -36.02 -2.38
N LYS A 544 47.16 -34.79 -2.86
CA LYS A 544 47.76 -33.65 -2.18
C LYS A 544 47.29 -33.52 -0.73
N CYS A 545 45.98 -33.55 -0.51
CA CYS A 545 45.45 -33.46 0.85
C CYS A 545 46.03 -34.55 1.72
N ALA A 546 46.06 -35.78 1.22
CA ALA A 546 46.58 -36.89 2.01
C ALA A 546 48.05 -36.69 2.32
N ARG A 547 48.81 -36.20 1.36
CA ARG A 547 50.24 -35.99 1.55
C ARG A 547 50.51 -34.90 2.59
N GLU A 548 49.62 -33.93 2.72
CA GLU A 548 49.89 -32.74 3.52
C GLU A 548 49.20 -32.74 4.88
N CYS A 549 48.44 -33.79 5.20
CA CYS A 549 47.80 -33.87 6.51
C CYS A 549 48.84 -34.11 7.60
N PRO A 550 48.93 -33.25 8.62
CA PRO A 550 50.00 -33.42 9.63
C PRO A 550 49.95 -34.74 10.38
N CYS A 551 48.82 -35.44 10.43
CA CYS A 551 48.73 -36.69 11.17
C CYS A 551 48.34 -37.88 10.28
N ASN A 552 48.44 -37.73 8.96
CA ASN A 552 48.23 -38.85 8.03
C ASN A 552 46.82 -39.43 8.14
N ALA A 553 45.82 -38.60 8.42
CA ALA A 553 44.48 -39.14 8.62
C ALA A 553 43.70 -39.34 7.34
N ILE A 554 44.17 -38.81 6.22
CA ILE A 554 43.46 -38.92 4.95
C ILE A 554 43.98 -40.12 4.19
N SER A 555 43.07 -40.85 3.54
CA SER A 555 43.41 -42.11 2.92
C SER A 555 44.10 -41.91 1.58
N PHE A 556 45.12 -42.72 1.32
CA PHE A 556 45.80 -42.76 0.04
C PHE A 556 45.26 -43.84 -0.89
N GLY A 557 44.32 -44.66 -0.44
CA GLY A 557 43.85 -45.81 -1.17
C GLY A 557 42.52 -45.59 -1.86
N ASP A 558 41.86 -46.70 -2.17
CA ASP A 558 40.59 -46.67 -2.88
C ASP A 558 39.44 -46.31 -1.94
N LYS A 559 38.31 -45.92 -2.54
CA LYS A 559 37.09 -45.77 -1.75
C LYS A 559 36.67 -47.11 -1.17
N VAL A 560 36.02 -47.06 0.01
CA VAL A 560 35.49 -48.24 0.68
C VAL A 560 34.02 -48.02 0.96
N MET A 561 33.31 -49.12 1.22
CA MET A 561 31.96 -49.05 1.74
C MET A 561 31.99 -48.78 3.25
N PHE A 562 31.10 -47.91 3.71
CA PHE A 562 31.08 -47.50 5.10
C PHE A 562 29.65 -47.19 5.50
N ASN A 563 29.10 -47.97 6.43
CA ASN A 563 27.73 -47.80 6.91
C ASN A 563 26.75 -47.60 5.76
N GLY A 564 26.94 -48.38 4.69
CA GLY A 564 25.98 -48.41 3.60
C GLY A 564 26.18 -47.40 2.51
N TYR A 565 27.36 -46.79 2.40
CA TYR A 565 27.63 -45.88 1.30
C TYR A 565 29.11 -45.87 0.97
N GLU A 566 29.39 -45.46 -0.26
CA GLU A 566 30.75 -45.37 -0.78
C GLU A 566 31.40 -44.06 -0.35
N ILE A 567 32.65 -44.14 0.11
CA ILE A 567 33.33 -42.97 0.62
C ILE A 567 34.83 -43.25 0.71
N TRP A 568 35.63 -42.19 0.65
CA TRP A 568 36.99 -42.21 1.16
C TRP A 568 36.92 -41.94 2.66
N LYS A 569 37.20 -42.95 3.47
CA LYS A 569 37.07 -42.81 4.92
C LYS A 569 38.41 -42.37 5.50
N ALA A 570 38.45 -41.13 5.97
CA ALA A 570 39.59 -40.65 6.73
C ALA A 570 39.59 -41.29 8.11
N ASP A 571 40.75 -41.22 8.76
CA ASP A 571 40.89 -41.71 10.13
C ASP A 571 40.48 -40.59 11.07
N VAL A 572 39.22 -40.66 11.53
CA VAL A 572 38.67 -39.58 12.34
C VAL A 572 39.23 -39.57 13.75
N GLU A 573 39.83 -40.67 14.20
CA GLU A 573 40.48 -40.63 15.51
C GLU A 573 41.75 -39.80 15.47
N LYS A 574 42.60 -40.05 14.48
CA LYS A 574 43.84 -39.29 14.37
C LYS A 574 43.57 -37.81 14.13
N CYS A 575 42.61 -37.50 13.26
CA CYS A 575 42.29 -36.10 12.99
C CYS A 575 41.74 -35.42 14.24
N THR A 576 40.77 -36.05 14.91
CA THR A 576 40.24 -35.47 16.15
C THR A 576 41.36 -35.20 17.15
N LYS A 577 42.22 -36.20 17.36
CA LYS A 577 43.32 -36.03 18.32
C LYS A 577 44.21 -34.86 17.94
N TYR A 578 44.52 -34.71 16.65
CA TYR A 578 45.42 -33.64 16.24
C TYR A 578 44.75 -32.27 16.37
N ARG A 579 43.50 -32.17 15.95
CA ARG A 579 42.81 -30.87 15.99
C ARG A 579 42.59 -30.42 17.42
N VAL A 580 42.19 -31.32 18.31
CA VAL A 580 41.92 -30.92 19.68
C VAL A 580 43.21 -30.69 20.46
N THR A 581 44.30 -31.36 20.08
CA THR A 581 45.45 -31.53 20.96
C THR A 581 46.72 -30.82 20.51
N GLN A 582 46.95 -30.66 19.21
CA GLN A 582 48.19 -30.03 18.77
C GLN A 582 48.28 -28.63 19.35
N MET A 583 49.50 -28.24 19.74
CA MET A 583 49.72 -27.04 20.54
C MET A 583 50.43 -25.93 19.78
N LYS A 584 50.60 -26.06 18.47
CA LYS A 584 51.21 -25.01 17.65
C LYS A 584 50.17 -24.34 16.75
N GLY A 585 48.94 -24.25 17.24
CA GLY A 585 47.86 -23.64 16.50
C GLY A 585 46.55 -23.90 17.22
N SER A 586 45.47 -23.43 16.61
CA SER A 586 44.13 -23.71 17.14
C SER A 586 43.38 -24.56 16.13
N ALA A 587 43.32 -25.87 16.39
CA ALA A 587 42.67 -26.83 15.50
C ALA A 587 43.44 -26.95 14.19
N CYS A 588 42.77 -27.39 13.13
CA CYS A 588 43.42 -27.60 11.86
C CYS A 588 42.37 -27.64 10.76
N GLY A 589 42.80 -27.29 9.55
CA GLY A 589 42.00 -27.37 8.35
C GLY A 589 42.92 -27.38 7.15
N ARG A 590 44.14 -27.88 7.37
CA ARG A 590 45.19 -27.82 6.35
C ARG A 590 44.75 -28.49 5.06
N CYS A 591 43.93 -29.54 5.13
CA CYS A 591 43.55 -30.26 3.93
C CYS A 591 42.72 -29.38 2.99
N MET A 592 41.81 -28.56 3.53
CA MET A 592 41.11 -27.60 2.68
C MET A 592 42.09 -26.69 1.95
N LYS A 593 43.13 -26.23 2.65
CA LYS A 593 44.04 -25.26 2.07
C LYS A 593 44.87 -25.87 0.95
N MET A 594 45.27 -27.14 1.09
CA MET A 594 46.19 -27.74 0.13
C MET A 594 45.49 -28.24 -1.13
N CYS A 595 44.17 -28.34 -1.14
CA CYS A 595 43.49 -28.96 -2.26
C CYS A 595 43.62 -28.09 -3.51
N PRO A 596 43.90 -28.69 -4.67
CA PRO A 596 44.01 -27.89 -5.89
C PRO A 596 42.73 -27.13 -6.22
N TRP A 597 41.58 -27.63 -5.78
CA TRP A 597 40.32 -26.91 -6.00
C TRP A 597 40.19 -25.68 -5.12
N ASN A 598 41.05 -25.52 -4.14
CA ASN A 598 41.13 -24.29 -3.35
C ASN A 598 41.90 -23.26 -4.17
N ARG A 599 41.18 -22.41 -4.89
CA ARG A 599 41.77 -21.48 -5.85
C ARG A 599 41.26 -20.07 -5.65
N GLU A 600 42.01 -19.13 -6.21
CA GLU A 600 41.58 -17.74 -6.20
C GLU A 600 40.45 -17.52 -7.21
N ASP A 601 39.61 -16.52 -6.93
CA ASP A 601 38.46 -16.23 -7.77
C ASP A 601 38.85 -15.33 -8.94
N THR A 602 39.77 -15.83 -9.75
CA THR A 602 40.27 -15.10 -10.91
C THR A 602 39.81 -15.77 -12.20
N VAL A 603 40.02 -15.06 -13.31
CA VAL A 603 39.70 -15.64 -14.62
C VAL A 603 40.46 -16.95 -14.82
N GLU A 604 41.77 -16.94 -14.54
CA GLU A 604 42.53 -18.18 -14.73
C GLU A 604 42.16 -19.22 -13.68
N GLY A 605 41.76 -18.79 -12.49
CA GLY A 605 41.34 -19.75 -11.48
C GLY A 605 40.09 -20.51 -11.90
N ARG A 606 39.07 -19.79 -12.34
CA ARG A 606 37.87 -20.45 -12.85
C ARG A 606 38.21 -21.37 -14.01
N ARG A 607 39.09 -20.93 -14.91
CA ARG A 607 39.40 -21.72 -16.09
C ARG A 607 40.07 -23.04 -15.71
N LEU A 608 40.95 -23.01 -14.71
CA LEU A 608 41.53 -24.26 -14.24
C LEU A 608 40.46 -25.20 -13.68
N ALA A 609 39.42 -24.64 -13.04
CA ALA A 609 38.31 -25.48 -12.60
C ALA A 609 37.49 -25.95 -13.79
N GLU A 610 37.15 -25.04 -14.71
CA GLU A 610 36.45 -25.42 -15.93
C GLU A 610 37.15 -26.58 -16.62
N LEU A 611 38.46 -26.45 -16.83
CA LEU A 611 39.21 -27.51 -17.50
C LEU A 611 39.14 -28.81 -16.71
N SER A 612 39.30 -28.73 -15.39
CA SER A 612 39.22 -29.93 -14.57
C SER A 612 37.89 -30.66 -14.79
N ILE A 613 36.82 -29.91 -15.00
CA ILE A 613 35.50 -30.52 -15.10
C ILE A 613 35.25 -31.06 -16.51
N LYS A 614 35.57 -30.26 -17.52
CA LYS A 614 35.20 -30.58 -18.90
C LYS A 614 36.26 -31.38 -19.64
N VAL A 615 37.51 -31.36 -19.20
CA VAL A 615 38.58 -32.00 -19.97
C VAL A 615 39.27 -33.04 -19.10
N PRO A 616 38.78 -34.28 -19.07
CA PRO A 616 39.44 -35.29 -18.23
C PRO A 616 40.90 -35.51 -18.57
N GLU A 617 41.25 -35.39 -19.85
CA GLU A 617 42.63 -35.64 -20.26
C GLU A 617 43.61 -34.66 -19.64
N ALA A 618 43.13 -33.53 -19.11
CA ALA A 618 43.99 -32.51 -18.53
C ALA A 618 44.12 -32.60 -17.01
N ARG A 619 43.45 -33.57 -16.36
CA ARG A 619 43.43 -33.59 -14.91
C ARG A 619 44.79 -33.92 -14.33
N ALA A 620 45.42 -35.00 -14.80
CA ALA A 620 46.75 -35.36 -14.29
C ALA A 620 47.71 -34.18 -14.37
N ALA A 621 47.64 -33.41 -15.47
CA ALA A 621 48.52 -32.25 -15.63
C ALA A 621 48.23 -31.17 -14.61
N ILE A 622 46.95 -30.92 -14.34
CA ILE A 622 46.57 -29.90 -13.38
C ILE A 622 46.95 -30.32 -11.96
N ILE A 623 46.83 -31.62 -11.67
CA ILE A 623 47.23 -32.12 -10.36
C ILE A 623 48.74 -32.00 -10.18
N ALA A 624 49.51 -32.21 -11.24
CA ALA A 624 50.96 -32.11 -11.13
C ALA A 624 51.42 -30.66 -11.07
N MET A 625 50.93 -29.82 -11.98
CA MET A 625 51.35 -28.42 -11.98
C MET A 625 50.95 -27.70 -10.71
N ASP A 626 49.92 -28.18 -10.00
CA ASP A 626 49.56 -27.56 -8.74
C ASP A 626 50.72 -27.62 -7.75
N ASP A 627 51.50 -28.70 -7.77
CA ASP A 627 52.73 -28.77 -6.98
C ASP A 627 53.87 -28.02 -7.67
N ALA A 628 54.08 -28.30 -8.97
CA ALA A 628 55.18 -27.66 -9.69
C ALA A 628 55.13 -26.15 -9.54
N LEU A 629 53.94 -25.57 -9.45
CA LEU A 629 53.80 -24.14 -9.25
C LEU A 629 53.76 -23.76 -7.77
N GLN A 630 53.92 -24.73 -6.88
CA GLN A 630 54.00 -24.47 -5.45
C GLN A 630 52.70 -23.93 -4.87
N ASN A 631 51.57 -24.24 -5.51
CA ASN A 631 50.28 -23.91 -4.93
C ASN A 631 50.14 -24.59 -3.58
N GLY A 632 49.67 -23.83 -2.59
CA GLY A 632 49.64 -24.28 -1.23
C GLY A 632 50.75 -23.70 -0.37
N LYS A 633 51.78 -23.15 -0.99
CA LYS A 633 52.80 -22.41 -0.25
C LYS A 633 52.15 -21.29 0.53
N ARG A 634 52.72 -20.97 1.69
CA ARG A 634 52.17 -19.91 2.52
C ARG A 634 52.53 -18.56 1.95
N ASN A 635 51.53 -17.71 1.77
CA ASN A 635 51.68 -16.39 1.17
C ASN A 635 51.85 -15.41 2.32
N LEU A 636 53.09 -15.02 2.60
CA LEU A 636 53.34 -14.25 3.81
C LEU A 636 52.65 -12.89 3.79
N ILE A 637 52.24 -12.41 2.62
CA ILE A 637 51.56 -11.12 2.56
C ILE A 637 50.17 -11.20 3.18
N LYS A 638 49.55 -12.37 3.17
CA LYS A 638 48.19 -12.53 3.64
C LYS A 638 48.10 -12.85 5.13
N ARG A 639 49.22 -12.90 5.84
CA ARG A 639 49.21 -13.29 7.25
C ARG A 639 48.93 -12.05 8.10
N TRP A 640 47.64 -11.72 8.19
CA TRP A 640 47.22 -10.47 8.83
C TRP A 640 46.98 -10.59 10.33
N TRP A 641 46.88 -11.81 10.85
CA TRP A 641 46.46 -12.00 12.24
C TRP A 641 47.66 -12.03 13.19
N PHE A 642 47.36 -11.82 14.47
CA PHE A 642 48.34 -11.96 15.53
C PHE A 642 48.43 -13.40 15.99
N ASP A 643 49.62 -13.79 16.43
CA ASP A 643 49.83 -15.10 17.04
C ASP A 643 49.62 -14.96 18.54
N LEU A 644 48.41 -15.24 18.99
CA LEU A 644 48.04 -15.06 20.39
C LEU A 644 47.33 -16.31 20.87
N GLU A 645 47.86 -16.93 21.92
CA GLU A 645 47.21 -18.02 22.62
C GLU A 645 46.75 -17.54 23.98
N VAL A 646 45.47 -17.72 24.28
CA VAL A 646 44.94 -17.36 25.58
C VAL A 646 45.15 -18.53 26.53
N ILE A 647 45.87 -18.29 27.61
CA ILE A 647 46.12 -19.28 28.65
C ILE A 647 45.74 -18.67 29.99
N ASP A 648 44.83 -19.31 30.70
CA ASP A 648 44.36 -18.79 31.99
C ASP A 648 43.75 -17.41 31.85
N GLY A 649 43.00 -17.21 30.76
CA GLY A 649 42.28 -15.96 30.57
C GLY A 649 43.10 -14.79 30.08
N VAL A 650 44.39 -15.00 29.77
CA VAL A 650 45.26 -13.91 29.34
C VAL A 650 45.91 -14.28 28.02
N ALA A 651 45.76 -13.42 27.02
CA ALA A 651 46.43 -13.64 25.75
C ALA A 651 47.93 -13.47 25.89
N GLY A 652 48.68 -14.45 25.41
CA GLY A 652 50.13 -14.38 25.38
C GLY A 652 50.66 -14.92 24.07
N ALA A 653 51.98 -14.91 23.95
CA ALA A 653 52.60 -15.53 22.80
C ALA A 653 52.40 -17.04 22.84
N PRO A 654 52.27 -17.69 21.69
CA PRO A 654 52.12 -19.15 21.69
C PRO A 654 53.13 -19.83 22.58
N ARG A 655 52.65 -20.62 23.54
CA ARG A 655 53.55 -21.25 24.51
C ARG A 655 54.52 -22.21 23.82
N MET A 656 54.07 -22.89 22.77
CA MET A 656 54.83 -23.96 22.15
C MET A 656 55.30 -23.65 20.74
N GLY A 657 54.96 -22.49 20.20
CA GLY A 657 55.35 -22.14 18.86
C GLY A 657 54.15 -22.09 17.92
N THR A 658 54.46 -21.98 16.63
CA THR A 658 53.43 -21.76 15.62
C THR A 658 53.73 -22.62 14.39
N ASN A 659 52.72 -23.36 13.93
CA ASN A 659 52.89 -24.14 12.71
C ASN A 659 53.14 -23.22 11.53
N GLU A 660 54.15 -23.53 10.73
CA GLU A 660 54.45 -22.78 9.52
C GLU A 660 54.83 -23.78 8.43
N ARG A 661 53.88 -24.65 8.11
CA ARG A 661 54.15 -25.79 7.24
C ARG A 661 54.24 -25.37 5.78
N ASP A 662 55.08 -26.10 5.05
CA ASP A 662 55.30 -25.88 3.63
C ASP A 662 55.07 -27.18 2.89
N LEU A 663 54.99 -27.09 1.56
CA LEU A 663 54.74 -28.27 0.74
C LEU A 663 55.62 -29.43 1.19
N SER A 664 55.03 -30.63 1.25
CA SER A 664 55.71 -31.83 1.71
C SER A 664 56.08 -32.71 0.53
N PRO A 665 57.09 -33.55 0.68
CA PRO A 665 57.48 -34.45 -0.41
C PRO A 665 56.60 -35.68 -0.47
N ASP A 666 56.73 -36.43 -1.56
CA ASP A 666 55.94 -37.63 -1.75
C ASP A 666 56.18 -38.65 -0.64
N ARG A 667 55.11 -39.32 -0.25
CA ARG A 667 55.24 -40.61 0.40
C ARG A 667 55.61 -41.66 -0.67
N GLY A 668 55.77 -42.90 -0.23
CA GLY A 668 56.10 -43.96 -1.18
C GLY A 668 55.10 -44.07 -2.32
N ASP A 669 55.53 -44.72 -3.41
CA ASP A 669 54.57 -45.13 -4.43
C ASP A 669 53.71 -46.30 -3.96
N LYS A 670 53.99 -46.84 -2.76
CA LYS A 670 53.25 -47.96 -2.20
C LYS A 670 52.39 -47.56 -1.00
N ILE A 671 52.23 -46.26 -0.76
CA ILE A 671 51.60 -45.82 0.49
C ILE A 671 50.14 -46.21 0.53
N GLY A 672 49.46 -46.22 -0.61
CA GLY A 672 48.07 -46.64 -0.63
C GLY A 672 47.87 -48.08 -0.21
N ALA A 673 48.87 -48.93 -0.45
CA ALA A 673 48.79 -50.31 0.01
C ALA A 673 49.21 -50.47 1.46
N ASN A 674 50.14 -49.63 1.93
CA ASN A 674 50.72 -49.78 3.25
C ASN A 674 49.97 -49.02 4.33
N GLN A 675 49.52 -47.80 4.03
CA GLN A 675 48.78 -47.03 5.03
C GLN A 675 47.59 -47.83 5.53
N LYS A 676 47.43 -47.86 6.85
CA LYS A 676 46.32 -48.56 7.49
C LYS A 676 45.63 -47.60 8.44
N LEU A 677 44.37 -47.29 8.15
CA LEU A 677 43.59 -46.36 8.95
C LEU A 677 42.49 -47.10 9.70
N ALA A 678 41.98 -46.47 10.75
CA ALA A 678 40.87 -47.00 11.52
C ALA A 678 39.56 -46.32 11.12
N MET A 679 38.51 -47.11 10.97
CA MET A 679 37.18 -46.59 10.70
C MET A 679 36.25 -47.00 11.83
N TYR A 680 35.19 -46.23 12.02
CA TYR A 680 34.27 -46.40 13.15
C TYR A 680 32.84 -46.29 12.66
N PRO A 681 32.38 -47.30 11.92
CA PRO A 681 30.96 -47.36 11.60
C PRO A 681 30.15 -47.64 12.84
N PRO A 682 28.82 -47.56 12.78
CA PRO A 682 28.01 -47.72 13.98
C PRO A 682 28.44 -48.87 14.88
N ARG A 683 28.94 -49.95 14.28
CA ARG A 683 29.30 -51.13 15.06
C ARG A 683 30.37 -50.80 16.09
N LEU A 684 31.27 -49.87 15.78
CA LEU A 684 32.36 -49.48 16.66
C LEU A 684 32.12 -48.13 17.32
N GLN A 685 30.87 -47.69 17.35
CA GLN A 685 30.45 -46.42 17.95
C GLN A 685 29.70 -46.66 19.25
N PRO A 686 29.51 -45.62 20.06
CA PRO A 686 28.59 -45.73 21.18
C PRO A 686 27.18 -45.97 20.66
N PRO A 687 26.50 -46.99 21.17
CA PRO A 687 25.19 -47.33 20.62
C PRO A 687 24.18 -46.20 20.83
N PRO A 688 23.13 -46.15 20.02
CA PRO A 688 22.05 -45.20 20.27
C PRO A 688 21.59 -45.26 21.72
N GLY A 689 21.38 -44.09 22.31
CA GLY A 689 20.98 -43.97 23.69
C GLY A 689 22.10 -43.66 24.64
N THR A 690 23.35 -43.86 24.23
CA THR A 690 24.49 -43.57 25.09
C THR A 690 24.65 -42.06 25.25
N THR A 691 25.03 -41.64 26.45
CA THR A 691 25.18 -40.23 26.77
C THR A 691 26.63 -39.90 27.10
N LEU A 692 26.91 -38.60 27.26
CA LEU A 692 28.25 -38.17 27.61
C LEU A 692 28.71 -38.73 28.95
N ASP A 693 27.79 -39.15 29.81
CA ASP A 693 28.18 -39.63 31.12
C ASP A 693 28.78 -41.04 31.09
N ALA A 694 28.67 -41.73 29.97
CA ALA A 694 29.34 -43.01 29.78
C ALA A 694 30.62 -42.81 28.98
N VAL A 695 31.58 -43.69 29.19
CA VAL A 695 32.87 -43.65 28.50
C VAL A 695 33.02 -44.95 27.71
N LEU A 696 33.46 -44.81 26.46
CA LEU A 696 33.67 -45.96 25.58
C LEU A 696 35.02 -45.78 24.89
N PRO A 697 36.09 -46.25 25.51
CA PRO A 697 37.43 -46.04 24.92
C PRO A 697 37.48 -46.51 23.48
N VAL A 698 37.95 -45.62 22.59
CA VAL A 698 37.97 -45.91 21.16
C VAL A 698 38.71 -47.21 20.92
N ASP A 699 38.06 -48.14 20.25
CA ASP A 699 38.65 -49.45 19.94
C ASP A 699 39.42 -49.33 18.63
N ARG A 700 40.66 -48.85 18.74
CA ARG A 700 41.44 -48.59 17.54
C ARG A 700 41.82 -49.89 16.83
N SER A 701 42.29 -50.89 17.58
CA SER A 701 42.64 -52.15 16.93
C SER A 701 41.45 -52.73 16.19
N GLY A 702 40.24 -52.54 16.73
CA GLY A 702 39.05 -53.00 16.03
C GLY A 702 38.73 -52.13 14.82
N GLY A 703 39.01 -50.83 14.93
CA GLY A 703 38.82 -49.94 13.79
C GLY A 703 39.80 -50.22 12.67
N LEU A 704 41.02 -50.65 13.01
CA LEU A 704 41.98 -51.04 11.99
C LEU A 704 41.51 -52.30 11.28
N ALA A 705 41.10 -53.31 12.04
CA ALA A 705 40.57 -54.55 11.46
C ALA A 705 39.33 -54.27 10.64
N GLU A 706 38.42 -53.47 11.16
CA GLU A 706 37.21 -53.11 10.43
C GLU A 706 37.57 -52.58 9.05
N TYR A 707 38.45 -51.57 9.01
CA TYR A 707 38.83 -50.97 7.74
C TYR A 707 39.36 -52.01 6.77
N ALA A 708 40.18 -52.94 7.26
CA ALA A 708 40.71 -53.99 6.39
C ALA A 708 39.60 -54.86 5.81
N ALA A 709 38.46 -54.98 6.50
CA ALA A 709 37.37 -55.85 6.07
C ALA A 709 36.29 -55.12 5.29
N ALA A 710 36.39 -53.81 5.11
CA ALA A 710 35.35 -53.06 4.42
C ALA A 710 35.14 -53.57 3.01
N GLU A 711 33.88 -53.78 2.64
CA GLU A 711 33.53 -54.15 1.28
C GLU A 711 34.00 -53.08 0.30
N THR A 712 34.48 -53.52 -0.86
CA THR A 712 34.82 -52.53 -1.87
C THR A 712 33.57 -52.13 -2.66
N PRO A 713 33.46 -50.87 -3.05
CA PRO A 713 32.27 -50.44 -3.81
C PRO A 713 31.97 -51.34 -4.98
N ALA A 714 32.99 -51.91 -5.63
CA ALA A 714 32.74 -52.83 -6.74
C ALA A 714 31.97 -54.06 -6.26
N ALA A 715 32.41 -54.66 -5.15
CA ALA A 715 31.71 -55.83 -4.63
C ALA A 715 30.29 -55.49 -4.21
N ALA A 716 30.07 -54.30 -3.65
CA ALA A 716 28.73 -53.93 -3.24
C ALA A 716 27.80 -53.82 -4.44
N ARG A 717 28.29 -53.25 -5.54
CA ARG A 717 27.45 -53.16 -6.74
C ARG A 717 27.13 -54.55 -7.28
N ALA A 718 28.12 -55.45 -7.30
CA ALA A 718 27.84 -56.83 -7.68
C ALA A 718 26.78 -57.44 -6.76
N ARG A 719 26.91 -57.21 -5.45
CA ARG A 719 25.99 -57.82 -4.49
C ARG A 719 24.59 -57.24 -4.60
N LEU A 720 24.48 -55.92 -4.76
CA LEU A 720 23.15 -55.33 -4.93
C LEU A 720 22.51 -55.81 -6.23
N LYS A 721 23.31 -55.89 -7.31
CA LYS A 721 22.77 -56.30 -8.60
C LYS A 721 22.11 -57.68 -8.51
N SER A 722 22.66 -58.58 -7.71
CA SER A 722 22.13 -59.93 -7.62
C SER A 722 20.81 -60.00 -6.88
N SER A 723 20.29 -58.89 -6.38
CA SER A 723 18.94 -58.80 -5.84
C SER A 723 18.07 -57.82 -6.63
N ALA A 724 18.59 -57.25 -7.71
CA ALA A 724 17.85 -56.30 -8.52
C ALA A 724 16.71 -56.98 -9.25
N GLN B 25 -17.73 0.21 -0.46
CA GLN B 25 -17.93 0.03 -1.90
C GLN B 25 -18.07 1.39 -2.57
N ILE B 26 -19.28 1.68 -3.03
CA ILE B 26 -19.59 2.95 -3.69
C ILE B 26 -21.07 3.26 -3.52
N SER B 27 -21.63 2.88 -2.37
CA SER B 27 -23.05 3.04 -2.11
C SER B 27 -23.37 4.14 -1.10
N MET B 28 -22.37 4.67 -0.39
CA MET B 28 -22.65 5.75 0.54
C MET B 28 -23.20 6.97 -0.21
N ARG B 29 -23.87 7.84 0.54
CA ARG B 29 -24.60 8.94 -0.07
C ARG B 29 -23.65 9.93 -0.72
N LEU B 30 -24.13 10.58 -1.78
CA LEU B 30 -23.41 11.65 -2.44
C LEU B 30 -23.71 13.01 -1.83
N TYR B 31 -24.90 13.21 -1.26
CA TYR B 31 -25.34 14.52 -0.83
C TYR B 31 -25.59 14.53 0.66
N SER B 32 -25.21 15.63 1.31
CA SER B 32 -25.33 15.73 2.76
C SER B 32 -26.79 15.91 3.16
N ASN B 33 -27.18 15.31 4.27
CA ASN B 33 -28.47 15.55 4.87
C ASN B 33 -28.43 16.63 5.94
N ARG B 34 -27.42 17.50 5.91
CA ARG B 34 -27.21 18.45 7.00
C ARG B 34 -28.32 19.49 7.08
N ASP B 35 -29.04 19.74 6.00
CA ASP B 35 -30.17 20.66 6.01
C ASP B 35 -31.51 19.95 6.12
N ARG B 36 -31.51 18.64 6.35
CA ARG B 36 -32.72 17.84 6.45
C ARG B 36 -33.08 17.64 7.91
N PRO B 37 -34.22 18.12 8.37
CA PRO B 37 -34.62 17.88 9.77
C PRO B 37 -34.85 16.40 10.02
N ASN B 38 -34.61 15.96 11.26
CA ASN B 38 -34.59 14.53 11.53
C ASN B 38 -35.94 13.88 11.33
N HIS B 39 -37.03 14.63 11.48
CA HIS B 39 -38.34 14.01 11.37
C HIS B 39 -38.69 13.58 9.96
N LEU B 40 -37.90 13.98 8.96
CA LEU B 40 -38.14 13.51 7.61
C LEU B 40 -37.60 12.12 7.35
N GLY B 41 -36.72 11.62 8.23
CA GLY B 41 -36.20 10.29 8.11
C GLY B 41 -35.18 10.15 7.00
N PRO B 42 -34.60 8.96 6.88
CA PRO B 42 -33.59 8.73 5.83
C PRO B 42 -34.19 8.44 4.46
N LEU B 43 -35.50 8.27 4.35
CA LEU B 43 -36.15 8.01 3.08
C LEU B 43 -36.88 9.26 2.60
N ALA B 44 -36.94 9.43 1.28
CA ALA B 44 -37.60 10.58 0.66
C ALA B 44 -39.10 10.36 0.59
N LEU B 45 -39.71 10.26 1.78
CA LEU B 45 -41.15 10.01 1.85
C LEU B 45 -41.95 11.18 1.35
N GLU B 46 -41.44 12.41 1.50
CA GLU B 46 -42.17 13.59 1.04
C GLU B 46 -42.21 13.71 -0.48
N ARG B 47 -41.53 12.84 -1.21
CA ARG B 47 -41.55 12.87 -2.66
C ARG B 47 -42.49 11.83 -3.26
N LEU B 48 -43.17 11.05 -2.43
CA LEU B 48 -44.13 10.05 -2.91
C LEU B 48 -45.50 10.70 -3.12
N ALA B 49 -46.23 10.18 -4.10
CA ALA B 49 -47.56 10.70 -4.39
C ALA B 49 -48.53 10.33 -3.28
N ARG B 50 -49.35 11.29 -2.85
CA ARG B 50 -50.27 11.08 -1.73
C ARG B 50 -51.62 11.69 -2.04
N VAL B 51 -52.64 11.26 -1.28
CA VAL B 51 -53.98 11.83 -1.34
C VAL B 51 -54.47 12.02 0.09
N ASP B 52 -55.60 12.74 0.22
CA ASP B 52 -56.07 13.12 1.54
C ASP B 52 -56.60 11.92 2.32
N ASP B 53 -57.31 11.00 1.66
CA ASP B 53 -57.84 9.80 2.29
C ASP B 53 -57.74 8.64 1.31
N VAL B 54 -57.93 7.43 1.82
CA VAL B 54 -58.12 6.26 0.97
C VAL B 54 -59.11 5.33 1.65
N VAL B 55 -59.79 4.51 0.84
CA VAL B 55 -60.78 3.59 1.37
C VAL B 55 -60.07 2.41 2.03
N ALA B 56 -60.49 2.07 3.24
CA ALA B 56 -59.91 0.94 3.94
C ALA B 56 -60.27 -0.37 3.23
N GLN B 57 -59.37 -1.34 3.33
CA GLN B 57 -59.59 -2.68 2.78
C GLN B 57 -58.76 -3.67 3.55
N PRO B 58 -59.17 -4.94 3.59
CA PRO B 58 -58.44 -5.93 4.40
C PRO B 58 -57.00 -6.05 3.94
N ALA B 59 -56.12 -6.39 4.89
CA ALA B 59 -54.69 -6.48 4.60
C ALA B 59 -53.96 -7.03 5.81
N ARG B 60 -52.89 -7.78 5.54
CA ARG B 60 -52.03 -8.33 6.58
C ARG B 60 -50.60 -7.84 6.39
N GLN B 61 -49.83 -7.87 7.47
CA GLN B 61 -48.40 -7.56 7.39
C GLN B 61 -47.66 -8.64 6.61
N PRO B 62 -46.48 -8.31 6.08
CA PRO B 62 -45.64 -9.34 5.47
C PRO B 62 -45.22 -10.40 6.48
N GLU B 63 -44.92 -11.58 5.97
CA GLU B 63 -44.46 -12.72 6.77
C GLU B 63 -43.22 -13.30 6.11
N ASP B 64 -42.56 -14.21 6.83
CA ASP B 64 -41.43 -14.91 6.23
C ASP B 64 -41.91 -15.82 5.12
N GLY B 65 -41.06 -16.02 4.12
CA GLY B 65 -41.36 -16.99 3.08
C GLY B 65 -41.29 -18.41 3.58
N PHE B 66 -40.26 -18.74 4.36
CA PHE B 66 -40.00 -20.10 4.82
C PHE B 66 -40.23 -20.21 6.33
N ALA B 67 -40.43 -21.45 6.78
CA ALA B 67 -40.65 -21.73 8.19
C ALA B 67 -39.32 -21.94 8.91
N ALA B 68 -39.35 -21.69 10.22
CA ALA B 68 -38.13 -21.70 11.04
C ALA B 68 -37.97 -23.04 11.73
N SER B 69 -36.77 -23.61 11.65
CA SER B 69 -36.48 -24.88 12.28
C SER B 69 -36.40 -24.75 13.80
N GLU B 70 -36.28 -25.88 14.48
CA GLU B 70 -35.97 -25.88 15.91
C GLU B 70 -34.49 -25.62 16.18
N ASP B 71 -33.70 -25.39 15.13
CA ASP B 71 -32.32 -24.92 15.27
C ASP B 71 -32.24 -23.40 15.25
N SER B 72 -33.35 -22.70 15.36
CA SER B 72 -33.39 -21.30 14.96
C SER B 72 -33.55 -20.37 16.16
N LEU B 73 -33.38 -19.09 15.85
CA LEU B 73 -33.41 -17.96 16.77
C LEU B 73 -34.80 -17.66 17.31
N LEU B 74 -35.84 -18.31 16.76
CA LEU B 74 -37.22 -17.87 16.96
C LEU B 74 -37.55 -17.67 18.44
N GLY B 75 -37.38 -18.73 19.24
CA GLY B 75 -37.81 -18.65 20.63
C GLY B 75 -37.19 -17.50 21.38
N ASP B 76 -35.99 -17.07 20.99
CA ASP B 76 -35.29 -16.02 21.72
C ASP B 76 -35.83 -14.65 21.38
N VAL B 77 -36.07 -14.38 20.10
CA VAL B 77 -36.66 -13.09 19.74
C VAL B 77 -38.10 -13.00 20.23
N GLU B 78 -38.80 -14.14 20.30
CA GLU B 78 -40.13 -14.13 20.89
C GLU B 78 -40.07 -13.86 22.39
N GLU B 79 -39.04 -14.37 23.06
CA GLU B 79 -38.93 -14.15 24.50
C GLU B 79 -38.69 -12.68 24.81
N TYR B 80 -37.84 -12.00 24.02
CA TYR B 80 -37.60 -10.58 24.25
C TYR B 80 -38.78 -9.73 23.81
N ALA B 81 -39.53 -10.18 22.80
CA ALA B 81 -40.78 -9.49 22.46
C ALA B 81 -41.78 -9.58 23.59
N ARG B 82 -41.91 -10.76 24.21
CA ARG B 82 -42.78 -10.89 25.37
C ARG B 82 -42.35 -9.97 26.50
N LEU B 83 -41.04 -9.81 26.71
CA LEU B 83 -40.55 -8.93 27.78
C LEU B 83 -40.84 -7.47 27.46
N PHE B 84 -40.59 -7.05 26.22
CA PHE B 84 -40.91 -5.67 25.86
C PHE B 84 -42.41 -5.42 25.93
N THR B 85 -43.22 -6.46 25.72
CA THR B 85 -44.66 -6.29 25.81
C THR B 85 -45.09 -5.67 27.13
N ARG B 86 -44.42 -6.02 28.24
CA ARG B 86 -44.95 -5.54 29.51
C ARG B 86 -44.77 -4.05 29.70
N PHE B 87 -44.13 -3.35 28.76
CA PHE B 87 -43.93 -1.91 28.89
C PHE B 87 -44.63 -1.14 27.78
N LEU B 88 -45.55 -1.79 27.05
CA LEU B 88 -46.42 -1.09 26.12
C LEU B 88 -47.40 -0.17 26.85
N ASP B 89 -47.56 -0.38 28.16
CA ASP B 89 -48.41 0.47 28.98
C ASP B 89 -47.75 0.62 30.34
N GLY B 90 -48.05 1.72 31.01
CA GLY B 90 -47.46 1.99 32.31
C GLY B 90 -48.09 3.21 32.96
N PRO B 91 -47.61 3.56 34.14
CA PRO B 91 -48.14 4.74 34.82
C PRO B 91 -47.91 6.00 34.02
N VAL B 92 -48.82 6.95 34.16
CA VAL B 92 -48.74 8.24 33.47
C VAL B 92 -48.26 9.28 34.48
N ALA B 93 -47.13 9.92 34.16
CA ALA B 93 -46.61 10.97 35.01
C ALA B 93 -47.58 12.15 35.03
N PRO B 94 -47.49 13.00 36.06
CA PRO B 94 -48.30 14.22 36.08
C PRO B 94 -47.92 15.13 34.91
N LEU B 95 -48.87 15.98 34.53
CA LEU B 95 -48.68 16.89 33.41
C LEU B 95 -48.09 18.21 33.91
N GLY B 96 -46.87 18.52 33.46
CA GLY B 96 -46.24 19.78 33.76
C GLY B 96 -46.65 20.84 32.77
N ASP B 97 -45.89 21.94 32.76
CA ASP B 97 -46.22 23.09 31.92
C ASP B 97 -45.15 23.33 30.86
N ALA B 98 -44.47 22.29 30.41
CA ALA B 98 -43.34 22.45 29.51
C ALA B 98 -43.51 21.72 28.18
N ILE B 99 -44.66 21.11 27.93
CA ILE B 99 -44.88 20.32 26.71
C ILE B 99 -45.40 21.26 25.62
N PRO B 100 -44.75 21.34 24.47
CA PRO B 100 -45.26 22.20 23.39
C PRO B 100 -46.72 21.90 23.08
N ASP B 101 -47.45 22.94 22.65
CA ASP B 101 -48.84 22.78 22.25
C ASP B 101 -48.97 22.34 20.81
N ASP B 102 -48.14 22.90 19.93
CA ASP B 102 -48.27 22.76 18.49
C ASP B 102 -48.32 21.29 18.08
N PRO B 103 -49.46 20.82 17.56
CA PRO B 103 -49.51 19.44 17.06
C PRO B 103 -48.47 19.18 15.97
N ALA B 104 -48.17 20.18 15.14
CA ALA B 104 -47.11 20.04 14.16
C ALA B 104 -45.77 19.78 14.83
N ARG B 105 -45.43 20.60 15.83
CA ARG B 105 -44.16 20.42 16.51
C ARG B 105 -44.14 19.13 17.33
N ARG B 106 -45.31 18.69 17.80
CA ARG B 106 -45.38 17.39 18.46
C ARG B 106 -45.14 16.25 17.49
N ALA B 107 -45.81 16.29 16.33
CA ALA B 107 -45.60 15.27 15.31
C ALA B 107 -44.13 15.20 14.91
N GLU B 108 -43.54 16.34 14.57
CA GLU B 108 -42.12 16.36 14.21
C GLU B 108 -41.27 15.71 15.30
N ASN B 109 -41.45 16.15 16.55
CA ASN B 109 -40.62 15.62 17.63
C ASN B 109 -40.87 14.14 17.86
N LEU B 110 -42.10 13.67 17.67
CA LEU B 110 -42.38 12.25 17.90
C LEU B 110 -41.90 11.40 16.74
N LYS B 111 -42.00 11.91 15.51
CA LYS B 111 -41.41 11.21 14.37
C LYS B 111 -39.91 11.09 14.51
N ALA B 112 -39.23 12.22 14.77
CA ALA B 112 -37.79 12.21 14.93
C ALA B 112 -37.36 11.26 16.04
N SER B 113 -38.15 11.18 17.12
CA SER B 113 -37.88 10.21 18.17
C SER B 113 -37.89 8.79 17.61
N ALA B 114 -38.87 8.47 16.77
CA ALA B 114 -38.98 7.11 16.26
C ALA B 114 -37.84 6.77 15.30
N TYR B 115 -37.41 7.74 14.47
CA TYR B 115 -36.27 7.49 13.59
C TYR B 115 -34.99 7.33 14.39
N PHE B 116 -34.82 8.13 15.44
CA PHE B 116 -33.67 7.99 16.34
C PHE B 116 -33.57 6.57 16.88
N LEU B 117 -34.70 5.90 17.06
CA LEU B 117 -34.73 4.53 17.53
C LEU B 117 -34.70 3.53 16.38
N ASP B 118 -34.52 4.01 15.15
CA ASP B 118 -34.28 3.19 13.96
C ASP B 118 -35.55 2.59 13.36
N ALA B 119 -36.71 3.21 13.59
CA ALA B 119 -37.84 2.95 12.72
C ALA B 119 -37.44 3.23 11.28
N SER B 120 -37.85 2.36 10.36
CA SER B 120 -37.51 2.57 8.96
C SER B 120 -38.39 3.63 8.32
N MET B 121 -39.59 3.82 8.84
CA MET B 121 -40.59 4.68 8.20
C MET B 121 -41.64 5.02 9.25
N VAL B 122 -42.08 6.28 9.27
CA VAL B 122 -42.97 6.75 10.33
C VAL B 122 -44.08 7.60 9.72
N GLY B 123 -45.24 7.56 10.39
CA GLY B 123 -46.41 8.32 9.95
C GLY B 123 -47.41 8.43 11.08
N ILE B 124 -48.27 9.43 10.98
CA ILE B 124 -49.27 9.71 12.00
C ILE B 124 -50.65 9.81 11.35
N CYS B 125 -51.67 9.34 12.06
CA CYS B 125 -53.03 9.45 11.56
C CYS B 125 -54.00 9.53 12.73
N ARG B 126 -55.24 9.94 12.42
CA ARG B 126 -56.29 10.04 13.42
C ARG B 126 -56.91 8.68 13.72
N LEU B 127 -57.30 8.49 14.97
CA LEU B 127 -57.95 7.26 15.38
C LEU B 127 -59.46 7.36 15.24
N ASP B 128 -60.09 6.23 14.88
CA ASP B 128 -61.51 6.12 14.61
C ASP B 128 -62.29 5.77 15.87
N PRO B 129 -63.59 6.07 15.89
CA PRO B 129 -64.47 5.41 16.87
C PRO B 129 -64.35 3.90 16.79
N ASP B 130 -64.27 3.36 15.57
CA ASP B 130 -64.03 1.93 15.40
C ASP B 130 -62.75 1.51 16.12
N ASP B 131 -61.73 2.36 16.10
CA ASP B 131 -60.47 2.00 16.77
C ASP B 131 -60.61 2.08 18.28
N ARG B 132 -61.35 3.08 18.79
CA ARG B 132 -61.61 3.20 20.22
C ARG B 132 -62.65 2.21 20.73
N ALA B 133 -63.34 1.51 19.82
CA ALA B 133 -64.44 0.63 20.22
C ALA B 133 -63.96 -0.57 21.03
N GLY B 134 -62.76 -1.08 20.73
CA GLY B 134 -62.22 -2.25 21.39
C GLY B 134 -61.51 -1.91 22.69
N ASP B 135 -60.50 -2.72 23.01
CA ASP B 135 -59.76 -2.54 24.26
C ASP B 135 -59.04 -1.20 24.32
N CYS B 136 -58.78 -0.57 23.17
CA CYS B 136 -58.04 0.68 23.17
C CYS B 136 -58.70 1.69 24.09
N ASP B 137 -57.87 2.40 24.84
CA ASP B 137 -58.33 3.48 25.71
C ASP B 137 -59.21 4.44 24.90
N PRO B 138 -60.45 4.68 25.31
CA PRO B 138 -61.35 5.52 24.50
C PRO B 138 -60.90 6.97 24.38
N SER B 139 -59.94 7.41 25.18
CA SER B 139 -59.46 8.79 25.04
C SER B 139 -58.38 8.93 23.97
N HIS B 140 -58.01 7.85 23.29
CA HIS B 140 -56.93 7.90 22.32
C HIS B 140 -57.47 8.41 20.98
N THR B 141 -56.85 9.48 20.48
CA THR B 141 -57.33 10.14 19.27
C THR B 141 -56.32 10.13 18.13
N HIS B 142 -55.08 9.72 18.38
CA HIS B 142 -54.06 9.72 17.34
C HIS B 142 -53.19 8.46 17.47
N ALA B 143 -52.57 8.11 16.36
CA ALA B 143 -51.69 6.96 16.30
C ALA B 143 -50.37 7.36 15.65
N LEU B 144 -49.27 7.03 16.32
CA LEU B 144 -47.95 7.04 15.68
C LEU B 144 -47.70 5.65 15.12
N VAL B 145 -47.62 5.57 13.80
CA VAL B 145 -47.42 4.30 13.11
C VAL B 145 -46.01 4.29 12.53
N PHE B 146 -45.28 3.20 12.78
CA PHE B 146 -43.94 3.07 12.23
C PHE B 146 -43.74 1.65 11.71
N ALA B 147 -42.84 1.52 10.75
CA ALA B 147 -42.48 0.24 10.17
C ALA B 147 -40.98 -0.01 10.34
N VAL B 148 -40.64 -1.27 10.58
CA VAL B 148 -39.25 -1.72 10.64
C VAL B 148 -39.05 -2.76 9.55
N GLN B 149 -38.08 -2.51 8.68
CA GLN B 149 -37.84 -3.44 7.58
C GLN B 149 -37.24 -4.74 8.09
N PHE B 150 -37.60 -5.85 7.44
CA PHE B 150 -36.94 -7.11 7.70
C PHE B 150 -35.43 -6.93 7.59
N GLY B 151 -34.69 -7.69 8.40
CA GLY B 151 -33.26 -7.70 8.27
C GLY B 151 -32.80 -8.53 7.09
N ARG B 152 -31.62 -8.19 6.57
CA ARG B 152 -30.99 -9.07 5.60
C ARG B 152 -30.74 -10.44 6.22
N GLU B 153 -30.78 -11.46 5.37
CA GLU B 153 -30.51 -12.81 5.86
C GLU B 153 -29.35 -13.43 5.08
N PRO B 154 -28.64 -14.36 5.69
CA PRO B 154 -27.57 -15.05 4.96
C PRO B 154 -28.15 -15.81 3.78
N GLU B 155 -27.39 -15.83 2.68
CA GLU B 155 -27.78 -16.61 1.53
C GLU B 155 -27.73 -18.10 1.86
N ALA B 156 -28.43 -18.91 1.07
CA ALA B 156 -28.38 -20.34 1.25
C ALA B 156 -26.94 -20.83 1.20
N GLY B 157 -26.58 -21.70 2.14
CA GLY B 157 -25.24 -22.23 2.21
C GLY B 157 -24.25 -21.40 3.01
N GLU B 158 -24.61 -20.18 3.40
CA GLU B 158 -23.74 -19.35 4.22
C GLU B 158 -23.82 -19.77 5.67
N ALA B 159 -22.82 -19.36 6.46
CA ALA B 159 -22.83 -19.65 7.87
C ALA B 159 -24.01 -18.95 8.55
N GLY B 160 -24.82 -19.72 9.27
CA GLY B 160 -25.89 -19.17 10.07
C GLY B 160 -27.23 -19.07 9.39
N ALA B 161 -27.34 -19.44 8.11
CA ALA B 161 -28.62 -19.35 7.41
C ALA B 161 -29.72 -20.07 8.17
N GLU B 162 -29.44 -21.29 8.64
CA GLU B 162 -30.47 -22.03 9.36
C GLU B 162 -30.72 -21.47 10.75
N TRP B 163 -29.81 -20.64 11.27
CA TRP B 163 -30.07 -19.92 12.51
C TRP B 163 -31.20 -18.91 12.32
N ILE B 164 -31.26 -18.30 11.15
CA ILE B 164 -32.01 -17.08 10.92
C ILE B 164 -33.25 -17.32 10.07
N ARG B 165 -33.17 -18.25 9.11
CA ARG B 165 -34.27 -18.53 8.19
C ARG B 165 -35.61 -18.59 8.91
N GLY B 166 -36.56 -17.78 8.43
CA GLY B 166 -37.91 -17.85 8.96
C GLY B 166 -38.13 -17.19 10.30
N THR B 167 -37.23 -16.30 10.72
CA THR B 167 -37.36 -15.60 11.98
C THR B 167 -37.55 -14.10 11.80
N ASN B 168 -37.68 -13.63 10.55
CA ASN B 168 -37.65 -12.19 10.31
C ASN B 168 -38.89 -11.50 10.87
N ALA B 169 -40.06 -12.10 10.70
CA ALA B 169 -41.26 -11.50 11.27
C ALA B 169 -41.15 -11.36 12.78
N ALA B 170 -40.75 -12.44 13.45
CA ALA B 170 -40.60 -12.39 14.91
C ALA B 170 -39.45 -11.47 15.31
N ARG B 171 -38.31 -11.61 14.63
CA ARG B 171 -37.19 -10.70 14.86
C ARG B 171 -37.64 -9.24 14.72
N THR B 172 -38.40 -8.94 13.67
CA THR B 172 -38.82 -7.56 13.43
C THR B 172 -39.93 -7.14 14.37
N ASP B 173 -40.81 -8.06 14.76
CA ASP B 173 -41.81 -7.73 15.78
C ASP B 173 -41.14 -7.36 17.10
N MET B 174 -40.04 -8.03 17.44
CA MET B 174 -39.29 -7.69 18.64
C MET B 174 -38.85 -6.23 18.60
N ARG B 175 -38.22 -5.83 17.48
CA ARG B 175 -37.80 -4.45 17.33
C ARG B 175 -38.98 -3.49 17.45
N CYS B 176 -40.14 -3.88 16.90
CA CYS B 176 -41.31 -3.02 16.93
C CYS B 176 -41.83 -2.87 18.35
N ALA B 177 -41.99 -3.99 19.06
CA ALA B 177 -42.39 -3.94 20.46
C ALA B 177 -41.46 -3.03 21.26
N GLU B 178 -40.16 -3.15 21.03
CA GLU B 178 -39.20 -2.30 21.73
C GLU B 178 -39.50 -0.83 21.50
N ILE B 179 -39.64 -0.44 20.23
CA ILE B 179 -39.83 0.97 19.91
C ILE B 179 -41.16 1.48 20.43
N ALA B 180 -42.22 0.68 20.26
CA ALA B 180 -43.53 1.08 20.76
C ALA B 180 -43.52 1.21 22.27
N ALA B 181 -42.76 0.36 22.96
CA ALA B 181 -42.63 0.45 24.41
C ALA B 181 -41.90 1.74 24.81
N ILE B 182 -40.80 2.05 24.13
CA ILE B 182 -40.02 3.23 24.50
C ILE B 182 -40.79 4.50 24.19
N LEU B 183 -41.36 4.59 22.98
CA LEU B 183 -42.03 5.82 22.59
C LEU B 183 -43.31 6.04 23.39
N SER B 184 -44.09 4.98 23.61
CA SER B 184 -45.29 5.11 24.41
C SER B 184 -44.95 5.48 25.86
N GLY B 185 -43.85 4.97 26.39
CA GLY B 185 -43.43 5.39 27.71
C GLY B 185 -42.94 6.81 27.76
N TYR B 186 -42.34 7.29 26.66
CA TYR B 186 -41.88 8.68 26.58
C TYR B 186 -43.06 9.64 26.69
N VAL B 187 -44.11 9.39 25.90
CA VAL B 187 -45.31 10.22 25.97
C VAL B 187 -45.95 10.12 27.35
N ARG B 188 -45.99 8.93 27.93
CA ARG B 188 -46.52 8.80 29.28
C ARG B 188 -45.75 9.68 30.25
N TRP B 189 -44.42 9.70 30.13
CA TRP B 189 -43.61 10.53 31.01
C TRP B 189 -43.79 12.02 30.74
N MET B 190 -44.45 12.39 29.64
CA MET B 190 -44.80 13.78 29.39
C MET B 190 -46.19 14.13 29.92
N GLY B 191 -46.92 13.15 30.48
CA GLY B 191 -48.21 13.40 31.09
C GLY B 191 -49.42 12.97 30.28
N PHE B 192 -49.24 12.25 29.18
CA PHE B 192 -50.33 11.86 28.31
C PHE B 192 -50.45 10.35 28.27
N PRO B 193 -51.63 9.78 28.47
CA PRO B 193 -51.80 8.33 28.29
C PRO B 193 -51.39 7.90 26.89
N ALA B 194 -50.73 6.75 26.81
CA ALA B 194 -50.25 6.22 25.54
C ALA B 194 -50.07 4.72 25.68
N ARG B 195 -50.37 3.99 24.61
CA ARG B 195 -50.30 2.54 24.61
C ARG B 195 -49.58 2.09 23.34
N GLY B 196 -48.52 1.29 23.50
CA GLY B 196 -47.83 0.73 22.37
C GLY B 196 -48.49 -0.56 21.90
N HIS B 197 -48.42 -0.78 20.59
CA HIS B 197 -49.05 -1.94 19.96
C HIS B 197 -48.09 -2.58 18.97
N PHE B 198 -48.13 -3.90 18.89
CA PHE B 198 -47.45 -4.63 17.83
C PHE B 198 -48.17 -5.96 17.68
N SER B 199 -47.77 -6.72 16.65
CA SER B 199 -48.49 -7.95 16.32
C SER B 199 -48.75 -8.83 17.54
N GLY B 200 -47.75 -8.98 18.41
CA GLY B 200 -47.91 -9.84 19.57
C GLY B 200 -48.84 -9.29 20.64
N ASP B 201 -49.07 -7.98 20.65
CA ASP B 201 -50.00 -7.38 21.59
C ASP B 201 -50.46 -6.05 21.00
N ALA B 202 -51.71 -5.99 20.54
CA ALA B 202 -52.23 -4.80 19.88
C ALA B 202 -53.72 -4.68 20.15
N GLN B 203 -54.17 -3.46 20.42
CA GLN B 203 -55.57 -3.18 20.64
C GLN B 203 -56.23 -2.47 19.46
N VAL B 204 -55.50 -2.30 18.37
CA VAL B 204 -56.00 -1.61 17.19
C VAL B 204 -55.53 -2.38 15.95
N ASP B 205 -56.17 -2.09 14.82
CA ASP B 205 -55.86 -2.76 13.57
C ASP B 205 -54.58 -2.15 12.98
N LEU B 206 -53.45 -2.81 13.22
CA LEU B 206 -52.18 -2.26 12.78
C LEU B 206 -52.18 -1.95 11.29
N ALA B 207 -52.66 -2.89 10.48
CA ALA B 207 -52.59 -2.73 9.03
C ALA B 207 -53.48 -1.60 8.55
N ARG B 208 -54.68 -1.46 9.14
CA ARG B 208 -55.56 -0.36 8.75
C ARG B 208 -54.89 1.00 8.98
N LEU B 209 -54.19 1.14 10.10
CA LEU B 209 -53.54 2.41 10.41
C LEU B 209 -52.27 2.62 9.59
N ALA B 210 -51.57 1.56 9.21
CA ALA B 210 -50.41 1.72 8.35
C ALA B 210 -50.82 2.35 7.02
N VAL B 211 -51.99 1.99 6.51
CA VAL B 211 -52.45 2.55 5.25
C VAL B 211 -52.92 3.99 5.46
N ARG B 212 -53.75 4.21 6.48
CA ARG B 212 -54.26 5.54 6.75
C ARG B 212 -53.13 6.52 7.03
N ALA B 213 -52.09 6.07 7.73
CA ALA B 213 -50.97 6.95 8.07
C ALA B 213 -50.01 7.16 6.91
N GLY B 214 -50.20 6.44 5.80
CA GLY B 214 -49.39 6.66 4.62
C GLY B 214 -48.11 5.87 4.52
N LEU B 215 -48.00 4.74 5.24
CA LEU B 215 -46.81 3.92 5.16
C LEU B 215 -46.89 2.82 4.12
N ALA B 216 -48.09 2.39 3.73
CA ALA B 216 -48.20 1.21 2.89
C ALA B 216 -49.48 1.25 2.08
N ARG B 217 -49.51 0.43 1.03
CA ARG B 217 -50.68 0.15 0.21
C ARG B 217 -50.92 -1.35 0.22
N VAL B 218 -52.12 -1.75 -0.21
CA VAL B 218 -52.53 -3.14 -0.17
C VAL B 218 -52.42 -3.74 -1.56
N VAL B 219 -51.74 -4.88 -1.66
CA VAL B 219 -51.63 -5.62 -2.90
C VAL B 219 -51.92 -7.08 -2.60
N ASP B 220 -52.96 -7.62 -3.24
CA ASP B 220 -53.42 -8.98 -2.95
C ASP B 220 -53.57 -9.18 -1.45
N GLY B 221 -54.12 -8.17 -0.78
CA GLY B 221 -54.39 -8.32 0.64
C GLY B 221 -53.18 -8.33 1.53
N VAL B 222 -52.01 -7.94 1.00
CA VAL B 222 -50.78 -7.86 1.78
C VAL B 222 -50.25 -6.44 1.69
N LEU B 223 -49.85 -5.88 2.82
CA LEU B 223 -49.27 -4.55 2.83
C LEU B 223 -47.97 -4.52 2.03
N VAL B 224 -47.82 -3.49 1.22
CA VAL B 224 -46.59 -3.21 0.48
C VAL B 224 -46.19 -1.77 0.77
N ALA B 225 -45.00 -1.58 1.33
CA ALA B 225 -44.56 -0.23 1.63
C ALA B 225 -43.46 0.19 0.67
N PRO B 226 -43.47 1.42 0.20
CA PRO B 226 -42.39 1.88 -0.68
C PRO B 226 -41.05 1.77 0.02
N PHE B 227 -40.02 1.44 -0.75
CA PHE B 227 -38.65 1.45 -0.25
C PHE B 227 -38.29 0.21 0.54
N LEU B 228 -39.25 -0.39 1.24
CA LEU B 228 -38.96 -1.51 2.12
C LEU B 228 -39.27 -2.84 1.40
N ARG B 229 -38.43 -3.14 0.41
CA ARG B 229 -38.65 -4.31 -0.45
C ARG B 229 -38.38 -5.63 0.26
N ARG B 230 -37.69 -5.64 1.41
CA ARG B 230 -37.39 -6.87 2.12
C ARG B 230 -38.58 -7.41 2.91
N GLY B 231 -39.66 -6.65 3.03
CA GLY B 231 -40.69 -6.92 4.01
C GLY B 231 -40.52 -6.02 5.22
N PHE B 232 -41.54 -6.01 6.08
CA PHE B 232 -41.53 -5.14 7.25
C PHE B 232 -42.59 -5.60 8.23
N ARG B 233 -42.51 -5.09 9.45
CA ARG B 233 -43.53 -5.26 10.47
C ARG B 233 -43.82 -3.90 11.09
N LEU B 234 -44.95 -3.81 11.79
CA LEU B 234 -45.50 -2.54 12.22
C LEU B 234 -45.50 -2.42 13.75
N GLY B 235 -45.30 -1.18 14.21
CA GLY B 235 -45.62 -0.82 15.57
C GLY B 235 -46.44 0.45 15.58
N VAL B 236 -47.21 0.63 16.65
CA VAL B 236 -48.10 1.78 16.77
C VAL B 236 -48.13 2.25 18.22
N VAL B 237 -48.25 3.56 18.39
CA VAL B 237 -48.44 4.18 19.70
C VAL B 237 -49.69 5.04 19.61
N THR B 238 -50.75 4.62 20.29
CA THR B 238 -51.98 5.39 20.36
C THR B 238 -51.98 6.26 21.61
N THR B 239 -52.59 7.44 21.49
CA THR B 239 -52.53 8.40 22.57
C THR B 239 -53.55 9.50 22.34
N GLY B 240 -53.91 10.20 23.42
CA GLY B 240 -54.66 11.44 23.35
C GLY B 240 -53.81 12.67 23.13
N TYR B 241 -52.49 12.53 23.29
CA TYR B 241 -51.49 13.48 22.83
C TYR B 241 -51.75 13.82 21.36
N ALA B 242 -52.29 15.01 21.09
CA ALA B 242 -52.73 15.34 19.74
C ALA B 242 -51.55 15.61 18.83
N LEU B 243 -51.62 15.07 17.61
CA LEU B 243 -50.52 15.13 16.66
C LEU B 243 -51.03 15.56 15.29
N ALA B 244 -50.20 16.30 14.57
CA ALA B 244 -50.48 16.59 13.17
C ALA B 244 -50.39 15.30 12.35
N ALA B 245 -51.44 15.02 11.59
CA ALA B 245 -51.53 13.75 10.87
C ALA B 245 -50.91 13.85 9.47
N ASP B 246 -50.50 12.69 8.96
CA ASP B 246 -49.95 12.56 7.61
C ASP B 246 -51.04 12.11 6.65
N ARG B 247 -50.66 11.94 5.38
CA ARG B 247 -51.61 11.62 4.32
C ARG B 247 -51.28 10.28 3.69
N PRO B 248 -52.29 9.50 3.30
CA PRO B 248 -52.03 8.19 2.71
C PRO B 248 -51.43 8.30 1.31
N LEU B 249 -50.80 7.19 0.90
CA LEU B 249 -50.19 7.12 -0.42
C LEU B 249 -51.28 7.01 -1.49
N ALA B 250 -50.99 7.57 -2.66
CA ALA B 250 -51.88 7.42 -3.80
C ALA B 250 -52.23 5.95 -3.98
N PRO B 251 -53.52 5.59 -3.92
CA PRO B 251 -53.87 4.16 -3.85
C PRO B 251 -53.43 3.34 -5.05
N GLU B 252 -53.31 3.93 -6.22
CA GLU B 252 -52.96 3.19 -7.43
C GLU B 252 -51.85 3.92 -8.19
N GLY B 253 -51.04 3.13 -8.89
CA GLY B 253 -50.02 3.68 -9.77
C GLY B 253 -48.68 3.85 -9.10
N ASP B 254 -47.71 4.26 -9.91
CA ASP B 254 -46.34 4.47 -9.43
C ASP B 254 -46.29 5.65 -8.47
N LEU B 255 -45.70 5.44 -7.29
CA LEU B 255 -45.55 6.49 -6.30
C LEU B 255 -44.36 7.41 -6.56
N GLY B 256 -43.47 7.04 -7.47
CA GLY B 256 -42.28 7.82 -7.72
C GLY B 256 -41.08 7.47 -6.85
N GLU B 257 -41.02 6.25 -6.32
CA GLU B 257 -39.88 5.83 -5.54
C GLU B 257 -38.58 5.97 -6.32
N THR B 258 -38.65 5.91 -7.65
CA THR B 258 -37.47 5.93 -8.51
C THR B 258 -37.32 7.23 -9.29
N ALA B 259 -38.03 8.28 -8.90
CA ALA B 259 -37.79 9.58 -9.51
C ALA B 259 -36.30 9.93 -9.39
N PRO B 260 -35.77 10.71 -10.33
CA PRO B 260 -34.34 11.06 -10.28
C PRO B 260 -33.91 11.71 -8.97
N GLU B 261 -34.71 12.64 -8.43
CA GLU B 261 -34.37 13.23 -7.15
C GLU B 261 -34.27 12.17 -6.06
N VAL B 262 -35.16 11.17 -6.10
CA VAL B 262 -35.14 10.12 -5.09
C VAL B 262 -34.00 9.15 -5.34
N MET B 263 -33.85 8.68 -6.58
CA MET B 263 -32.80 7.72 -6.88
C MET B 263 -31.43 8.24 -6.46
N LEU B 264 -31.13 9.52 -6.73
CA LEU B 264 -29.86 10.10 -6.34
C LEU B 264 -29.84 10.64 -4.92
N GLY B 265 -31.01 10.85 -4.31
CA GLY B 265 -31.08 11.33 -2.95
C GLY B 265 -30.57 12.75 -2.78
N ILE B 266 -31.03 13.67 -3.64
CA ILE B 266 -30.46 15.01 -3.69
C ILE B 266 -30.56 15.70 -2.34
N ASP B 267 -31.56 15.36 -1.54
CA ASP B 267 -31.79 16.02 -0.26
C ASP B 267 -31.11 15.32 0.91
N GLY B 268 -30.20 14.39 0.64
CA GLY B 268 -29.49 13.70 1.70
C GLY B 268 -30.12 12.40 2.12
N THR B 269 -30.99 11.82 1.31
CA THR B 269 -31.71 10.61 1.65
C THR B 269 -30.99 9.39 1.11
N ARG B 270 -31.54 8.22 1.38
CA ARG B 270 -30.91 6.96 0.97
C ARG B 270 -30.88 6.84 -0.55
N PRO B 271 -29.72 6.55 -1.15
CA PRO B 271 -29.67 6.37 -2.61
C PRO B 271 -30.52 5.18 -3.04
N GLY B 272 -31.14 5.31 -4.21
CA GLY B 272 -32.00 4.26 -4.70
C GLY B 272 -31.29 2.96 -5.02
N TRP B 273 -29.96 3.00 -5.12
CA TRP B 273 -29.18 1.82 -5.44
C TRP B 273 -28.53 1.18 -4.22
N GLU B 274 -28.68 1.76 -3.03
CA GLU B 274 -27.95 1.23 -1.88
C GLU B 274 -28.39 -0.18 -1.54
N ASP B 275 -29.70 -0.43 -1.57
CA ASP B 275 -30.20 -1.77 -1.26
C ASP B 275 -29.55 -2.81 -2.17
N ALA B 276 -29.63 -2.61 -3.49
CA ALA B 276 -29.05 -3.58 -4.41
C ALA B 276 -27.56 -3.76 -4.15
N GLU B 277 -26.83 -2.66 -4.02
CA GLU B 277 -25.38 -2.74 -3.80
C GLU B 277 -25.07 -3.44 -2.49
N GLU B 278 -25.74 -3.04 -1.40
CA GLU B 278 -25.50 -3.67 -0.11
C GLU B 278 -25.62 -5.18 -0.17
N GLU B 279 -26.64 -5.68 -0.87
CA GLU B 279 -26.89 -7.11 -0.91
C GLU B 279 -25.86 -7.88 -1.73
N LYS B 280 -24.97 -7.18 -2.44
CA LYS B 280 -23.87 -7.84 -3.13
C LYS B 280 -22.76 -8.27 -2.17
N ARG B 281 -22.71 -7.69 -0.96
CA ARG B 281 -21.81 -8.03 0.14
C ARG B 281 -22.40 -9.16 0.97
N PRO B 282 -21.58 -10.14 1.37
CA PRO B 282 -22.06 -11.13 2.33
C PRO B 282 -22.47 -10.47 3.64
N LEU B 283 -23.54 -10.98 4.23
CA LEU B 283 -24.06 -10.36 5.45
C LEU B 283 -23.00 -10.32 6.54
N HIS B 284 -22.20 -11.39 6.65
CA HIS B 284 -21.24 -11.50 7.74
C HIS B 284 -20.12 -10.47 7.67
N MET B 285 -20.06 -9.64 6.64
CA MET B 285 -18.99 -8.66 6.52
C MET B 285 -19.39 -7.28 7.00
N GLY B 286 -20.67 -7.06 7.34
CA GLY B 286 -21.11 -5.78 7.85
C GLY B 286 -21.24 -4.72 6.77
N ARG B 287 -21.89 -3.60 7.08
CA ARG B 287 -22.08 -2.55 6.09
C ARG B 287 -20.82 -1.71 5.88
N TYR B 288 -19.89 -1.72 6.82
CA TYR B 288 -18.67 -0.95 6.66
C TYR B 288 -17.51 -1.85 6.26
N PRO B 289 -16.64 -1.39 5.33
CA PRO B 289 -15.60 -2.25 4.77
C PRO B 289 -14.41 -2.45 5.72
N MET B 290 -14.67 -3.09 6.86
CA MET B 290 -13.59 -3.37 7.80
C MET B 290 -12.53 -4.27 7.18
N GLU B 291 -12.88 -4.99 6.11
CA GLU B 291 -11.90 -5.88 5.48
C GLU B 291 -10.76 -5.10 4.85
N THR B 292 -10.94 -3.80 4.60
CA THR B 292 -9.91 -2.97 4.01
C THR B 292 -8.98 -2.36 5.04
N ILE B 293 -9.25 -2.53 6.33
CA ILE B 293 -8.44 -1.95 7.38
C ILE B 293 -7.28 -2.89 7.69
N ARG B 294 -6.07 -2.34 7.73
CA ARG B 294 -4.89 -3.14 7.99
C ARG B 294 -4.98 -3.86 9.34
N ARG B 295 -4.72 -5.15 9.34
CA ARG B 295 -4.66 -5.97 10.55
C ARG B 295 -3.21 -6.16 10.99
N VAL B 296 -3.03 -6.37 12.29
CA VAL B 296 -1.70 -6.50 12.88
C VAL B 296 -1.76 -7.52 14.00
N ASP B 297 -0.64 -8.19 14.25
CA ASP B 297 -0.62 -9.25 15.25
C ASP B 297 -0.77 -8.68 16.66
N GLU B 298 -0.08 -7.58 16.96
CA GLU B 298 -0.20 -6.89 18.23
C GLU B 298 -0.87 -5.54 18.01
N PRO B 299 -1.57 -5.02 19.01
CA PRO B 299 -2.20 -3.70 18.87
C PRO B 299 -1.15 -2.62 18.62
N THR B 300 -1.64 -1.46 18.17
CA THR B 300 -0.76 -0.33 17.89
C THR B 300 -0.21 0.32 19.15
N THR B 301 -0.68 -0.07 20.32
CA THR B 301 -0.16 0.43 21.59
C THR B 301 0.21 -0.74 22.47
N LEU B 302 1.13 -0.49 23.40
CA LEU B 302 1.76 -1.57 24.16
C LEU B 302 0.80 -2.18 25.17
N VAL B 303 0.70 -3.50 25.16
CA VAL B 303 -0.07 -4.25 26.15
C VAL B 303 0.87 -5.24 26.82
N VAL B 304 1.05 -5.11 28.12
CA VAL B 304 1.90 -6.03 28.87
C VAL B 304 1.02 -6.87 29.77
N ARG B 305 0.62 -8.05 29.28
CA ARG B 305 -0.40 -8.83 29.97
C ARG B 305 0.04 -9.22 31.37
N GLN B 306 1.31 -9.59 31.54
CA GLN B 306 1.76 -10.01 32.86
C GLN B 306 1.74 -8.89 33.88
N GLU B 307 1.58 -7.63 33.46
CA GLU B 307 1.59 -6.49 34.36
C GLU B 307 0.21 -5.88 34.57
N ILE B 308 -0.83 -6.44 33.95
CA ILE B 308 -2.18 -5.90 34.09
C ILE B 308 -2.83 -6.56 35.30
N GLN B 309 -3.18 -5.75 36.29
CA GLN B 309 -3.95 -6.23 37.43
C GLN B 309 -5.43 -6.15 37.13
N ARG B 310 -6.19 -7.12 37.67
CA ARG B 310 -7.64 -7.06 37.54
C ARG B 310 -8.19 -6.08 38.57
N VAL B 311 -9.29 -5.42 38.21
CA VAL B 311 -9.81 -4.30 38.97
C VAL B 311 -11.12 -4.70 39.62
N ALA B 312 -11.32 -4.23 40.86
CA ALA B 312 -12.60 -4.46 41.52
C ALA B 312 -13.71 -3.75 40.75
N LYS B 313 -14.80 -4.46 40.47
CA LYS B 313 -15.97 -3.82 39.88
C LYS B 313 -16.32 -2.55 40.65
N ARG B 314 -16.05 -2.55 41.96
CA ARG B 314 -16.28 -1.40 42.83
C ARG B 314 -15.38 -0.21 42.50
N GLY B 315 -14.38 -0.40 41.63
CA GLY B 315 -13.53 0.67 41.14
C GLY B 315 -14.05 1.42 39.93
N ASP B 316 -15.00 0.82 39.21
CA ASP B 316 -15.85 1.53 38.27
C ASP B 316 -16.26 2.87 38.88
N PHE B 317 -15.82 3.97 38.28
CA PHE B 317 -15.97 5.24 38.96
C PHE B 317 -17.42 5.68 39.11
N PHE B 318 -18.36 5.11 38.35
CA PHE B 318 -19.77 5.33 38.67
C PHE B 318 -20.15 4.64 39.97
N LYS B 319 -19.68 3.40 40.17
CA LYS B 319 -19.85 2.75 41.47
C LYS B 319 -19.17 3.55 42.58
N ARG B 320 -18.06 4.20 42.28
CA ARG B 320 -17.40 5.04 43.28
C ARG B 320 -18.26 6.24 43.63
N ALA B 321 -18.86 6.87 42.61
CA ALA B 321 -19.80 7.95 42.86
C ALA B 321 -20.99 7.45 43.69
N GLU B 322 -21.54 6.29 43.32
CA GLU B 322 -22.68 5.74 44.05
C GLU B 322 -22.36 5.49 45.51
N ALA B 323 -21.11 5.17 45.83
CA ALA B 323 -20.76 4.82 47.19
C ALA B 323 -20.41 6.04 48.04
N GLY B 324 -20.15 7.18 47.41
CA GLY B 324 -19.76 8.37 48.14
C GLY B 324 -18.28 8.73 48.03
N ASP B 325 -17.49 7.96 47.27
CA ASP B 325 -16.08 8.28 47.13
C ASP B 325 -15.87 9.68 46.55
N LEU B 326 -16.85 10.20 45.80
CA LEU B 326 -16.65 11.45 45.06
C LEU B 326 -17.45 12.62 45.63
N GLY B 327 -18.10 12.45 46.78
CA GLY B 327 -18.77 13.55 47.44
C GLY B 327 -20.27 13.35 47.53
N GLU B 328 -20.91 14.29 48.23
CA GLU B 328 -22.33 14.17 48.50
C GLU B 328 -23.16 14.40 47.24
N LYS B 329 -22.84 15.43 46.46
CA LYS B 329 -23.65 15.72 45.27
C LYS B 329 -23.50 14.63 44.22
N ALA B 330 -22.29 14.10 44.03
CA ALA B 330 -22.11 13.00 43.10
C ALA B 330 -22.89 11.78 43.54
N LYS B 331 -22.91 11.50 44.86
CA LYS B 331 -23.68 10.37 45.35
C LYS B 331 -25.17 10.62 45.17
N GLN B 332 -25.64 11.82 45.50
CA GLN B 332 -27.07 12.10 45.42
C GLN B 332 -27.57 11.93 43.99
N GLU B 333 -26.78 12.35 43.00
CA GLU B 333 -27.21 12.43 41.62
C GLU B 333 -26.93 11.17 40.82
N LYS B 334 -26.30 10.15 41.43
CA LYS B 334 -25.79 9.03 40.66
C LYS B 334 -26.92 8.28 39.94
N LYS B 335 -28.04 8.04 40.63
CA LYS B 335 -29.11 7.27 40.02
C LYS B 335 -29.94 8.11 39.04
N ARG B 336 -29.79 9.43 39.08
CA ARG B 336 -30.70 10.33 38.40
C ARG B 336 -30.12 10.96 37.14
N PHE B 337 -28.80 11.14 37.07
CA PHE B 337 -28.23 12.00 36.04
C PHE B 337 -28.53 11.55 34.60
N PRO B 338 -28.65 10.26 34.29
CA PRO B 338 -28.95 9.86 32.91
C PRO B 338 -30.43 9.67 32.63
N MET B 339 -31.29 9.84 33.63
CA MET B 339 -32.73 9.66 33.49
C MET B 339 -33.48 10.96 33.70
N LYS B 340 -32.84 12.10 33.48
CA LYS B 340 -33.52 13.39 33.55
C LYS B 340 -34.48 13.60 32.39
N HIS B 341 -34.29 12.90 31.29
CA HIS B 341 -35.12 13.20 30.14
C HIS B 341 -36.19 12.14 29.92
N PRO B 342 -37.40 12.57 29.58
CA PRO B 342 -38.51 11.61 29.39
C PRO B 342 -38.22 10.48 28.42
N LEU B 343 -37.43 10.70 27.37
CA LEU B 343 -37.17 9.63 26.41
C LEU B 343 -36.26 8.57 27.02
N ALA B 344 -35.24 8.98 27.77
CA ALA B 344 -34.41 8.02 28.49
C ALA B 344 -35.23 7.26 29.53
N LEU B 345 -36.10 7.95 30.25
CA LEU B 345 -36.97 7.28 31.19
C LEU B 345 -37.88 6.27 30.50
N GLY B 346 -38.22 6.52 29.23
CA GLY B 346 -38.98 5.55 28.47
C GLY B 346 -38.22 4.28 28.16
N MET B 347 -36.88 4.34 28.14
CA MET B 347 -36.04 3.18 27.90
C MET B 347 -35.72 2.39 29.16
N GLN B 348 -35.79 3.02 30.33
CA GLN B 348 -35.33 2.38 31.56
C GLN B 348 -35.95 1.02 31.80
N PRO B 349 -37.28 0.84 31.74
CA PRO B 349 -37.85 -0.49 32.03
C PRO B 349 -37.23 -1.61 31.22
N LEU B 350 -36.96 -1.36 29.94
CA LEU B 350 -36.36 -2.38 29.09
C LEU B 350 -34.93 -2.68 29.52
N ILE B 351 -34.13 -1.62 29.71
CA ILE B 351 -32.74 -1.81 30.11
C ILE B 351 -32.67 -2.64 31.38
N GLN B 352 -33.43 -2.24 32.41
CA GLN B 352 -33.33 -2.89 33.70
C GLN B 352 -33.88 -4.30 33.69
N ASN B 353 -34.92 -4.57 32.91
CA ASN B 353 -35.56 -5.89 32.94
C ASN B 353 -34.97 -6.88 31.95
N MET B 354 -34.01 -6.45 31.12
CA MET B 354 -33.22 -7.41 30.35
C MET B 354 -32.11 -8.05 31.19
N VAL B 355 -31.79 -7.48 32.36
CA VAL B 355 -30.67 -8.00 33.14
C VAL B 355 -30.88 -9.46 33.55
N PRO B 356 -32.05 -9.87 34.06
CA PRO B 356 -32.21 -11.29 34.43
C PRO B 356 -32.04 -12.24 33.25
N LEU B 357 -31.98 -11.75 32.02
CA LEU B 357 -31.92 -12.59 30.84
C LEU B 357 -30.53 -12.66 30.24
N GLN B 358 -29.52 -12.12 30.91
CA GLN B 358 -28.22 -11.98 30.28
C GLN B 358 -27.50 -13.31 30.12
N GLY B 359 -27.82 -14.32 30.92
CA GLY B 359 -27.27 -15.64 30.66
C GLY B 359 -26.43 -16.24 31.77
N THR B 360 -25.64 -17.25 31.41
CA THR B 360 -25.04 -18.17 32.36
C THR B 360 -23.53 -18.04 32.39
N ARG B 361 -22.95 -18.37 33.54
CA ARG B 361 -21.50 -18.45 33.69
C ARG B 361 -20.98 -19.88 33.70
N GLU B 362 -21.82 -20.85 34.01
CA GLU B 362 -21.40 -22.23 34.11
C GLU B 362 -21.41 -22.91 32.74
N LYS B 363 -20.59 -23.95 32.62
CA LYS B 363 -20.43 -24.64 31.34
C LYS B 363 -21.71 -25.38 30.98
N LEU B 364 -21.88 -25.61 29.67
CA LEU B 364 -23.04 -26.31 29.15
C LEU B 364 -22.59 -27.45 28.23
N ALA B 365 -23.47 -28.41 28.07
CA ALA B 365 -23.21 -29.51 27.13
C ALA B 365 -23.81 -29.18 25.78
N PRO B 366 -23.04 -29.27 24.69
CA PRO B 366 -23.63 -29.10 23.37
C PRO B 366 -24.89 -29.94 23.23
N THR B 367 -25.86 -29.41 22.49
CA THR B 367 -27.19 -29.99 22.42
C THR B 367 -27.51 -30.61 21.05
N GLY B 368 -26.59 -30.51 20.09
CA GLY B 368 -26.85 -30.94 18.74
C GLY B 368 -27.56 -29.92 17.88
N LYS B 369 -28.21 -28.93 18.50
CA LYS B 369 -28.88 -27.87 17.75
C LYS B 369 -27.86 -26.87 17.21
N GLY B 370 -28.23 -26.22 16.11
CA GLY B 370 -27.40 -25.20 15.51
C GLY B 370 -26.70 -25.58 14.22
N GLY B 371 -26.82 -26.82 13.76
CA GLY B 371 -26.18 -27.21 12.53
C GLY B 371 -24.74 -27.62 12.75
N ASP B 372 -23.95 -27.50 11.71
CA ASP B 372 -22.53 -27.86 11.77
C ASP B 372 -21.78 -26.77 12.51
N LEU B 373 -21.41 -27.05 13.77
CA LEU B 373 -20.68 -26.09 14.59
C LEU B 373 -19.20 -26.42 14.72
N SER B 374 -18.67 -27.26 13.83
CA SER B 374 -17.30 -27.75 13.96
C SER B 374 -16.27 -26.83 13.33
N ASP B 375 -16.68 -25.92 12.45
CA ASP B 375 -15.74 -25.03 11.78
C ASP B 375 -15.72 -23.69 12.49
N PRO B 376 -14.68 -23.38 13.27
CA PRO B 376 -14.64 -22.07 13.94
C PRO B 376 -14.71 -20.90 12.98
N GLY B 377 -14.04 -21.00 11.83
CA GLY B 377 -14.13 -19.93 10.86
C GLY B 377 -15.55 -19.65 10.42
N ARG B 378 -16.33 -20.72 10.19
CA ARG B 378 -17.73 -20.54 9.84
C ARG B 378 -18.56 -20.11 11.04
N ASN B 379 -18.21 -20.60 12.23
CA ASN B 379 -18.90 -20.15 13.44
C ASN B 379 -18.80 -18.64 13.61
N ALA B 380 -17.61 -18.08 13.36
CA ALA B 380 -17.44 -16.64 13.48
C ALA B 380 -18.31 -15.90 12.46
N GLU B 381 -18.31 -16.38 11.21
CA GLU B 381 -19.14 -15.76 10.19
C GLU B 381 -20.62 -15.79 10.58
N ALA B 382 -21.07 -16.92 11.14
CA ALA B 382 -22.46 -17.00 11.58
C ALA B 382 -22.75 -16.00 12.68
N ILE B 383 -21.86 -15.89 13.67
CA ILE B 383 -22.06 -14.94 14.76
C ILE B 383 -22.11 -13.51 14.22
N LYS B 384 -21.26 -13.20 13.23
CA LYS B 384 -21.27 -11.85 12.68
C LYS B 384 -22.55 -11.59 11.91
N ALA B 385 -22.91 -12.50 11.00
CA ALA B 385 -24.17 -12.36 10.28
C ALA B 385 -25.34 -12.24 11.24
N LEU B 386 -25.37 -13.08 12.28
CA LEU B 386 -26.41 -12.96 13.28
C LEU B 386 -26.41 -11.56 13.89
N GLY B 387 -25.23 -11.05 14.26
CA GLY B 387 -25.16 -9.72 14.83
C GLY B 387 -25.72 -8.64 13.92
N TYR B 388 -25.31 -8.64 12.66
CA TYR B 388 -25.79 -7.62 11.73
C TYR B 388 -27.27 -7.79 11.43
N TYR B 389 -27.73 -9.03 11.32
CA TYR B 389 -29.14 -9.30 11.14
C TYR B 389 -29.99 -8.69 12.25
N LEU B 390 -29.48 -8.72 13.49
CA LEU B 390 -30.22 -8.19 14.61
C LEU B 390 -30.09 -6.68 14.74
N GLY B 391 -29.09 -6.07 14.11
CA GLY B 391 -29.01 -4.63 14.08
C GLY B 391 -27.68 -4.03 14.48
N ALA B 392 -26.70 -4.87 14.80
CA ALA B 392 -25.39 -4.36 15.18
C ALA B 392 -24.75 -3.60 14.02
N ASP B 393 -23.90 -2.64 14.35
CA ASP B 393 -23.20 -1.90 13.31
C ASP B 393 -21.83 -2.49 12.99
N PHE B 394 -21.14 -3.01 14.00
CA PHE B 394 -19.89 -3.73 13.85
C PHE B 394 -19.93 -4.99 14.72
N VAL B 395 -19.24 -6.04 14.27
CA VAL B 395 -19.11 -7.28 15.04
C VAL B 395 -17.67 -7.77 14.92
N GLY B 396 -17.06 -8.09 16.06
CA GLY B 396 -15.71 -8.63 16.08
C GLY B 396 -15.59 -9.59 17.24
N ILE B 397 -14.58 -10.45 17.15
CA ILE B 397 -14.43 -11.56 18.09
C ILE B 397 -12.98 -11.64 18.55
N CYS B 398 -12.80 -11.79 19.86
CA CYS B 398 -11.48 -12.00 20.44
C CYS B 398 -11.61 -13.00 21.58
N ARG B 399 -10.46 -13.49 22.04
CA ARG B 399 -10.45 -14.35 23.22
C ARG B 399 -10.75 -13.51 24.45
N ALA B 400 -11.59 -14.06 25.33
CA ALA B 400 -11.95 -13.38 26.57
C ALA B 400 -10.87 -13.68 27.60
N GLU B 401 -9.82 -12.85 27.61
CA GLU B 401 -8.68 -13.13 28.46
C GLU B 401 -9.00 -12.80 29.92
N PRO B 402 -8.44 -13.56 30.87
CA PRO B 402 -8.81 -13.34 32.28
C PRO B 402 -8.65 -11.89 32.74
N TRP B 403 -7.56 -11.23 32.36
CA TRP B 403 -7.36 -9.85 32.80
C TRP B 403 -8.43 -8.90 32.28
N MET B 404 -9.30 -9.36 31.37
CA MET B 404 -10.43 -8.57 30.90
C MET B 404 -11.62 -8.62 31.85
N TYR B 405 -11.68 -9.62 32.72
CA TYR B 405 -12.75 -9.71 33.70
C TYR B 405 -12.43 -8.87 34.92
N TYR B 406 -13.46 -8.27 35.51
CA TYR B 406 -13.29 -7.61 36.80
C TYR B 406 -12.77 -8.62 37.82
N ALA B 407 -12.12 -8.12 38.86
CA ALA B 407 -11.62 -9.00 39.91
C ALA B 407 -12.75 -9.53 40.77
N SER B 408 -13.73 -8.69 41.08
CA SER B 408 -14.82 -9.02 41.98
C SER B 408 -16.03 -8.17 41.65
N ASP B 409 -17.19 -8.59 42.14
CA ASP B 409 -18.38 -7.77 41.96
C ASP B 409 -18.46 -6.71 43.04
N GLU B 410 -19.30 -5.71 42.82
CA GLU B 410 -19.40 -4.58 43.72
C GLU B 410 -20.52 -4.71 44.74
N VAL B 411 -21.31 -5.78 44.70
CA VAL B 411 -22.45 -5.91 45.58
C VAL B 411 -22.10 -6.78 46.78
N GLU B 412 -21.61 -7.98 46.50
CA GLU B 412 -21.15 -8.88 47.54
C GLU B 412 -19.64 -8.93 47.68
N GLY B 413 -18.92 -8.50 46.64
CA GLY B 413 -17.47 -8.52 46.68
C GLY B 413 -16.85 -9.86 46.42
N LYS B 414 -17.62 -10.84 45.96
CA LYS B 414 -17.08 -12.15 45.68
C LYS B 414 -16.27 -12.13 44.39
N PRO B 415 -15.34 -13.08 44.23
CA PRO B 415 -14.53 -13.09 43.01
C PRO B 415 -15.41 -13.31 41.78
N ILE B 416 -14.98 -12.73 40.67
CA ILE B 416 -15.51 -13.05 39.36
C ILE B 416 -14.52 -13.97 38.67
N GLU B 417 -15.01 -15.05 38.09
CA GLU B 417 -14.15 -15.99 37.40
C GLU B 417 -14.17 -15.70 35.91
N ALA B 418 -13.03 -15.97 35.25
CA ALA B 418 -12.93 -15.86 33.80
C ALA B 418 -13.56 -17.11 33.19
N TYR B 419 -14.88 -17.09 33.11
CA TYR B 419 -15.66 -18.31 32.89
C TYR B 419 -15.93 -18.62 31.43
N HIS B 420 -15.68 -17.70 30.50
CA HIS B 420 -15.93 -17.94 29.09
C HIS B 420 -14.66 -17.74 28.28
N ASP B 421 -14.57 -18.43 27.15
CA ASP B 421 -13.34 -18.41 26.37
C ASP B 421 -13.27 -17.23 25.42
N TYR B 422 -14.38 -16.85 24.81
CA TYR B 422 -14.39 -15.85 23.76
C TYR B 422 -15.27 -14.68 24.14
N ALA B 423 -14.97 -13.53 23.54
CA ALA B 423 -15.77 -12.32 23.69
C ALA B 423 -16.24 -11.90 22.30
N VAL B 424 -17.56 -11.93 22.09
CA VAL B 424 -18.15 -11.38 20.88
C VAL B 424 -18.45 -9.92 21.15
N VAL B 425 -17.78 -9.02 20.42
CA VAL B 425 -17.82 -7.59 20.67
C VAL B 425 -18.53 -6.91 19.52
N MET B 426 -19.55 -6.10 19.85
CA MET B 426 -20.33 -5.39 18.85
C MET B 426 -20.42 -3.91 19.22
N LEU B 427 -20.36 -3.05 18.21
CA LEU B 427 -20.51 -1.62 18.38
C LEU B 427 -21.87 -1.17 17.85
N ILE B 428 -22.51 -0.27 18.59
CA ILE B 428 -23.77 0.34 18.17
C ILE B 428 -23.52 1.82 17.94
N ASP B 429 -23.72 2.27 16.71
CA ASP B 429 -23.54 3.68 16.40
C ASP B 429 -24.44 4.52 17.31
N GLN B 430 -23.90 5.61 17.83
CA GLN B 430 -24.66 6.39 18.79
C GLN B 430 -25.52 7.47 18.14
N GLY B 431 -25.28 7.81 16.87
CA GLY B 431 -26.18 8.69 16.14
C GLY B 431 -25.55 9.99 15.69
N TYR B 432 -25.11 10.04 14.44
CA TYR B 432 -24.42 11.22 13.95
C TYR B 432 -25.34 12.44 13.95
N GLU B 433 -26.49 12.33 13.29
CA GLU B 433 -27.32 13.51 13.08
C GLU B 433 -27.79 14.09 14.40
N THR B 434 -28.31 13.25 15.29
CA THR B 434 -28.67 13.71 16.62
C THR B 434 -27.52 14.44 17.29
N MET B 435 -26.34 13.82 17.30
CA MET B 435 -25.18 14.43 17.94
C MET B 435 -24.73 15.68 17.20
N GLU B 436 -25.02 15.76 15.90
CA GLU B 436 -24.67 16.96 15.15
C GLU B 436 -25.47 18.16 15.62
N GLY B 437 -26.73 17.96 16.00
CA GLY B 437 -27.52 19.05 16.54
C GLY B 437 -27.33 19.30 18.01
N ALA B 438 -26.68 18.38 18.74
CA ALA B 438 -26.57 18.49 20.18
C ALA B 438 -25.28 19.20 20.57
N SER B 439 -25.25 19.66 21.82
CA SER B 439 -24.04 20.25 22.40
C SER B 439 -23.05 19.21 22.90
N GLY B 440 -23.48 17.94 23.02
CA GLY B 440 -22.72 16.91 23.67
C GLY B 440 -23.04 16.74 25.14
N ASP B 441 -23.48 17.82 25.79
CA ASP B 441 -23.78 17.80 27.22
C ASP B 441 -25.12 18.45 27.51
N ASP B 442 -26.04 18.41 26.55
CA ASP B 442 -27.37 18.97 26.72
C ASP B 442 -28.34 17.84 27.12
N TRP B 443 -29.64 18.05 26.91
CA TRP B 443 -30.63 17.17 27.50
C TRP B 443 -30.79 15.85 26.75
N ILE B 444 -30.20 15.70 25.57
CA ILE B 444 -30.31 14.45 24.83
C ILE B 444 -29.10 13.54 25.00
N SER B 445 -28.04 14.00 25.66
CA SER B 445 -26.81 13.22 25.72
C SER B 445 -27.05 11.83 26.31
N ALA B 446 -27.53 11.77 27.54
CA ALA B 446 -27.78 10.47 28.16
C ALA B 446 -28.71 9.62 27.31
N SER B 447 -29.63 10.24 26.57
CA SER B 447 -30.51 9.48 25.70
C SER B 447 -29.75 8.81 24.57
N GLN B 448 -28.74 9.50 24.03
CA GLN B 448 -27.91 8.86 23.01
C GLN B 448 -27.15 7.68 23.60
N SER B 449 -26.71 7.80 24.85
CA SER B 449 -26.06 6.67 25.52
C SER B 449 -27.05 5.53 25.75
N MET B 450 -28.23 5.84 26.29
CA MET B 450 -29.14 4.77 26.70
C MET B 450 -29.74 4.04 25.51
N ARG B 451 -29.93 4.73 24.38
CA ARG B 451 -30.41 4.03 23.18
C ARG B 451 -29.42 2.97 22.74
N ALA B 452 -28.14 3.36 22.63
CA ALA B 452 -27.10 2.43 22.22
C ALA B 452 -26.95 1.30 23.21
N TYR B 453 -26.99 1.61 24.51
CA TYR B 453 -26.99 0.58 25.55
C TYR B 453 -28.18 -0.35 25.39
N MET B 454 -29.39 0.22 25.29
CA MET B 454 -30.59 -0.61 25.21
C MET B 454 -30.55 -1.50 23.98
N ARG B 455 -30.20 -0.94 22.82
CA ARG B 455 -30.20 -1.70 21.58
C ARG B 455 -29.19 -2.84 21.63
N GLY B 456 -27.96 -2.54 22.02
CA GLY B 456 -26.94 -3.58 22.08
C GLY B 456 -27.29 -4.67 23.08
N ALA B 457 -27.79 -4.28 24.26
CA ALA B 457 -28.16 -5.27 25.27
C ALA B 457 -29.24 -6.21 24.73
N GLU B 458 -30.14 -5.70 23.91
CA GLU B 458 -31.16 -6.54 23.29
C GLU B 458 -30.54 -7.51 22.29
N ILE B 459 -29.65 -7.00 21.43
CA ILE B 459 -29.01 -7.85 20.44
C ILE B 459 -28.16 -8.92 21.11
N ALA B 460 -27.27 -8.50 22.02
CA ALA B 460 -26.41 -9.46 22.71
C ALA B 460 -27.23 -10.46 23.52
N GLY B 461 -28.36 -10.02 24.08
CA GLY B 461 -29.18 -10.95 24.85
C GLY B 461 -29.75 -12.05 23.99
N VAL B 462 -30.18 -11.70 22.77
CA VAL B 462 -30.71 -12.71 21.86
C VAL B 462 -29.59 -13.65 21.41
N MET B 463 -28.46 -13.08 20.99
CA MET B 463 -27.36 -13.90 20.50
C MET B 463 -26.83 -14.82 21.59
N ALA B 464 -26.71 -14.32 22.82
CA ALA B 464 -26.23 -15.16 23.90
C ALA B 464 -27.20 -16.30 24.17
N ALA B 465 -28.50 -16.02 24.10
CA ALA B 465 -29.49 -17.06 24.35
C ALA B 465 -29.47 -18.13 23.26
N HIS B 466 -29.14 -17.75 22.02
CA HIS B 466 -29.04 -18.74 20.96
C HIS B 466 -27.81 -19.62 21.16
N CYS B 467 -26.69 -19.03 21.58
CA CYS B 467 -25.52 -19.84 21.92
C CYS B 467 -25.86 -20.86 22.99
N ARG B 468 -26.62 -20.45 24.01
CA ARG B 468 -27.01 -21.38 25.06
C ARG B 468 -27.95 -22.45 24.54
N ARG B 469 -28.79 -22.13 23.55
CA ARG B 469 -29.64 -23.14 22.95
C ARG B 469 -28.81 -24.18 22.20
N MET B 470 -27.67 -23.77 21.65
CA MET B 470 -26.77 -24.69 20.98
C MET B 470 -25.84 -25.40 21.96
N GLY B 471 -26.02 -25.20 23.27
CA GLY B 471 -25.24 -25.93 24.25
C GLY B 471 -23.90 -25.31 24.59
N TYR B 472 -23.75 -24.01 24.40
CA TYR B 472 -22.52 -23.30 24.73
C TYR B 472 -22.84 -22.14 25.64
N SER B 473 -22.29 -22.18 26.86
CA SER B 473 -22.53 -21.11 27.82
C SER B 473 -22.28 -19.76 27.17
N ALA B 474 -23.11 -18.79 27.54
CA ALA B 474 -22.98 -17.44 26.99
C ALA B 474 -23.70 -16.46 27.91
N ARG B 475 -23.11 -15.29 28.09
CA ARG B 475 -23.68 -14.26 28.95
C ARG B 475 -23.33 -12.90 28.37
N SER B 476 -24.32 -12.01 28.31
CA SER B 476 -24.08 -10.66 27.82
C SER B 476 -23.63 -9.75 28.97
N HIS B 477 -22.93 -8.69 28.60
CA HIS B 477 -22.40 -7.73 29.57
C HIS B 477 -22.86 -6.35 29.13
N SER B 478 -23.88 -5.83 29.82
CA SER B 478 -24.58 -4.62 29.42
C SER B 478 -24.16 -3.45 30.30
N ASN B 479 -24.73 -2.29 30.00
CA ASN B 479 -24.58 -1.12 30.86
CA ASN B 479 -24.55 -1.13 30.86
C ASN B 479 -25.05 -1.43 32.28
N ALA B 480 -26.21 -2.08 32.40
CA ALA B 480 -26.77 -2.37 33.70
C ALA B 480 -25.96 -3.40 34.47
N HIS B 481 -25.27 -4.30 33.77
CA HIS B 481 -24.54 -5.37 34.45
C HIS B 481 -23.49 -5.95 33.50
N SER B 482 -22.23 -5.56 33.70
CA SER B 482 -21.08 -6.11 32.99
C SER B 482 -20.13 -6.75 33.99
N GLU B 483 -19.53 -7.87 33.59
CA GLU B 483 -18.46 -8.48 34.37
C GLU B 483 -17.12 -8.49 33.63
N VAL B 484 -17.08 -7.94 32.40
CA VAL B 484 -15.83 -7.70 31.71
C VAL B 484 -15.71 -6.20 31.43
N ILE B 485 -14.49 -5.76 31.22
CA ILE B 485 -14.22 -4.41 30.77
C ILE B 485 -14.19 -4.42 29.25
N HIS B 486 -15.01 -3.58 28.63
CA HIS B 486 -15.20 -3.69 27.18
C HIS B 486 -13.96 -3.23 26.42
N ASN B 487 -13.28 -2.20 26.92
CA ASN B 487 -12.20 -1.55 26.16
C ASN B 487 -11.19 -2.56 25.61
N PRO B 488 -10.51 -3.34 26.47
CA PRO B 488 -9.52 -4.28 25.94
C PRO B 488 -10.10 -5.26 24.94
N ALA B 489 -11.40 -5.54 25.02
CA ALA B 489 -12.04 -6.44 24.08
C ALA B 489 -12.33 -5.74 22.75
N ILE B 490 -12.58 -4.44 22.79
CA ILE B 490 -12.73 -3.68 21.55
C ILE B 490 -11.38 -3.57 20.85
N LEU B 491 -10.30 -3.49 21.61
CA LEU B 491 -8.98 -3.42 21.01
C LEU B 491 -8.59 -4.76 20.40
N MET B 492 -8.62 -5.82 21.20
CA MET B 492 -8.21 -7.13 20.71
C MET B 492 -9.11 -7.64 19.60
N ALA B 493 -10.39 -7.28 19.64
CA ALA B 493 -11.33 -7.63 18.58
C ALA B 493 -11.12 -6.80 17.31
N GLY B 494 -10.17 -5.88 17.32
CA GLY B 494 -9.86 -5.12 16.13
C GLY B 494 -10.96 -4.18 15.69
N LEU B 495 -11.75 -3.66 16.63
CA LEU B 495 -12.82 -2.73 16.29
C LEU B 495 -12.46 -1.28 16.54
N GLY B 496 -11.33 -1.01 17.21
CA GLY B 496 -10.87 0.36 17.36
C GLY B 496 -9.42 0.41 17.77
N GLU B 497 -8.89 1.63 17.78
CA GLU B 497 -7.56 1.94 18.28
C GLU B 497 -7.67 2.81 19.53
N VAL B 498 -6.61 2.79 20.34
CA VAL B 498 -6.52 3.70 21.47
C VAL B 498 -6.54 5.13 20.97
N SER B 499 -7.30 6.00 21.64
CA SER B 499 -7.48 7.38 21.22
C SER B 499 -7.21 8.34 22.37
N ARG B 500 -6.96 9.61 22.02
CA ARG B 500 -6.67 10.61 23.04
C ARG B 500 -7.84 10.80 24.00
N ILE B 501 -9.06 10.52 23.54
CA ILE B 501 -10.22 10.67 24.42
C ILE B 501 -10.01 9.92 25.73
N GLY B 502 -9.27 8.81 25.69
CA GLY B 502 -8.88 8.15 26.91
C GLY B 502 -9.52 6.80 27.14
N ASP B 503 -10.70 6.78 27.75
CA ASP B 503 -11.45 5.57 28.00
C ASP B 503 -12.43 5.24 26.88
N THR B 504 -12.19 5.81 25.70
CA THR B 504 -12.96 5.51 24.51
C THR B 504 -12.00 5.12 23.39
N LEU B 505 -12.29 4.00 22.72
CA LEU B 505 -11.53 3.60 21.55
C LEU B 505 -12.23 4.10 20.29
N LEU B 506 -11.44 4.36 19.25
CA LEU B 506 -11.90 5.05 18.05
C LEU B 506 -11.91 4.10 16.86
N ASN B 507 -13.01 4.10 16.12
CA ASN B 507 -13.26 3.28 14.94
C ASN B 507 -13.05 4.09 13.67
N PRO B 508 -12.48 3.50 12.62
CA PRO B 508 -12.14 4.28 11.42
C PRO B 508 -13.33 4.64 10.56
N PHE B 509 -14.54 4.21 10.88
CA PHE B 509 -15.71 4.58 10.10
C PHE B 509 -16.73 5.37 10.89
N ILE B 510 -16.97 5.02 12.16
CA ILE B 510 -17.88 5.78 12.99
C ILE B 510 -17.14 6.53 14.10
N GLY B 511 -15.82 6.67 13.97
CA GLY B 511 -15.04 7.40 14.94
C GLY B 511 -15.28 6.88 16.35
N PRO B 512 -15.34 7.79 17.32
CA PRO B 512 -15.62 7.40 18.71
C PRO B 512 -17.10 7.36 19.07
N ARG B 513 -17.98 7.40 18.08
CA ARG B 513 -19.41 7.61 18.28
C ARG B 513 -20.13 6.27 18.39
N SER B 514 -19.87 5.59 19.51
CA SER B 514 -20.43 4.25 19.67
C SER B 514 -20.53 3.88 21.14
N LYS B 515 -21.47 3.00 21.44
CA LYS B 515 -21.48 2.20 22.66
C LYS B 515 -21.28 0.75 22.27
N SER B 516 -20.48 0.05 23.03
CA SER B 516 -20.22 -1.35 22.76
C SER B 516 -21.11 -2.24 23.61
N ILE B 517 -21.42 -3.41 23.07
CA ILE B 517 -22.02 -4.50 23.85
C ILE B 517 -21.12 -5.70 23.67
N VAL B 518 -20.97 -6.47 24.73
CA VAL B 518 -20.17 -7.70 24.72
C VAL B 518 -21.04 -8.82 25.26
N PHE B 519 -20.89 -10.00 24.68
CA PHE B 519 -21.28 -11.23 25.36
C PHE B 519 -20.16 -12.24 25.20
N THR B 520 -19.83 -12.92 26.29
CA THR B 520 -18.81 -13.96 26.26
C THR B 520 -19.48 -15.30 26.08
N THR B 521 -18.76 -16.24 25.47
CA THR B 521 -19.29 -17.55 25.17
C THR B 521 -18.15 -18.54 25.03
N ASP B 522 -18.48 -19.81 25.08
CA ASP B 522 -17.53 -20.88 24.80
C ASP B 522 -17.64 -21.41 23.37
N LEU B 523 -18.58 -20.89 22.59
CA LEU B 523 -18.74 -21.31 21.20
C LEU B 523 -17.45 -21.09 20.44
N PRO B 524 -16.83 -22.13 19.89
CA PRO B 524 -15.55 -21.96 19.18
C PRO B 524 -15.71 -21.10 17.94
N MET B 525 -14.96 -19.99 17.90
CA MET B 525 -14.97 -19.06 16.78
C MET B 525 -13.57 -18.56 16.53
N SER B 526 -13.20 -18.43 15.25
CA SER B 526 -11.95 -17.78 14.91
C SER B 526 -11.97 -16.32 15.37
N VAL B 527 -10.89 -15.87 15.93
CA VAL B 527 -10.85 -14.51 16.48
C VAL B 527 -10.29 -13.57 15.44
N ASP B 528 -10.67 -12.30 15.55
CA ASP B 528 -10.11 -11.27 14.68
C ASP B 528 -8.78 -10.76 15.25
N ARG B 529 -8.10 -9.91 14.48
CA ARG B 529 -6.84 -9.34 14.92
C ARG B 529 -6.99 -7.83 15.14
N PRO B 530 -6.16 -7.24 16.01
CA PRO B 530 -6.16 -5.77 16.14
C PRO B 530 -6.06 -5.07 14.80
N ILE B 531 -6.36 -3.78 14.75
CA ILE B 531 -6.30 -3.01 13.51
C ILE B 531 -5.34 -1.85 13.69
N ASP B 532 -4.75 -1.42 12.57
CA ASP B 532 -3.85 -0.28 12.54
C ASP B 532 -4.28 0.61 11.38
N PHE B 533 -4.98 1.70 11.68
CA PHE B 533 -5.33 2.66 10.65
C PHE B 533 -4.66 4.01 10.91
N GLY B 534 -3.49 3.97 11.57
CA GLY B 534 -2.70 5.17 11.77
C GLY B 534 -3.23 6.13 12.80
N LEU B 535 -4.03 5.66 13.75
CA LEU B 535 -4.66 6.58 14.70
C LEU B 535 -3.66 7.21 15.65
N GLN B 536 -2.62 6.47 16.07
CA GLN B 536 -1.67 7.01 17.03
C GLN B 536 -1.00 8.26 16.47
N ASP B 537 -0.56 8.20 15.22
CA ASP B 537 0.04 9.38 14.61
C ASP B 537 -0.97 10.52 14.48
N PHE B 538 -2.25 10.19 14.30
CA PHE B 538 -3.27 11.21 14.12
C PHE B 538 -3.59 11.92 15.43
N CYS B 539 -4.03 11.17 16.44
CA CYS B 539 -4.29 11.78 17.74
C CYS B 539 -3.05 12.47 18.27
N ASN B 540 -1.87 12.00 17.86
CA ASN B 540 -0.63 12.63 18.29
C ASN B 540 -0.53 14.07 17.80
N GLN B 541 -1.15 14.37 16.67
CA GLN B 541 -1.13 15.71 16.08
C GLN B 541 -2.42 16.48 16.31
N CYS B 542 -3.33 15.93 17.10
CA CYS B 542 -4.67 16.49 17.28
C CYS B 542 -4.92 16.75 18.76
N ARG B 543 -5.75 17.75 19.04
CA ARG B 543 -6.11 18.07 20.42
C ARG B 543 -7.56 18.52 20.56
N LYS B 544 -8.40 18.34 19.54
CA LYS B 544 -9.72 18.94 19.56
C LYS B 544 -10.56 18.43 20.73
N CYS B 545 -10.57 17.11 20.94
CA CYS B 545 -11.37 16.56 22.03
C CYS B 545 -10.89 17.09 23.38
N ALA B 546 -9.57 17.22 23.55
CA ALA B 546 -9.07 17.79 24.80
C ALA B 546 -9.49 19.24 24.94
N ARG B 547 -9.50 19.98 23.83
CA ARG B 547 -9.81 21.40 23.85
C ARG B 547 -11.25 21.67 24.23
N GLU B 548 -12.17 20.83 23.75
CA GLU B 548 -13.61 21.07 23.91
C GLU B 548 -14.22 20.40 25.13
N CYS B 549 -13.43 19.66 25.91
CA CYS B 549 -13.98 18.99 27.08
C CYS B 549 -14.41 20.00 28.13
N PRO B 550 -15.66 19.98 28.60
CA PRO B 550 -16.10 21.02 29.55
C PRO B 550 -15.34 21.07 30.85
N CYS B 551 -14.62 20.01 31.23
CA CYS B 551 -13.92 19.99 32.51
C CYS B 551 -12.43 19.66 32.37
N ASN B 552 -11.87 19.86 31.17
CA ASN B 552 -10.42 19.75 30.98
C ASN B 552 -9.91 18.39 31.46
N ALA B 553 -10.63 17.33 31.13
CA ALA B 553 -10.34 16.00 31.64
C ALA B 553 -9.56 15.13 30.67
N ILE B 554 -9.48 15.51 29.41
CA ILE B 554 -8.74 14.74 28.42
C ILE B 554 -7.32 15.27 28.35
N SER B 555 -6.36 14.37 28.31
CA SER B 555 -4.96 14.76 28.36
C SER B 555 -4.54 15.52 27.11
N PHE B 556 -3.84 16.64 27.31
CA PHE B 556 -3.14 17.31 26.24
C PHE B 556 -1.73 16.75 26.00
N GLY B 557 -1.30 15.79 26.80
CA GLY B 557 0.06 15.30 26.77
C GLY B 557 0.22 14.04 25.94
N ASP B 558 1.26 13.27 26.26
CA ASP B 558 1.56 12.05 25.55
C ASP B 558 0.92 10.86 26.25
N LYS B 559 1.09 9.68 25.66
CA LYS B 559 0.61 8.45 26.29
C LYS B 559 1.47 8.09 27.49
N VAL B 560 0.87 7.34 28.42
CA VAL B 560 1.53 6.89 29.62
C VAL B 560 1.23 5.41 29.82
N MET B 561 2.06 4.76 30.63
CA MET B 561 1.73 3.41 31.08
C MET B 561 0.74 3.48 32.22
N PHE B 562 -0.25 2.59 32.19
CA PHE B 562 -1.32 2.59 33.18
C PHE B 562 -1.76 1.15 33.38
N ASN B 563 -1.53 0.64 34.59
CA ASN B 563 -1.89 -0.74 34.94
C ASN B 563 -1.42 -1.72 33.86
N GLY B 564 -0.22 -1.49 33.35
CA GLY B 564 0.41 -2.43 32.44
C GLY B 564 0.13 -2.25 30.97
N TYR B 565 -0.45 -1.12 30.55
CA TYR B 565 -0.68 -0.90 29.15
C TYR B 565 -0.55 0.57 28.81
N GLU B 566 -0.26 0.85 27.54
CA GLU B 566 -0.07 2.20 27.03
C GLU B 566 -1.41 2.81 26.65
N ILE B 567 -1.62 4.06 27.05
CA ILE B 567 -2.90 4.71 26.84
C ILE B 567 -2.76 6.19 27.13
N TRP B 568 -3.66 6.99 26.56
CA TRP B 568 -3.92 8.34 27.04
C TRP B 568 -4.90 8.24 28.20
N LYS B 569 -4.46 8.59 29.40
CA LYS B 569 -5.34 8.52 30.57
C LYS B 569 -6.01 9.88 30.77
N ALA B 570 -7.31 9.92 30.53
CA ALA B 570 -8.10 11.08 30.93
C ALA B 570 -8.31 11.07 32.44
N ASP B 571 -8.70 12.22 32.98
CA ASP B 571 -8.93 12.34 34.41
C ASP B 571 -10.37 11.92 34.66
N VAL B 572 -10.58 10.65 35.01
CA VAL B 572 -11.92 10.12 35.15
C VAL B 572 -12.63 10.67 36.37
N GLU B 573 -11.88 11.19 37.34
CA GLU B 573 -12.53 11.83 38.48
C GLU B 573 -13.27 13.08 38.04
N LYS B 574 -12.60 13.94 37.29
CA LYS B 574 -13.26 15.16 36.84
C LYS B 574 -14.40 14.85 35.87
N CYS B 575 -14.19 13.89 34.98
CA CYS B 575 -15.23 13.55 34.01
C CYS B 575 -16.45 12.93 34.68
N THR B 576 -16.24 11.99 35.61
CA THR B 576 -17.36 11.42 36.33
C THR B 576 -18.15 12.51 37.05
N LYS B 577 -17.43 13.38 37.75
CA LYS B 577 -18.10 14.49 38.44
C LYS B 577 -18.95 15.30 37.47
N TYR B 578 -18.41 15.63 36.31
CA TYR B 578 -19.14 16.49 35.39
C TYR B 578 -20.38 15.80 34.85
N ARG B 579 -20.23 14.56 34.37
CA ARG B 579 -21.38 13.86 33.80
C ARG B 579 -22.47 13.63 34.84
N VAL B 580 -22.10 13.39 36.09
CA VAL B 580 -23.09 13.06 37.11
C VAL B 580 -23.79 14.30 37.63
N THR B 581 -23.07 15.42 37.80
CA THR B 581 -23.57 16.53 38.58
C THR B 581 -23.88 17.80 37.78
N GLN B 582 -23.39 17.92 36.54
CA GLN B 582 -23.69 19.12 35.77
C GLN B 582 -25.19 19.26 35.56
N MET B 583 -25.69 20.49 35.68
CA MET B 583 -27.11 20.76 35.80
C MET B 583 -27.76 21.28 34.52
N LYS B 584 -26.97 21.60 33.49
CA LYS B 584 -27.50 22.14 32.24
C LYS B 584 -27.62 21.08 31.15
N GLY B 585 -27.74 19.82 31.53
CA GLY B 585 -27.90 18.75 30.58
C GLY B 585 -28.05 17.43 31.30
N SER B 586 -28.03 16.33 30.55
CA SER B 586 -28.08 15.00 31.13
C SER B 586 -26.81 14.25 30.72
N ALA B 587 -25.84 14.20 31.63
CA ALA B 587 -24.56 13.55 31.37
C ALA B 587 -23.78 14.32 30.31
N CYS B 588 -22.86 13.63 29.64
CA CYS B 588 -22.00 14.30 28.67
C CYS B 588 -21.35 13.27 27.75
N GLY B 589 -20.99 13.72 26.55
CA GLY B 589 -20.32 12.92 25.54
C GLY B 589 -19.78 13.84 24.47
N ARG B 590 -19.48 15.07 24.88
CA ARG B 590 -19.08 16.10 23.94
C ARG B 590 -17.83 15.72 23.18
N CYS B 591 -16.97 14.89 23.78
CA CYS B 591 -15.73 14.51 23.13
C CYS B 591 -15.97 13.69 21.87
N MET B 592 -16.92 12.75 21.91
CA MET B 592 -17.28 12.03 20.71
C MET B 592 -17.73 12.98 19.60
N LYS B 593 -18.50 14.01 19.98
CA LYS B 593 -19.06 14.91 18.97
C LYS B 593 -17.97 15.71 18.28
N MET B 594 -17.00 16.22 19.04
CA MET B 594 -16.03 17.16 18.47
C MET B 594 -14.87 16.48 17.75
N CYS B 595 -14.81 15.15 17.76
CA CYS B 595 -13.69 14.47 17.15
C CYS B 595 -13.77 14.57 15.63
N PRO B 596 -12.67 14.89 14.96
CA PRO B 596 -12.70 14.92 13.49
C PRO B 596 -13.16 13.64 12.85
N TRP B 597 -12.93 12.49 13.50
CA TRP B 597 -13.41 11.24 12.92
C TRP B 597 -14.92 11.07 13.05
N ASN B 598 -15.61 11.97 13.74
CA ASN B 598 -17.07 11.96 13.80
C ASN B 598 -17.61 12.69 12.57
N ARG B 599 -17.86 11.93 11.50
CA ARG B 599 -18.23 12.49 10.22
C ARG B 599 -19.55 11.91 9.72
N GLU B 600 -20.19 12.66 8.84
CA GLU B 600 -21.38 12.18 8.15
C GLU B 600 -20.99 11.09 7.14
N ASP B 601 -21.94 10.18 6.88
CA ASP B 601 -21.68 9.03 6.03
C ASP B 601 -21.86 9.38 4.55
N THR B 602 -21.12 10.38 4.11
CA THR B 602 -21.15 10.85 2.73
C THR B 602 -19.88 10.44 2.00
N VAL B 603 -19.94 10.54 0.68
CA VAL B 603 -18.77 10.28 -0.14
C VAL B 603 -17.60 11.15 0.31
N GLU B 604 -17.84 12.44 0.54
CA GLU B 604 -16.77 13.30 1.04
C GLU B 604 -16.28 12.84 2.40
N GLY B 605 -17.21 12.56 3.32
CA GLY B 605 -16.82 12.16 4.65
C GLY B 605 -15.98 10.90 4.65
N ARG B 606 -16.36 9.93 3.84
CA ARG B 606 -15.61 8.68 3.78
C ARG B 606 -14.21 8.90 3.23
N ARG B 607 -14.05 9.82 2.27
CA ARG B 607 -12.75 10.06 1.67
C ARG B 607 -11.80 10.78 2.63
N LEU B 608 -12.34 11.62 3.52
CA LEU B 608 -11.50 12.26 4.52
C LEU B 608 -10.95 11.25 5.51
N ALA B 609 -11.76 10.25 5.90
CA ALA B 609 -11.25 9.16 6.72
C ALA B 609 -10.25 8.33 5.92
N GLU B 610 -10.57 8.03 4.67
CA GLU B 610 -9.68 7.25 3.82
C GLU B 610 -8.33 7.95 3.67
N LEU B 611 -8.33 9.27 3.47
CA LEU B 611 -7.06 9.99 3.40
C LEU B 611 -6.35 9.95 4.74
N SER B 612 -7.08 10.23 5.83
CA SER B 612 -6.48 10.16 7.15
C SER B 612 -5.78 8.83 7.37
N ILE B 613 -6.33 7.75 6.81
CA ILE B 613 -5.74 6.44 7.01
C ILE B 613 -4.52 6.24 6.13
N LYS B 614 -4.64 6.55 4.84
CA LYS B 614 -3.64 6.16 3.86
C LYS B 614 -2.59 7.23 3.57
N VAL B 615 -2.76 8.46 4.03
CA VAL B 615 -1.86 9.54 3.64
C VAL B 615 -1.39 10.31 4.87
N PRO B 616 -0.35 9.84 5.56
CA PRO B 616 0.08 10.53 6.79
C PRO B 616 0.44 11.99 6.58
N GLU B 617 0.95 12.34 5.40
CA GLU B 617 1.31 13.73 5.14
C GLU B 617 0.11 14.66 5.13
N ALA B 618 -1.11 14.13 5.01
CA ALA B 618 -2.31 14.95 4.98
C ALA B 618 -2.99 15.09 6.34
N ARG B 619 -2.53 14.36 7.35
CA ARG B 619 -3.25 14.33 8.62
C ARG B 619 -3.29 15.71 9.27
N ALA B 620 -2.15 16.39 9.33
CA ALA B 620 -2.11 17.71 9.96
C ALA B 620 -3.08 18.68 9.27
N ALA B 621 -3.17 18.60 7.94
CA ALA B 621 -4.07 19.47 7.21
C ALA B 621 -5.53 19.14 7.51
N ILE B 622 -5.87 17.84 7.48
CA ILE B 622 -7.23 17.44 7.83
C ILE B 622 -7.59 17.92 9.22
N ILE B 623 -6.64 17.80 10.16
CA ILE B 623 -6.90 18.19 11.53
C ILE B 623 -7.23 19.67 11.60
N ALA B 624 -6.47 20.50 10.90
CA ALA B 624 -6.67 21.95 10.98
C ALA B 624 -7.91 22.37 10.22
N MET B 625 -8.18 21.76 9.07
CA MET B 625 -9.36 22.12 8.30
C MET B 625 -10.64 21.67 8.97
N ASP B 626 -10.57 20.72 9.89
CA ASP B 626 -11.76 20.39 10.68
C ASP B 626 -12.20 21.58 11.51
N ASP B 627 -11.25 22.37 11.99
CA ASP B 627 -11.60 23.59 12.70
C ASP B 627 -11.93 24.73 11.74
N ALA B 628 -11.14 24.86 10.67
CA ALA B 628 -11.41 25.92 9.70
C ALA B 628 -12.82 25.82 9.16
N LEU B 629 -13.25 24.60 8.81
CA LEU B 629 -14.59 24.38 8.29
C LEU B 629 -15.64 24.29 9.39
N GLN B 630 -15.26 24.58 10.63
CA GLN B 630 -16.20 24.69 11.75
C GLN B 630 -16.96 23.39 12.02
N ASN B 631 -16.40 22.26 11.65
CA ASN B 631 -16.97 20.99 12.10
C ASN B 631 -17.01 20.97 13.61
N GLY B 632 -18.13 20.52 14.17
CA GLY B 632 -18.37 20.57 15.59
C GLY B 632 -19.35 21.64 16.02
N LYS B 633 -19.59 22.63 15.17
CA LYS B 633 -20.67 23.57 15.41
C LYS B 633 -21.97 22.79 15.60
N ARG B 634 -22.88 23.36 16.37
CA ARG B 634 -24.18 22.75 16.57
C ARG B 634 -25.07 23.07 15.38
N ASN B 635 -25.63 22.04 14.75
CA ASN B 635 -26.47 22.19 13.57
C ASN B 635 -27.91 22.35 14.06
N LEU B 636 -28.41 23.59 14.04
CA LEU B 636 -29.71 23.87 14.64
C LEU B 636 -30.82 23.06 13.99
N ILE B 637 -30.64 22.66 12.73
CA ILE B 637 -31.70 21.91 12.05
C ILE B 637 -31.89 20.53 12.67
N LYS B 638 -30.84 19.97 13.27
CA LYS B 638 -30.89 18.61 13.79
C LYS B 638 -31.36 18.53 15.23
N ARG B 639 -31.73 19.67 15.84
CA ARG B 639 -32.12 19.70 17.26
C ARG B 639 -33.60 19.36 17.36
N TRP B 640 -33.88 18.06 17.31
CA TRP B 640 -35.25 17.56 17.21
C TRP B 640 -35.92 17.28 18.55
N TRP B 641 -35.18 17.29 19.66
CA TRP B 641 -35.72 16.84 20.93
C TRP B 641 -36.23 18.02 21.76
N PHE B 642 -37.06 17.71 22.76
CA PHE B 642 -37.54 18.69 23.72
C PHE B 642 -36.55 18.83 24.88
N ASP B 643 -36.31 20.07 25.30
CA ASP B 643 -35.51 20.32 26.51
C ASP B 643 -36.42 20.17 27.72
N LEU B 644 -36.48 18.95 28.24
CA LEU B 644 -37.32 18.62 29.38
C LEU B 644 -36.47 17.92 30.43
N GLU B 645 -36.58 18.37 31.68
CA GLU B 645 -35.90 17.75 32.80
C GLU B 645 -36.96 17.29 33.80
N VAL B 646 -36.96 16.00 34.11
CA VAL B 646 -37.93 15.45 35.05
C VAL B 646 -37.43 15.68 36.47
N ILE B 647 -38.26 16.31 37.30
CA ILE B 647 -37.95 16.58 38.69
C ILE B 647 -39.16 16.20 39.52
N ASP B 648 -38.96 15.30 40.48
CA ASP B 648 -40.03 14.84 41.36
C ASP B 648 -41.15 14.18 40.58
N GLY B 649 -40.80 13.45 39.54
CA GLY B 649 -41.76 12.72 38.76
C GLY B 649 -42.48 13.50 37.68
N VAL B 650 -42.23 14.80 37.56
CA VAL B 650 -42.90 15.64 36.58
C VAL B 650 -41.88 16.28 35.65
N ALA B 651 -42.19 16.27 34.36
CA ALA B 651 -41.35 16.94 33.37
C ALA B 651 -41.58 18.44 33.44
N GLY B 652 -40.51 19.19 33.22
CA GLY B 652 -40.61 20.64 33.18
C GLY B 652 -39.44 21.18 32.39
N ALA B 653 -39.38 22.50 32.31
CA ALA B 653 -38.27 23.15 31.64
C ALA B 653 -36.98 22.93 32.45
N PRO B 654 -35.83 23.00 31.79
CA PRO B 654 -34.55 22.84 32.51
C PRO B 654 -34.40 23.87 33.61
N ARG B 655 -34.20 23.39 34.84
CA ARG B 655 -34.14 24.30 35.99
C ARG B 655 -32.95 25.26 35.88
N MET B 656 -31.79 24.75 35.47
CA MET B 656 -30.57 25.55 35.49
C MET B 656 -30.10 25.96 34.12
N GLY B 657 -30.84 25.64 33.06
CA GLY B 657 -30.46 26.06 31.73
C GLY B 657 -30.13 24.91 30.81
N THR B 658 -29.44 25.21 29.71
CA THR B 658 -29.12 24.19 28.71
C THR B 658 -27.78 24.53 28.09
N ASN B 659 -26.84 23.59 28.15
CA ASN B 659 -25.56 23.77 27.50
C ASN B 659 -25.76 23.87 25.98
N GLU B 660 -25.29 24.98 25.41
CA GLU B 660 -25.32 25.21 23.97
C GLU B 660 -23.93 25.67 23.52
N ARG B 661 -22.97 24.77 23.68
CA ARG B 661 -21.56 25.11 23.49
C ARG B 661 -21.20 25.13 22.01
N ASP B 662 -20.22 25.98 21.69
CA ASP B 662 -19.73 26.16 20.33
C ASP B 662 -18.23 25.91 20.29
N LEU B 663 -17.68 25.90 19.09
CA LEU B 663 -16.25 25.71 18.94
C LEU B 663 -15.48 26.70 19.80
N SER B 664 -14.34 26.26 20.31
CA SER B 664 -13.42 27.12 21.05
C SER B 664 -12.11 27.26 20.28
N PRO B 665 -11.45 28.41 20.37
CA PRO B 665 -10.19 28.60 19.62
C PRO B 665 -9.03 27.94 20.36
N ASP B 666 -8.23 27.15 19.62
CA ASP B 666 -7.21 26.31 20.22
C ASP B 666 -5.87 27.02 20.29
N ARG B 667 -5.13 26.77 21.37
CA ARG B 667 -3.80 27.35 21.56
C ARG B 667 -2.74 26.43 20.96
N GLY B 668 -2.54 25.26 21.58
CA GLY B 668 -1.57 24.29 21.09
C GLY B 668 -0.15 24.82 21.08
N ALA B 673 1.20 21.86 28.85
CA ALA B 673 2.03 21.14 29.81
C ALA B 673 1.80 21.65 31.23
N ASN B 674 0.87 22.59 31.37
CA ASN B 674 0.48 23.07 32.69
C ASN B 674 -0.66 22.23 33.28
N GLN B 675 -1.44 21.57 32.42
CA GLN B 675 -2.51 20.70 32.87
C GLN B 675 -1.96 19.61 33.79
N LYS B 676 -2.64 19.36 34.91
CA LYS B 676 -2.23 18.33 35.86
C LYS B 676 -3.43 17.44 36.14
N LEU B 677 -3.34 16.19 35.67
CA LEU B 677 -4.43 15.23 35.78
C LEU B 677 -4.11 14.18 36.84
N ALA B 678 -5.15 13.53 37.35
CA ALA B 678 -5.02 12.44 38.31
C ALA B 678 -5.39 11.14 37.63
N MET B 679 -4.68 10.08 37.97
CA MET B 679 -4.98 8.76 37.43
C MET B 679 -5.12 7.78 38.58
N TYR B 680 -5.92 6.75 38.37
CA TYR B 680 -6.30 5.82 39.44
C TYR B 680 -6.16 4.39 38.94
N PRO B 681 -4.93 3.90 38.82
CA PRO B 681 -4.72 2.47 38.58
C PRO B 681 -5.05 1.68 39.82
N PRO B 682 -5.12 0.34 39.73
CA PRO B 682 -5.60 -0.46 40.87
C PRO B 682 -5.04 -0.03 42.22
N ARG B 683 -3.78 0.44 42.24
CA ARG B 683 -3.18 0.85 43.50
C ARG B 683 -4.05 1.85 44.24
N LEU B 684 -4.64 2.81 43.52
CA LEU B 684 -5.45 3.86 44.10
C LEU B 684 -6.94 3.57 43.98
N GLN B 685 -7.30 2.33 43.73
CA GLN B 685 -8.68 1.88 43.61
C GLN B 685 -9.11 1.11 44.86
N PRO B 686 -10.40 0.96 45.07
CA PRO B 686 -10.87 0.03 46.10
C PRO B 686 -10.35 -1.36 45.83
N PRO B 687 -9.71 -2.01 46.80
CA PRO B 687 -9.16 -3.34 46.56
C PRO B 687 -10.24 -4.31 46.12
N PRO B 688 -9.86 -5.38 45.41
CA PRO B 688 -10.83 -6.45 45.12
C PRO B 688 -11.51 -6.92 46.40
N GLY B 689 -12.82 -7.13 46.31
CA GLY B 689 -13.63 -7.51 47.45
C GLY B 689 -14.39 -6.36 48.10
N THR B 690 -14.03 -5.12 47.81
CA THR B 690 -14.76 -3.99 48.36
C THR B 690 -16.12 -3.88 47.69
N THR B 691 -17.16 -3.67 48.49
CA THR B 691 -18.52 -3.53 47.98
C THR B 691 -18.94 -2.06 48.03
N LEU B 692 -20.14 -1.79 47.52
CA LEU B 692 -20.70 -0.45 47.59
C LEU B 692 -20.99 -0.01 49.02
N ASP B 693 -21.01 -0.95 49.97
CA ASP B 693 -21.29 -0.63 51.35
C ASP B 693 -20.12 0.05 52.05
N ALA B 694 -18.94 0.06 51.44
CA ALA B 694 -17.76 0.70 52.00
C ALA B 694 -17.45 1.97 51.22
N VAL B 695 -17.03 3.02 51.93
CA VAL B 695 -16.67 4.29 51.32
C VAL B 695 -15.16 4.38 51.26
N LEU B 696 -14.64 4.89 50.14
CA LEU B 696 -13.21 5.11 49.98
C LEU B 696 -13.03 6.44 49.27
N PRO B 697 -12.89 7.53 50.04
CA PRO B 697 -12.73 8.85 49.41
C PRO B 697 -11.60 8.82 48.38
N VAL B 698 -11.86 9.42 47.23
CA VAL B 698 -10.88 9.39 46.15
C VAL B 698 -9.64 10.17 46.56
N ASP B 699 -8.49 9.53 46.42
CA ASP B 699 -7.20 10.11 46.82
C ASP B 699 -6.63 10.91 45.64
N ARG B 700 -7.19 12.09 45.42
CA ARG B 700 -6.75 12.88 44.28
C ARG B 700 -5.32 13.36 44.43
N SER B 701 -4.87 13.61 45.68
CA SER B 701 -3.47 13.97 45.89
C SER B 701 -2.54 12.90 45.34
N GLY B 702 -2.76 11.65 45.74
CA GLY B 702 -1.97 10.56 45.18
C GLY B 702 -2.22 10.36 43.70
N GLY B 703 -3.47 10.49 43.27
CA GLY B 703 -3.78 10.36 41.85
C GLY B 703 -2.99 11.34 41.00
N LEU B 704 -2.83 12.58 41.49
CA LEU B 704 -1.97 13.53 40.79
C LEU B 704 -0.52 13.05 40.78
N ALA B 705 -0.03 12.58 41.93
CA ALA B 705 1.33 12.06 42.02
C ALA B 705 1.52 10.84 41.13
N GLU B 706 0.53 9.95 41.09
CA GLU B 706 0.66 8.75 40.28
C GLU B 706 0.82 9.10 38.81
N TYR B 707 0.11 10.11 38.34
CA TYR B 707 0.21 10.49 36.94
C TYR B 707 1.59 11.06 36.64
N ALA B 708 2.14 11.85 37.57
CA ALA B 708 3.46 12.43 37.36
C ALA B 708 4.54 11.36 37.34
N ALA B 709 4.33 10.26 38.04
CA ALA B 709 5.32 9.18 38.15
C ALA B 709 5.11 8.06 37.14
N ALA B 710 4.15 8.21 36.23
CA ALA B 710 3.86 7.12 35.29
C ALA B 710 5.03 6.88 34.34
N GLU B 711 5.35 5.61 34.13
CA GLU B 711 6.38 5.24 33.16
C GLU B 711 5.93 5.62 31.76
N THR B 712 6.86 6.10 30.96
CA THR B 712 6.52 6.37 29.57
C THR B 712 6.54 5.07 28.77
N PRO B 713 5.70 4.96 27.74
CA PRO B 713 5.75 3.77 26.88
C PRO B 713 7.14 3.48 26.34
N ALA B 714 7.90 4.52 25.96
CA ALA B 714 9.26 4.30 25.48
C ALA B 714 10.10 3.61 26.55
N ALA B 715 10.05 4.10 27.78
CA ALA B 715 10.78 3.45 28.86
C ALA B 715 10.31 2.00 29.05
N ALA B 716 9.00 1.78 29.03
CA ALA B 716 8.49 0.43 29.27
C ALA B 716 8.97 -0.54 28.19
N ARG B 717 9.04 -0.08 26.94
CA ARG B 717 9.54 -0.94 25.87
C ARG B 717 11.00 -1.31 26.12
N ALA B 718 11.80 -0.33 26.54
CA ALA B 718 13.20 -0.61 26.85
C ALA B 718 13.30 -1.62 27.99
N ARG B 719 12.50 -1.44 29.04
CA ARG B 719 12.55 -2.34 30.18
C ARG B 719 12.21 -3.77 29.76
N LEU B 720 11.20 -3.94 28.92
CA LEU B 720 10.83 -5.27 28.46
C LEU B 720 11.93 -5.90 27.62
N LYS B 721 12.57 -5.11 26.76
CA LYS B 721 13.62 -5.66 25.89
C LYS B 721 14.75 -6.25 26.72
N SER B 722 15.08 -5.63 27.86
CA SER B 722 16.20 -6.10 28.67
C SER B 722 15.93 -7.46 29.31
N SER B 723 14.68 -7.90 29.32
CA SER B 723 14.34 -9.23 29.81
C SER B 723 13.90 -10.13 28.65
N ALA B 724 14.76 -10.31 27.65
CA ALA B 724 14.41 -11.17 26.53
C ALA B 724 15.65 -11.66 25.78
N GLN C 25 -7.00 6.17 -7.43
CA GLN C 25 -8.11 5.94 -6.51
C GLN C 25 -8.34 7.16 -5.61
N ILE C 26 -7.45 7.37 -4.64
CA ILE C 26 -7.67 8.39 -3.61
C ILE C 26 -6.98 9.70 -3.97
N SER C 27 -6.42 9.78 -5.18
CA SER C 27 -5.57 10.92 -5.53
C SER C 27 -6.33 12.11 -6.08
N MET C 28 -7.49 11.90 -6.70
CA MET C 28 -8.18 13.01 -7.37
C MET C 28 -8.66 14.04 -6.35
N ARG C 29 -9.00 15.23 -6.86
CA ARG C 29 -9.37 16.36 -6.02
C ARG C 29 -10.70 16.11 -5.31
N LEU C 30 -10.82 16.69 -4.12
CA LEU C 30 -12.09 16.72 -3.39
C LEU C 30 -12.90 17.97 -3.72
N TYR C 31 -12.21 19.11 -3.92
CA TYR C 31 -12.85 20.41 -4.05
C TYR C 31 -12.86 20.86 -5.50
N SER C 32 -13.97 21.48 -5.91
CA SER C 32 -14.13 21.94 -7.28
C SER C 32 -13.38 23.24 -7.52
N ASN C 33 -12.88 23.40 -8.74
CA ASN C 33 -12.30 24.67 -9.16
C ASN C 33 -13.28 25.51 -9.94
N ARG C 34 -14.58 25.25 -9.79
CA ARG C 34 -15.58 25.92 -10.62
C ARG C 34 -15.55 27.43 -10.43
N ASP C 35 -15.13 27.91 -9.27
CA ASP C 35 -15.06 29.34 -9.00
C ASP C 35 -13.64 29.89 -9.10
N ARG C 36 -12.71 29.13 -9.66
CA ARG C 36 -11.32 29.54 -9.72
C ARG C 36 -10.99 30.02 -11.13
N PRO C 37 -10.64 31.29 -11.32
CA PRO C 37 -10.25 31.76 -12.66
C PRO C 37 -9.07 30.97 -13.19
N ASN C 38 -9.09 30.74 -14.51
CA ASN C 38 -8.06 29.89 -15.11
C ASN C 38 -6.67 30.45 -14.90
N HIS C 39 -6.51 31.78 -14.83
CA HIS C 39 -5.17 32.34 -14.77
C HIS C 39 -4.48 32.02 -13.44
N LEU C 40 -5.23 31.62 -12.42
CA LEU C 40 -4.60 31.22 -11.17
C LEU C 40 -3.95 29.85 -11.26
N GLY C 41 -4.30 29.07 -12.29
CA GLY C 41 -3.68 27.78 -12.51
C GLY C 41 -4.13 26.74 -11.50
N PRO C 42 -3.57 25.53 -11.62
CA PRO C 42 -3.97 24.44 -10.71
C PRO C 42 -3.28 24.48 -9.36
N LEU C 43 -2.27 25.33 -9.18
CA LEU C 43 -1.50 25.38 -7.95
C LEU C 43 -1.85 26.63 -7.16
N ALA C 44 -1.77 26.52 -5.83
CA ALA C 44 -2.10 27.62 -4.94
C ALA C 44 -0.95 28.60 -4.86
N LEU C 45 -0.49 29.10 -6.01
CA LEU C 45 0.63 30.03 -6.02
C LEU C 45 0.31 31.32 -5.27
N GLU C 46 -0.96 31.69 -5.21
CA GLU C 46 -1.33 32.90 -4.49
C GLU C 46 -1.24 32.74 -2.98
N ARG C 47 -0.93 31.55 -2.48
CA ARG C 47 -0.72 31.33 -1.06
C ARG C 47 0.76 31.18 -0.70
N LEU C 48 1.66 31.48 -1.63
CA LEU C 48 3.09 31.39 -1.35
C LEU C 48 3.59 32.73 -0.83
N ALA C 49 4.60 32.67 0.04
CA ALA C 49 5.19 33.87 0.61
C ALA C 49 6.00 34.61 -0.45
N ARG C 50 5.67 35.87 -0.67
CA ARG C 50 6.34 36.69 -1.68
C ARG C 50 6.83 38.00 -1.07
N VAL C 51 7.86 38.56 -1.69
CA VAL C 51 8.46 39.82 -1.28
C VAL C 51 8.54 40.73 -2.49
N ASP C 52 8.86 42.01 -2.25
CA ASP C 52 8.80 43.00 -3.32
C ASP C 52 9.98 42.86 -4.28
N ASP C 53 11.18 42.62 -3.76
CA ASP C 53 12.38 42.54 -4.58
C ASP C 53 13.28 41.44 -4.05
N VAL C 54 14.15 40.94 -4.93
CA VAL C 54 15.09 39.89 -4.56
C VAL C 54 16.40 40.12 -5.31
N VAL C 55 17.52 40.01 -4.59
CA VAL C 55 18.83 40.23 -5.19
C VAL C 55 19.17 39.05 -6.10
N ALA C 56 19.70 39.35 -7.28
CA ALA C 56 20.02 38.31 -8.23
C ALA C 56 21.11 37.39 -7.68
N GLN C 57 20.90 36.09 -7.84
CA GLN C 57 21.87 35.05 -7.53
C GLN C 57 22.19 34.30 -8.82
N PRO C 58 23.43 33.82 -8.99
CA PRO C 58 23.72 32.95 -10.13
C PRO C 58 22.93 31.65 -9.97
N ALA C 59 22.42 31.13 -11.08
CA ALA C 59 21.55 29.96 -10.97
C ALA C 59 21.34 29.33 -12.34
N ARG C 60 21.37 28.00 -12.37
CA ARG C 60 21.06 27.24 -13.56
C ARG C 60 19.74 26.49 -13.37
N GLN C 61 19.20 26.00 -14.49
CA GLN C 61 17.97 25.20 -14.44
C GLN C 61 18.26 23.79 -13.96
N PRO C 62 17.25 23.09 -13.45
CA PRO C 62 17.43 21.67 -13.13
C PRO C 62 17.85 20.90 -14.36
N GLU C 63 18.72 19.92 -14.17
CA GLU C 63 19.16 19.02 -15.23
C GLU C 63 18.82 17.60 -14.84
N ASP C 64 18.98 16.67 -15.79
CA ASP C 64 18.73 15.28 -15.47
C ASP C 64 19.80 14.75 -14.53
N GLY C 65 19.43 13.71 -13.77
CA GLY C 65 20.39 13.09 -12.88
C GLY C 65 21.40 12.25 -13.64
N PHE C 66 20.92 11.33 -14.47
CA PHE C 66 21.77 10.43 -15.22
C PHE C 66 21.85 10.86 -16.69
N ALA C 67 22.82 10.28 -17.39
CA ALA C 67 23.07 10.61 -18.79
C ALA C 67 22.22 9.74 -19.71
N ALA C 68 21.76 10.33 -20.81
CA ALA C 68 20.96 9.61 -21.78
C ALA C 68 21.85 8.74 -22.67
N SER C 69 21.35 7.55 -22.99
CA SER C 69 22.10 6.60 -23.81
C SER C 69 21.70 6.70 -25.28
N GLU C 70 22.57 6.21 -26.15
CA GLU C 70 22.28 6.19 -27.58
C GLU C 70 20.97 5.48 -27.88
N ASP C 71 20.46 4.68 -26.94
CA ASP C 71 19.19 3.98 -27.06
C ASP C 71 17.97 4.86 -26.86
N SER C 72 18.11 6.19 -26.81
CA SER C 72 17.10 7.01 -26.15
C SER C 72 16.50 8.08 -27.07
N LEU C 73 15.34 8.58 -26.63
CA LEU C 73 14.58 9.63 -27.33
C LEU C 73 15.39 10.88 -27.62
N LEU C 74 16.54 11.07 -26.97
CA LEU C 74 17.12 12.42 -26.88
C LEU C 74 17.18 13.11 -28.23
N GLY C 75 17.61 12.41 -29.27
CA GLY C 75 17.70 13.04 -30.58
C GLY C 75 16.36 13.57 -31.07
N ASP C 76 15.30 12.79 -30.87
CA ASP C 76 13.98 13.19 -31.36
C ASP C 76 13.48 14.44 -30.67
N VAL C 77 13.47 14.45 -29.33
CA VAL C 77 13.00 15.63 -28.62
C VAL C 77 13.86 16.84 -28.97
N GLU C 78 15.12 16.61 -29.34
CA GLU C 78 15.96 17.72 -29.77
C GLU C 78 15.59 18.19 -31.17
N GLU C 79 15.27 17.25 -32.06
CA GLU C 79 14.87 17.64 -33.42
C GLU C 79 13.59 18.45 -33.42
N TYR C 80 12.59 18.00 -32.64
CA TYR C 80 11.34 18.75 -32.55
C TYR C 80 11.54 20.07 -31.82
N ALA C 81 12.42 20.08 -30.80
CA ALA C 81 12.76 21.34 -30.15
C ALA C 81 13.38 22.33 -31.12
N ARG C 82 14.26 21.84 -32.01
CA ARG C 82 14.82 22.71 -33.03
C ARG C 82 13.74 23.19 -34.00
N LEU C 83 12.81 22.31 -34.35
CA LEU C 83 11.71 22.71 -35.23
C LEU C 83 10.92 23.85 -34.63
N PHE C 84 10.43 23.68 -33.41
CA PHE C 84 9.63 24.72 -32.77
C PHE C 84 10.41 26.02 -32.61
N THR C 85 11.74 25.91 -32.48
CA THR C 85 12.58 27.10 -32.40
C THR C 85 12.34 28.03 -33.59
N ARG C 86 12.06 27.46 -34.76
CA ARG C 86 11.83 28.26 -35.95
C ARG C 86 10.72 29.28 -35.77
N PHE C 87 9.88 29.13 -34.75
CA PHE C 87 8.70 29.97 -34.60
C PHE C 87 8.70 30.75 -33.30
N LEU C 88 9.83 30.76 -32.57
CA LEU C 88 9.96 31.66 -31.44
C LEU C 88 9.81 33.11 -31.84
N ASP C 89 10.00 33.44 -33.12
CA ASP C 89 9.80 34.78 -33.64
C ASP C 89 9.21 34.69 -35.03
N GLY C 90 8.49 35.72 -35.42
CA GLY C 90 7.83 35.74 -36.71
C GLY C 90 7.28 37.11 -37.04
N PRO C 91 6.43 37.16 -38.07
CA PRO C 91 5.81 38.43 -38.44
C PRO C 91 4.84 38.92 -37.38
N VAL C 92 4.66 40.24 -37.32
CA VAL C 92 3.74 40.88 -36.40
C VAL C 92 2.60 41.47 -37.22
N ALA C 93 1.37 41.09 -36.89
CA ALA C 93 0.21 41.59 -37.61
C ALA C 93 -0.01 43.08 -37.32
N PRO C 94 -0.79 43.75 -38.15
CA PRO C 94 -1.15 45.14 -37.85
C PRO C 94 -1.92 45.22 -36.55
N LEU C 95 -1.56 46.22 -35.73
CA LEU C 95 -2.32 46.46 -34.52
C LEU C 95 -3.76 46.85 -34.86
N GLY C 96 -4.70 46.29 -34.10
CA GLY C 96 -6.09 46.36 -34.43
C GLY C 96 -6.91 47.16 -33.43
N ASP C 97 -8.23 46.98 -33.52
CA ASP C 97 -9.20 47.85 -32.88
C ASP C 97 -9.57 47.40 -31.46
N ALA C 98 -9.31 46.14 -31.11
CA ALA C 98 -10.01 45.53 -29.98
C ALA C 98 -9.10 44.64 -29.14
N ILE C 99 -7.88 45.10 -28.86
CA ILE C 99 -6.99 44.43 -27.93
C ILE C 99 -7.10 45.14 -26.59
N PRO C 100 -7.64 44.50 -25.55
CA PRO C 100 -7.87 45.20 -24.28
C PRO C 100 -6.62 45.90 -23.75
N ASP C 101 -6.84 47.00 -23.03
CA ASP C 101 -5.76 47.87 -22.58
C ASP C 101 -5.24 47.47 -21.20
N ASP C 102 -6.13 47.29 -20.24
CA ASP C 102 -5.81 46.99 -18.85
C ASP C 102 -4.74 45.91 -18.76
N PRO C 103 -3.51 46.26 -18.35
CA PRO C 103 -2.46 45.23 -18.26
C PRO C 103 -2.71 44.19 -17.18
N ALA C 104 -3.68 44.41 -16.29
CA ALA C 104 -4.11 43.33 -15.42
C ALA C 104 -4.89 42.28 -16.20
N ARG C 105 -5.80 42.73 -17.07
CA ARG C 105 -6.54 41.77 -17.90
C ARG C 105 -5.60 41.07 -18.87
N ARG C 106 -4.66 41.81 -19.46
CA ARG C 106 -3.71 41.19 -20.38
C ARG C 106 -2.93 40.08 -19.69
N ALA C 107 -2.47 40.33 -18.46
CA ALA C 107 -1.69 39.33 -17.74
C ALA C 107 -2.51 38.09 -17.44
N GLU C 108 -3.77 38.27 -17.05
CA GLU C 108 -4.63 37.13 -16.76
C GLU C 108 -4.86 36.29 -18.01
N ASN C 109 -5.21 36.95 -19.13
CA ASN C 109 -5.46 36.22 -20.36
C ASN C 109 -4.22 35.47 -20.83
N LEU C 110 -3.04 36.07 -20.65
CA LEU C 110 -1.81 35.42 -21.10
C LEU C 110 -1.43 34.27 -20.18
N LYS C 111 -1.63 34.44 -18.87
CA LYS C 111 -1.44 33.33 -17.94
C LYS C 111 -2.43 32.20 -18.22
N ALA C 112 -3.72 32.54 -18.30
CA ALA C 112 -4.72 31.54 -18.67
C ALA C 112 -4.33 30.84 -19.95
N SER C 113 -3.83 31.59 -20.94
CA SER C 113 -3.37 31.00 -22.18
C SER C 113 -2.26 29.99 -21.93
N ALA C 114 -1.33 30.31 -21.04
CA ALA C 114 -0.18 29.44 -20.83
C ALA C 114 -0.58 28.17 -20.11
N TYR C 115 -1.49 28.26 -19.13
CA TYR C 115 -1.94 27.05 -18.46
C TYR C 115 -2.74 26.17 -19.41
N PHE C 116 -3.59 26.79 -20.24
CA PHE C 116 -4.31 26.04 -21.27
C PHE C 116 -3.38 25.16 -22.07
N LEU C 117 -2.16 25.63 -22.33
CA LEU C 117 -1.16 24.87 -23.06
C LEU C 117 -0.35 23.94 -22.17
N ASP C 118 -0.64 23.93 -20.86
CA ASP C 118 -0.05 22.96 -19.94
C ASP C 118 1.28 23.44 -19.37
N ALA C 119 1.46 24.75 -19.26
CA ALA C 119 2.49 25.27 -18.38
C ALA C 119 2.20 24.80 -16.96
N SER C 120 3.23 24.32 -16.27
CA SER C 120 3.08 23.88 -14.89
C SER C 120 2.95 25.05 -13.93
N MET C 121 3.58 26.18 -14.25
CA MET C 121 3.63 27.35 -13.38
C MET C 121 3.94 28.55 -14.25
N VAL C 122 3.25 29.67 -13.99
CA VAL C 122 3.34 30.84 -14.85
C VAL C 122 3.51 32.08 -13.99
N GLY C 123 4.34 33.01 -14.46
CA GLY C 123 4.57 34.27 -13.78
C GLY C 123 4.95 35.36 -14.77
N ILE C 124 4.91 36.60 -14.28
CA ILE C 124 5.20 37.78 -15.10
C ILE C 124 6.11 38.72 -14.32
N CYS C 125 6.99 39.40 -15.05
CA CYS C 125 7.93 40.34 -14.45
C CYS C 125 8.38 41.32 -15.51
N ARG C 126 8.84 42.49 -15.04
CA ARG C 126 9.30 43.55 -15.93
C ARG C 126 10.75 43.33 -16.31
N LEU C 127 11.08 43.62 -17.57
CA LEU C 127 12.46 43.53 -18.03
C LEU C 127 13.21 44.83 -17.73
N ASP C 128 14.48 44.70 -17.38
CA ASP C 128 15.38 45.84 -17.26
C ASP C 128 16.46 45.78 -18.33
N PRO C 129 17.22 46.87 -18.49
CA PRO C 129 18.41 46.90 -19.36
C PRO C 129 19.37 45.73 -19.10
N GLY C 134 21.62 43.85 -24.33
CA GLY C 134 21.44 42.45 -24.63
C GLY C 134 21.06 42.19 -26.07
N ASP C 135 21.04 40.92 -26.46
CA ASP C 135 20.74 40.55 -27.83
C ASP C 135 19.24 40.68 -28.14
N CYS C 136 18.41 40.81 -27.12
CA CYS C 136 16.97 40.82 -27.28
C CYS C 136 16.50 42.09 -27.97
N ASP C 137 15.30 42.01 -28.55
CA ASP C 137 14.65 43.20 -29.11
C ASP C 137 14.63 44.30 -28.05
N PRO C 138 15.02 45.53 -28.40
CA PRO C 138 15.09 46.58 -27.37
C PRO C 138 13.74 47.13 -26.93
N SER C 139 12.68 46.92 -27.70
CA SER C 139 11.38 47.43 -27.31
C SER C 139 10.67 46.56 -26.29
N HIS C 140 11.22 45.38 -25.97
CA HIS C 140 10.53 44.44 -25.10
C HIS C 140 10.70 44.87 -23.64
N THR C 141 9.57 44.98 -22.93
CA THR C 141 9.52 45.54 -21.60
C THR C 141 8.95 44.61 -20.54
N HIS C 142 8.34 43.50 -20.93
CA HIS C 142 7.77 42.55 -19.98
C HIS C 142 8.11 41.13 -20.41
N ALA C 143 8.01 40.21 -19.46
CA ALA C 143 8.39 38.82 -19.70
C ALA C 143 7.33 37.91 -19.08
N LEU C 144 6.65 37.13 -19.92
CA LEU C 144 5.84 36.02 -19.45
C LEU C 144 6.75 34.83 -19.22
N VAL C 145 6.91 34.43 -17.97
CA VAL C 145 7.79 33.33 -17.59
C VAL C 145 6.93 32.16 -17.15
N PHE C 146 7.13 31.01 -17.79
CA PHE C 146 6.42 29.79 -17.44
C PHE C 146 7.41 28.66 -17.24
N ALA C 147 7.00 27.66 -16.47
CA ALA C 147 7.79 26.46 -16.25
C ALA C 147 6.95 25.24 -16.59
N VAL C 148 7.62 24.21 -17.08
CA VAL C 148 7.00 22.91 -17.36
C VAL C 148 7.73 21.88 -16.51
N GLN C 149 7.00 21.20 -15.63
CA GLN C 149 7.66 20.27 -14.74
C GLN C 149 8.16 19.05 -15.51
N PHE C 150 9.26 18.47 -15.02
CA PHE C 150 9.76 17.24 -15.60
C PHE C 150 8.66 16.19 -15.63
N GLY C 151 8.74 15.29 -16.60
CA GLY C 151 7.80 14.20 -16.67
C GLY C 151 8.20 13.04 -15.77
N ARG C 152 7.25 12.16 -15.52
CA ARG C 152 7.55 10.94 -14.77
C ARG C 152 8.31 9.97 -15.67
N GLU C 153 9.28 9.28 -15.08
CA GLU C 153 10.00 8.27 -15.84
C GLU C 153 9.74 6.89 -15.26
N PRO C 154 9.80 5.83 -16.07
CA PRO C 154 9.65 4.48 -15.53
C PRO C 154 10.71 4.21 -14.48
N GLU C 155 10.39 3.31 -13.55
CA GLU C 155 11.34 2.92 -12.53
C GLU C 155 12.44 2.06 -13.13
N ALA C 156 13.49 1.82 -12.34
CA ALA C 156 14.61 1.03 -12.82
C ALA C 156 14.14 -0.35 -13.30
N GLY C 157 14.58 -0.72 -14.49
CA GLY C 157 14.22 -2.02 -15.04
C GLY C 157 12.80 -2.12 -15.56
N GLU C 158 12.01 -1.07 -15.46
CA GLU C 158 10.67 -1.09 -16.03
C GLU C 158 10.76 -0.96 -17.55
N ALA C 159 9.74 -1.50 -18.22
CA ALA C 159 9.71 -1.47 -19.68
C ALA C 159 9.96 -0.04 -20.20
N GLY C 160 10.98 0.10 -21.04
CA GLY C 160 11.24 1.36 -21.70
C GLY C 160 12.08 2.36 -20.92
N ALA C 161 12.59 1.97 -19.75
CA ALA C 161 13.40 2.89 -18.96
C ALA C 161 14.60 3.40 -19.74
N GLU C 162 15.25 2.51 -20.51
CA GLU C 162 16.39 2.91 -21.32
C GLU C 162 16.01 4.03 -22.31
N TRP C 163 14.78 4.00 -22.82
CA TRP C 163 14.35 4.98 -23.81
C TRP C 163 14.22 6.38 -23.21
N ILE C 164 13.98 6.47 -21.90
CA ILE C 164 13.54 7.70 -21.28
C ILE C 164 14.62 8.30 -20.38
N ARG C 165 15.37 7.47 -19.67
CA ARG C 165 16.36 7.96 -18.71
C ARG C 165 17.29 8.98 -19.36
N GLY C 166 17.38 10.15 -18.74
CA GLY C 166 18.31 11.17 -19.17
C GLY C 166 17.81 12.13 -20.23
N THR C 167 16.52 12.09 -20.56
CA THR C 167 15.96 12.92 -21.61
C THR C 167 15.05 14.03 -21.09
N ASN C 168 14.80 14.08 -19.77
CA ASN C 168 13.73 14.93 -19.26
C ASN C 168 14.00 16.40 -19.57
N ALA C 169 15.22 16.87 -19.33
CA ALA C 169 15.50 18.29 -19.57
C ALA C 169 15.27 18.66 -21.03
N ALA C 170 15.60 17.75 -21.95
CA ALA C 170 15.36 18.00 -23.37
C ALA C 170 13.88 17.84 -23.70
N ARG C 171 13.30 16.70 -23.32
CA ARG C 171 11.86 16.51 -23.48
C ARG C 171 11.08 17.69 -22.92
N THR C 172 11.46 18.14 -21.71
CA THR C 172 10.78 19.29 -21.12
C THR C 172 11.06 20.56 -21.92
N ASP C 173 12.30 20.74 -22.38
CA ASP C 173 12.64 21.91 -23.17
C ASP C 173 11.84 21.94 -24.47
N MET C 174 11.64 20.78 -25.10
CA MET C 174 10.81 20.71 -26.29
C MET C 174 9.43 21.32 -26.02
N ARG C 175 8.82 20.93 -24.90
CA ARG C 175 7.52 21.46 -24.53
C ARG C 175 7.59 22.97 -24.26
N CYS C 176 8.63 23.41 -23.55
CA CYS C 176 8.80 24.84 -23.32
C CYS C 176 8.86 25.61 -24.64
N ALA C 177 9.64 25.10 -25.60
CA ALA C 177 9.76 25.77 -26.89
C ALA C 177 8.44 25.75 -27.64
N GLU C 178 7.72 24.62 -27.60
CA GLU C 178 6.38 24.56 -28.16
C GLU C 178 5.51 25.68 -27.61
N ILE C 179 5.37 25.72 -26.28
CA ILE C 179 4.52 26.72 -25.66
C ILE C 179 5.01 28.13 -25.97
N ALA C 180 6.32 28.37 -25.86
CA ALA C 180 6.85 29.70 -26.11
C ALA C 180 6.58 30.15 -27.54
N ALA C 181 6.68 29.22 -28.50
CA ALA C 181 6.44 29.58 -29.89
C ALA C 181 4.97 29.89 -30.13
N ILE C 182 4.08 29.17 -29.46
CA ILE C 182 2.65 29.41 -29.63
C ILE C 182 2.24 30.72 -28.96
N LEU C 183 2.68 30.93 -27.71
CA LEU C 183 2.30 32.13 -26.99
C LEU C 183 2.85 33.38 -27.65
N SER C 184 4.10 33.33 -28.11
CA SER C 184 4.68 34.47 -28.81
C SER C 184 3.89 34.77 -30.07
N GLY C 185 3.65 33.75 -30.89
CA GLY C 185 2.89 33.96 -32.12
C GLY C 185 1.49 34.48 -31.86
N TYR C 186 0.86 34.04 -30.77
CA TYR C 186 -0.42 34.58 -30.36
C TYR C 186 -0.32 36.09 -30.13
N VAL C 187 0.68 36.52 -29.37
CA VAL C 187 0.84 37.94 -29.07
C VAL C 187 1.16 38.72 -30.34
N ARG C 188 1.97 38.15 -31.22
CA ARG C 188 2.28 38.84 -32.48
C ARG C 188 1.04 39.05 -33.31
N TRP C 189 0.15 38.06 -33.37
CA TRP C 189 -1.08 38.21 -34.14
C TRP C 189 -2.03 39.24 -33.54
N MET C 190 -1.88 39.56 -32.26
CA MET C 190 -2.61 40.68 -31.68
C MET C 190 -1.96 42.02 -31.97
N GLY C 191 -0.85 42.03 -32.72
CA GLY C 191 -0.24 43.26 -33.17
C GLY C 191 1.01 43.70 -32.43
N PHE C 192 1.46 42.93 -31.44
CA PHE C 192 2.59 43.35 -30.62
C PHE C 192 3.81 42.48 -30.92
N PRO C 193 4.97 43.08 -31.16
CA PRO C 193 6.20 42.28 -31.29
C PRO C 193 6.44 41.47 -30.02
N ALA C 194 6.68 40.17 -30.21
CA ALA C 194 6.95 39.27 -29.11
C ALA C 194 7.86 38.15 -29.60
N ARG C 195 8.68 37.64 -28.68
CA ARG C 195 9.62 36.58 -29.02
C ARG C 195 9.71 35.60 -27.86
N GLY C 196 9.61 34.32 -28.16
CA GLY C 196 9.75 33.29 -27.15
C GLY C 196 11.19 32.81 -27.01
N HIS C 197 11.55 32.48 -25.77
CA HIS C 197 12.89 32.02 -25.44
C HIS C 197 12.80 30.71 -24.67
N PHE C 198 13.82 29.86 -24.86
CA PHE C 198 13.96 28.66 -24.05
C PHE C 198 15.44 28.27 -24.06
N SER C 199 15.76 27.18 -23.36
CA SER C 199 17.16 26.84 -23.14
C SER C 199 17.94 26.63 -24.44
N GLY C 200 17.24 26.33 -25.54
CA GLY C 200 17.93 26.15 -26.81
C GLY C 200 18.05 27.38 -27.67
N ASP C 201 17.34 28.46 -27.31
CA ASP C 201 17.39 29.69 -28.09
C ASP C 201 16.78 30.80 -27.21
N ALA C 202 17.64 31.50 -26.49
CA ALA C 202 17.20 32.52 -25.56
C ALA C 202 18.07 33.76 -25.69
N GLN C 203 17.43 34.92 -25.68
CA GLN C 203 18.11 36.20 -25.68
C GLN C 203 18.11 36.87 -24.30
N VAL C 204 17.50 36.23 -23.30
CA VAL C 204 17.44 36.75 -21.95
C VAL C 204 17.89 35.66 -20.99
N ASP C 205 18.20 36.07 -19.75
CA ASP C 205 18.64 35.14 -18.72
C ASP C 205 17.40 34.47 -18.14
N LEU C 206 17.17 33.21 -18.53
CA LEU C 206 15.95 32.51 -18.13
C LEU C 206 15.86 32.40 -16.62
N ALA C 207 16.90 31.86 -15.98
CA ALA C 207 16.87 31.68 -14.53
C ALA C 207 16.61 33.00 -13.82
N ARG C 208 17.36 34.05 -14.18
CA ARG C 208 17.17 35.34 -13.53
C ARG C 208 15.73 35.80 -13.65
N LEU C 209 15.11 35.57 -14.81
CA LEU C 209 13.73 36.00 -15.01
C LEU C 209 12.75 35.14 -14.21
N ALA C 210 12.95 33.82 -14.20
CA ALA C 210 12.08 32.96 -13.41
C ALA C 210 12.06 33.39 -11.96
N VAL C 211 13.21 33.79 -11.42
CA VAL C 211 13.27 34.24 -10.03
C VAL C 211 12.53 35.56 -9.88
N ARG C 212 12.78 36.53 -10.77
CA ARG C 212 12.14 37.83 -10.63
C ARG C 212 10.64 37.74 -10.85
N ALA C 213 10.18 36.76 -11.63
CA ALA C 213 8.75 36.64 -11.93
C ALA C 213 7.97 35.94 -10.82
N GLY C 214 8.65 35.28 -9.89
CA GLY C 214 8.02 34.62 -8.78
C GLY C 214 7.86 33.12 -8.88
N LEU C 215 8.64 32.45 -9.73
CA LEU C 215 8.46 31.02 -9.96
C LEU C 215 9.43 30.13 -9.19
N ALA C 216 10.66 30.60 -8.96
CA ALA C 216 11.69 29.76 -8.37
C ALA C 216 12.54 30.56 -7.41
N ARG C 217 13.18 29.82 -6.50
CA ARG C 217 14.24 30.33 -5.64
C ARG C 217 15.52 29.59 -5.99
N VAL C 218 16.65 30.17 -5.56
CA VAL C 218 17.95 29.59 -5.81
C VAL C 218 18.38 28.77 -4.60
N VAL C 219 18.93 27.59 -4.85
CA VAL C 219 19.43 26.72 -3.79
C VAL C 219 20.70 26.03 -4.28
N ASP C 220 21.85 26.42 -3.73
CA ASP C 220 23.15 25.89 -4.16
C ASP C 220 23.31 26.03 -5.67
N GLY C 221 23.13 27.25 -6.16
CA GLY C 221 23.32 27.56 -7.56
C GLY C 221 22.28 27.01 -8.51
N VAL C 222 21.28 26.29 -8.00
CA VAL C 222 20.26 25.69 -8.86
C VAL C 222 18.90 26.31 -8.52
N LEU C 223 18.07 26.44 -9.55
CA LEU C 223 16.69 26.89 -9.37
C LEU C 223 15.85 25.77 -8.78
N VAL C 224 15.06 26.08 -7.77
CA VAL C 224 14.09 25.16 -7.20
C VAL C 224 12.77 25.88 -7.05
N ALA C 225 11.69 25.29 -7.56
CA ALA C 225 10.40 25.96 -7.60
C ALA C 225 9.38 25.17 -6.79
N PRO C 226 8.52 25.85 -6.03
CA PRO C 226 7.56 25.14 -5.18
C PRO C 226 6.63 24.26 -6.00
N PHE C 227 6.27 23.12 -5.41
CA PHE C 227 5.31 22.18 -6.00
C PHE C 227 5.95 21.29 -7.06
N LEU C 228 6.97 21.80 -7.76
CA LEU C 228 7.57 21.06 -8.87
C LEU C 228 8.75 20.22 -8.38
N ARG C 229 8.41 19.18 -7.62
CA ARG C 229 9.44 18.42 -6.91
C ARG C 229 10.38 17.69 -7.86
N ARG C 230 9.87 17.23 -8.99
CA ARG C 230 10.65 16.37 -9.87
C ARG C 230 11.45 17.15 -10.92
N GLY C 231 11.63 18.46 -10.73
CA GLY C 231 12.38 19.28 -11.66
C GLY C 231 11.49 19.94 -12.71
N PHE C 232 12.11 20.82 -13.49
CA PHE C 232 11.37 21.60 -14.47
C PHE C 232 12.35 22.28 -15.42
N ARG C 233 11.80 22.84 -16.49
CA ARG C 233 12.53 23.68 -17.42
C ARG C 233 11.72 24.96 -17.66
N LEU C 234 12.36 25.94 -18.29
CA LEU C 234 11.81 27.28 -18.40
C LEU C 234 11.57 27.67 -19.85
N GLY C 235 10.48 28.41 -20.07
CA GLY C 235 10.26 29.10 -21.32
C GLY C 235 9.79 30.52 -21.02
N VAL C 236 9.99 31.41 -21.99
CA VAL C 236 9.74 32.82 -21.77
C VAL C 236 9.30 33.49 -23.07
N VAL C 237 8.42 34.47 -22.94
CA VAL C 237 8.01 35.34 -24.04
C VAL C 237 8.23 36.77 -23.58
N THR C 238 9.03 37.51 -24.35
CA THR C 238 9.28 38.92 -24.10
C THR C 238 8.53 39.76 -25.12
N THR C 239 8.02 40.91 -24.68
CA THR C 239 7.17 41.71 -25.56
C THR C 239 6.99 43.10 -24.97
N GLY C 240 6.73 44.07 -25.84
CA GLY C 240 6.29 45.38 -25.39
C GLY C 240 4.85 45.41 -24.92
N TYR C 241 4.07 44.39 -25.29
CA TYR C 241 2.72 44.16 -24.81
C TYR C 241 2.66 44.21 -23.28
N ALA C 242 2.41 45.40 -22.74
CA ALA C 242 2.58 45.64 -21.31
C ALA C 242 1.64 44.76 -20.49
N LEU C 243 2.21 44.12 -19.45
CA LEU C 243 1.50 43.18 -18.60
C LEU C 243 1.69 43.53 -17.14
N ALA C 244 0.64 43.37 -16.34
CA ALA C 244 0.79 43.45 -14.90
C ALA C 244 1.83 42.45 -14.43
N ALA C 245 2.72 42.89 -13.55
CA ALA C 245 3.82 42.05 -13.07
C ALA C 245 3.49 41.44 -11.72
N ASP C 246 4.24 40.41 -11.37
CA ASP C 246 4.09 39.69 -10.11
C ASP C 246 5.24 40.05 -9.16
N ARG C 247 5.16 39.54 -7.93
CA ARG C 247 6.22 39.73 -6.96
C ARG C 247 6.98 38.43 -6.74
N PRO C 248 8.28 38.49 -6.49
CA PRO C 248 9.07 37.26 -6.33
C PRO C 248 8.77 36.56 -5.01
N LEU C 249 9.30 35.34 -4.91
CA LEU C 249 9.09 34.52 -3.73
C LEU C 249 9.99 34.98 -2.60
N ALA C 250 9.51 34.79 -1.37
CA ALA C 250 10.35 35.00 -0.20
C ALA C 250 11.66 34.23 -0.38
N PRO C 251 12.81 34.92 -0.44
CA PRO C 251 14.05 34.24 -0.84
C PRO C 251 14.47 33.09 0.08
N GLU C 252 14.04 33.06 1.34
CA GLU C 252 14.46 32.02 2.25
C GLU C 252 13.27 31.50 3.05
N GLY C 253 13.44 30.31 3.62
CA GLY C 253 12.47 29.77 4.54
C GLY C 253 11.33 29.03 3.85
N ASP C 254 10.32 28.75 4.65
CA ASP C 254 9.16 28.04 4.14
C ASP C 254 8.22 29.04 3.47
N LEU C 255 7.70 28.66 2.30
CA LEU C 255 6.82 29.53 1.53
C LEU C 255 5.35 29.29 1.83
N GLY C 256 5.02 28.22 2.53
CA GLY C 256 3.64 27.86 2.79
C GLY C 256 3.10 26.76 1.91
N GLU C 257 3.95 25.94 1.32
CA GLU C 257 3.48 24.93 0.37
C GLU C 257 2.61 23.89 1.05
N THR C 258 2.87 23.58 2.31
CA THR C 258 2.10 22.56 3.04
C THR C 258 1.12 23.16 4.04
N ALA C 259 0.70 24.40 3.84
CA ALA C 259 -0.35 24.95 4.68
C ALA C 259 -1.62 24.12 4.49
N PRO C 260 -2.43 23.93 5.53
CA PRO C 260 -3.62 23.08 5.38
C PRO C 260 -4.48 23.45 4.17
N GLU C 261 -4.78 24.74 3.98
CA GLU C 261 -5.55 25.14 2.81
C GLU C 261 -4.91 24.64 1.53
N VAL C 262 -3.59 24.76 1.43
CA VAL C 262 -2.88 24.32 0.22
C VAL C 262 -2.85 22.81 0.14
N MET C 263 -2.56 22.14 1.26
CA MET C 263 -2.44 20.69 1.27
C MET C 263 -3.72 20.02 0.77
N LEU C 264 -4.87 20.50 1.24
CA LEU C 264 -6.16 19.92 0.87
C LEU C 264 -6.77 20.54 -0.38
N GLY C 265 -6.11 21.53 -1.00
CA GLY C 265 -6.63 22.14 -2.21
C GLY C 265 -8.00 22.76 -2.01
N ILE C 266 -8.13 23.52 -0.92
CA ILE C 266 -9.44 24.03 -0.51
C ILE C 266 -10.13 24.81 -1.62
N ASP C 267 -9.36 25.48 -2.47
CA ASP C 267 -9.91 26.30 -3.55
C ASP C 267 -10.05 25.54 -4.86
N GLY C 268 -9.84 24.24 -4.86
CA GLY C 268 -9.89 23.47 -6.09
C GLY C 268 -8.55 23.29 -6.76
N THR C 269 -7.45 23.44 -6.03
CA THR C 269 -6.12 23.26 -6.59
C THR C 269 -5.63 21.84 -6.37
N ARG C 270 -4.48 21.54 -6.96
CA ARG C 270 -3.92 20.20 -6.84
C ARG C 270 -3.73 19.85 -5.37
N PRO C 271 -4.12 18.65 -4.95
CA PRO C 271 -3.93 18.27 -3.54
C PRO C 271 -2.46 17.97 -3.27
N GLY C 272 -2.02 18.31 -2.05
CA GLY C 272 -0.63 18.13 -1.71
C GLY C 272 -0.14 16.70 -1.86
N TRP C 273 -1.04 15.73 -1.72
CA TRP C 273 -0.67 14.33 -1.79
C TRP C 273 -0.73 13.76 -3.20
N GLU C 274 -1.36 14.46 -4.14
CA GLU C 274 -1.62 13.89 -5.46
C GLU C 274 -0.33 13.36 -6.09
N ASP C 275 0.74 14.15 -6.05
CA ASP C 275 2.01 13.69 -6.62
C ASP C 275 2.39 12.33 -6.08
N ALA C 276 2.62 12.25 -4.77
CA ALA C 276 3.14 11.02 -4.18
C ALA C 276 2.23 9.84 -4.45
N GLU C 277 0.91 10.06 -4.46
CA GLU C 277 -0.01 8.95 -4.69
C GLU C 277 0.06 8.46 -6.13
N GLU C 278 0.05 9.38 -7.09
CA GLU C 278 0.12 8.98 -8.50
C GLU C 278 1.44 8.28 -8.81
N GLU C 279 2.52 8.67 -8.13
CA GLU C 279 3.81 8.01 -8.36
C GLU C 279 3.84 6.58 -7.83
N LYS C 280 2.93 6.22 -6.93
CA LYS C 280 2.81 4.84 -6.47
C LYS C 280 2.20 3.92 -7.53
N ARG C 281 2.03 4.41 -8.75
CA ARG C 281 1.30 3.71 -9.78
C ARG C 281 2.19 3.65 -11.02
N PRO C 282 2.43 2.47 -11.60
CA PRO C 282 3.38 2.38 -12.71
C PRO C 282 3.06 3.39 -13.81
N LEU C 283 4.10 4.02 -14.34
CA LEU C 283 3.90 5.01 -15.40
C LEU C 283 3.09 4.45 -16.55
N HIS C 284 3.35 3.19 -16.92
CA HIS C 284 2.72 2.63 -18.11
C HIS C 284 1.22 2.40 -17.94
N MET C 285 0.67 2.52 -16.74
CA MET C 285 -0.74 2.29 -16.51
C MET C 285 -1.60 3.53 -16.69
N GLY C 286 -0.98 4.69 -16.96
CA GLY C 286 -1.73 5.90 -17.19
C GLY C 286 -2.24 6.53 -15.90
N ARG C 287 -2.75 7.75 -16.06
CA ARG C 287 -3.19 8.52 -14.90
C ARG C 287 -4.60 8.13 -14.46
N TYR C 288 -5.41 7.61 -15.37
CA TYR C 288 -6.78 7.18 -15.17
C TYR C 288 -6.86 5.66 -15.05
N PRO C 289 -7.71 5.14 -14.17
CA PRO C 289 -7.69 3.70 -13.90
C PRO C 289 -8.43 2.89 -14.97
N MET C 290 -7.87 2.87 -16.17
CA MET C 290 -8.46 2.08 -17.25
C MET C 290 -8.49 0.60 -16.92
N GLU C 291 -7.65 0.14 -16.00
CA GLU C 291 -7.62 -1.28 -15.68
C GLU C 291 -8.91 -1.74 -15.01
N THR C 292 -9.72 -0.82 -14.50
CA THR C 292 -10.96 -1.17 -13.80
C THR C 292 -12.17 -1.20 -14.73
N ILE C 293 -11.97 -1.06 -16.03
CA ILE C 293 -13.05 -1.07 -17.01
C ILE C 293 -13.12 -2.46 -17.62
N ARG C 294 -14.33 -2.97 -17.78
CA ARG C 294 -14.51 -4.31 -18.31
C ARG C 294 -14.04 -4.38 -19.77
N ARG C 295 -13.20 -5.37 -20.06
CA ARG C 295 -12.75 -5.63 -21.42
C ARG C 295 -13.60 -6.72 -22.05
N VAL C 296 -13.69 -6.70 -23.37
CA VAL C 296 -14.49 -7.67 -24.10
C VAL C 296 -13.76 -7.98 -25.41
N ASP C 297 -13.92 -9.23 -25.87
CA ASP C 297 -13.24 -9.64 -27.10
C ASP C 297 -13.82 -8.91 -28.31
N GLU C 298 -15.13 -8.80 -28.38
CA GLU C 298 -15.79 -8.10 -29.47
C GLU C 298 -16.36 -6.78 -28.98
N PRO C 299 -16.24 -5.69 -29.76
CA PRO C 299 -16.76 -4.40 -29.30
C PRO C 299 -18.25 -4.47 -29.00
N THR C 300 -18.71 -3.55 -28.14
CA THR C 300 -20.09 -3.53 -27.70
C THR C 300 -21.08 -3.21 -28.82
N THR C 301 -20.59 -2.83 -30.00
CA THR C 301 -21.45 -2.59 -31.15
C THR C 301 -21.02 -3.50 -32.30
N LEU C 302 -21.97 -3.80 -33.18
CA LEU C 302 -21.71 -4.76 -34.24
C LEU C 302 -20.63 -4.25 -35.19
N VAL C 303 -19.78 -5.16 -35.65
CA VAL C 303 -18.70 -4.86 -36.61
C VAL C 303 -18.57 -6.07 -37.53
N VAL C 304 -18.88 -5.88 -38.81
CA VAL C 304 -18.81 -6.96 -39.80
C VAL C 304 -17.76 -6.54 -40.83
N ARG C 305 -16.52 -6.98 -40.61
CA ARG C 305 -15.42 -6.59 -41.47
C ARG C 305 -15.65 -7.01 -42.91
N GLN C 306 -16.32 -8.14 -43.13
CA GLN C 306 -16.58 -8.59 -44.50
C GLN C 306 -17.41 -7.59 -45.27
N GLU C 307 -18.04 -6.61 -44.61
CA GLU C 307 -18.89 -5.64 -45.27
C GLU C 307 -18.42 -4.20 -45.14
N ILE C 308 -17.26 -3.96 -44.53
CA ILE C 308 -16.73 -2.61 -44.41
C ILE C 308 -15.91 -2.30 -45.67
N GLN C 309 -16.33 -1.28 -46.41
CA GLN C 309 -15.57 -0.80 -47.55
C GLN C 309 -14.56 0.25 -47.10
N ARG C 310 -13.42 0.27 -47.76
CA ARG C 310 -12.46 1.35 -47.56
C ARG C 310 -12.91 2.57 -48.33
N VAL C 311 -12.58 3.75 -47.79
CA VAL C 311 -13.18 5.01 -48.22
C VAL C 311 -12.09 5.93 -48.74
N ALA C 312 -12.35 6.55 -49.89
CA ALA C 312 -11.43 7.53 -50.43
C ALA C 312 -11.27 8.67 -49.46
N LYS C 313 -10.02 9.06 -49.20
CA LYS C 313 -9.79 10.23 -48.37
C LYS C 313 -10.49 11.45 -48.90
N ARG C 314 -10.76 11.49 -50.21
CA ARG C 314 -11.53 12.58 -50.80
C ARG C 314 -12.94 12.66 -50.21
N GLY C 315 -13.42 11.59 -49.55
CA GLY C 315 -14.72 11.54 -48.92
C GLY C 315 -14.80 12.20 -47.56
N ASP C 316 -13.66 12.47 -46.93
CA ASP C 316 -13.63 13.35 -45.77
C ASP C 316 -14.38 14.64 -46.08
N PHE C 317 -15.45 14.88 -45.34
CA PHE C 317 -16.34 16.00 -45.67
C PHE C 317 -15.64 17.34 -45.58
N PHE C 318 -14.51 17.45 -44.87
CA PHE C 318 -13.68 18.64 -44.97
C PHE C 318 -13.03 18.72 -46.35
N LYS C 319 -12.59 17.58 -46.88
CA LYS C 319 -12.12 17.53 -48.25
C LYS C 319 -13.26 17.82 -49.24
N ARG C 320 -14.45 17.28 -48.98
CA ARG C 320 -15.60 17.60 -49.83
C ARG C 320 -15.91 19.09 -49.76
N ALA C 321 -15.80 19.70 -48.58
CA ALA C 321 -15.98 21.14 -48.46
C ALA C 321 -14.92 21.88 -49.27
N GLU C 322 -13.67 21.45 -49.15
CA GLU C 322 -12.58 22.08 -49.88
C GLU C 322 -12.76 21.98 -51.39
N ALA C 323 -13.35 20.89 -51.87
CA ALA C 323 -13.50 20.66 -53.30
C ALA C 323 -14.73 21.32 -53.89
N GLY C 324 -15.57 21.95 -53.07
CA GLY C 324 -16.77 22.60 -53.54
C GLY C 324 -18.03 21.77 -53.43
N ASP C 325 -17.91 20.51 -52.99
CA ASP C 325 -19.07 19.62 -52.92
C ASP C 325 -20.20 20.18 -52.07
N LEU C 326 -19.89 21.09 -51.13
CA LEU C 326 -20.87 21.61 -50.20
C LEU C 326 -21.30 23.04 -50.53
N GLY C 327 -20.87 23.57 -51.67
CA GLY C 327 -21.25 24.92 -52.06
C GLY C 327 -20.12 25.91 -51.90
N GLU C 328 -20.36 27.12 -52.40
CA GLU C 328 -19.28 28.09 -52.49
C GLU C 328 -18.89 28.63 -51.12
N LYS C 329 -19.87 28.87 -50.25
CA LYS C 329 -19.55 29.44 -48.94
C LYS C 329 -18.68 28.50 -48.13
N ALA C 330 -19.07 27.23 -48.06
CA ALA C 330 -18.24 26.24 -47.37
C ALA C 330 -16.86 26.16 -47.98
N LYS C 331 -16.77 26.17 -49.30
CA LYS C 331 -15.48 26.12 -49.97
C LYS C 331 -14.63 27.34 -49.62
N GLN C 332 -15.25 28.52 -49.56
CA GLN C 332 -14.49 29.75 -49.36
C GLN C 332 -13.97 29.88 -47.93
N GLU C 333 -14.69 29.33 -46.97
CA GLU C 333 -14.32 29.45 -45.56
C GLU C 333 -13.54 28.25 -45.05
N LYS C 334 -13.19 27.31 -45.93
CA LYS C 334 -12.67 26.02 -45.46
C LYS C 334 -11.28 26.14 -44.87
N LYS C 335 -10.45 27.05 -45.39
CA LYS C 335 -9.12 27.22 -44.80
C LYS C 335 -9.17 28.14 -43.58
N ARG C 336 -10.13 29.06 -43.54
CA ARG C 336 -10.14 30.10 -42.52
C ARG C 336 -10.77 29.61 -41.21
N PHE C 337 -11.85 28.83 -41.29
CA PHE C 337 -12.76 28.67 -40.15
C PHE C 337 -12.07 28.25 -38.85
N PRO C 338 -11.06 27.38 -38.83
CA PRO C 338 -10.42 27.04 -37.55
C PRO C 338 -9.35 28.04 -37.14
N MET C 339 -8.96 28.95 -38.02
CA MET C 339 -7.87 29.88 -37.77
C MET C 339 -8.35 31.31 -37.59
N LYS C 340 -9.61 31.50 -37.19
CA LYS C 340 -10.13 32.84 -36.98
C LYS C 340 -9.54 33.50 -35.74
N HIS C 341 -8.96 32.73 -34.83
CA HIS C 341 -8.53 33.30 -33.57
C HIS C 341 -7.00 33.33 -33.48
N PRO C 342 -6.43 34.42 -32.96
CA PRO C 342 -4.96 34.53 -32.89
C PRO C 342 -4.28 33.38 -32.16
N LEU C 343 -4.90 32.82 -31.13
CA LEU C 343 -4.27 31.70 -30.43
C LEU C 343 -4.13 30.50 -31.35
N ALA C 344 -5.18 30.18 -32.11
CA ALA C 344 -5.07 29.10 -33.10
C ALA C 344 -4.00 29.43 -34.12
N LEU C 345 -3.99 30.66 -34.63
CA LEU C 345 -2.98 31.05 -35.61
C LEU C 345 -1.58 30.90 -35.05
N GLY C 346 -1.42 31.02 -33.73
CA GLY C 346 -0.11 30.82 -33.12
C GLY C 346 0.35 29.37 -33.20
N MET C 347 -0.58 28.42 -33.21
CA MET C 347 -0.22 27.01 -33.33
C MET C 347 0.01 26.60 -34.78
N GLN C 348 -0.70 27.23 -35.71
CA GLN C 348 -0.67 26.98 -37.14
C GLN C 348 0.70 26.53 -37.64
N PRO C 349 1.76 27.32 -37.43
CA PRO C 349 3.07 26.95 -37.99
C PRO C 349 3.61 25.66 -37.42
N LEU C 350 3.46 25.47 -36.10
CA LEU C 350 3.86 24.23 -35.47
C LEU C 350 3.18 23.05 -36.14
N ILE C 351 1.86 23.16 -36.34
CA ILE C 351 1.08 22.05 -36.87
C ILE C 351 1.53 21.69 -38.29
N GLN C 352 1.67 22.70 -39.15
CA GLN C 352 1.98 22.43 -40.55
C GLN C 352 3.40 21.89 -40.72
N ASN C 353 4.36 22.46 -39.98
CA ASN C 353 5.76 22.07 -40.16
C ASN C 353 6.13 20.81 -39.41
N MET C 354 5.18 20.17 -38.70
CA MET C 354 5.38 18.82 -38.21
C MET C 354 5.02 17.78 -39.25
N VAL C 355 4.14 18.11 -40.19
CA VAL C 355 3.76 17.15 -41.24
C VAL C 355 4.99 16.51 -41.88
N PRO C 356 6.04 17.26 -42.25
CA PRO C 356 7.17 16.64 -42.96
C PRO C 356 7.98 15.66 -42.11
N LEU C 357 7.67 15.49 -40.83
CA LEU C 357 8.43 14.63 -39.94
C LEU C 357 7.64 13.42 -39.46
N GLN C 358 6.48 13.16 -40.07
CA GLN C 358 5.55 12.20 -39.47
C GLN C 358 6.02 10.76 -39.61
N GLY C 359 6.78 10.43 -40.66
CA GLY C 359 7.44 9.13 -40.63
C GLY C 359 7.32 8.39 -41.94
N THR C 360 7.61 7.09 -41.87
CA THR C 360 7.89 6.26 -43.03
C THR C 360 6.79 5.21 -43.24
N ARG C 361 6.56 4.88 -44.52
CA ARG C 361 5.62 3.82 -44.89
C ARG C 361 6.28 2.52 -45.31
N GLU C 362 7.54 2.56 -45.76
CA GLU C 362 8.22 1.33 -46.17
C GLU C 362 8.85 0.66 -44.95
N LYS C 363 9.09 -0.64 -45.07
CA LYS C 363 9.60 -1.41 -43.93
C LYS C 363 11.01 -0.97 -43.57
N LEU C 364 11.39 -1.26 -42.33
CA LEU C 364 12.71 -0.90 -41.83
C LEU C 364 13.42 -2.14 -41.31
N ALA C 365 14.74 -1.98 -41.12
CA ALA C 365 15.59 -3.05 -40.58
C ALA C 365 15.88 -2.79 -39.11
N PRO C 366 15.58 -3.74 -38.23
CA PRO C 366 15.90 -3.56 -36.81
C PRO C 366 17.36 -3.15 -36.63
N THR C 367 17.58 -2.09 -35.87
CA THR C 367 18.92 -1.54 -35.65
C THR C 367 19.58 -2.06 -34.39
N GLY C 368 18.86 -2.82 -33.56
CA GLY C 368 19.42 -3.29 -32.31
C GLY C 368 19.52 -2.25 -31.22
N LYS C 369 19.07 -1.02 -31.47
CA LYS C 369 18.99 0.00 -30.44
C LYS C 369 17.68 -0.14 -29.67
N GLY C 370 17.68 0.38 -28.46
CA GLY C 370 16.48 0.41 -27.65
C GLY C 370 16.27 -0.79 -26.75
N GLY C 371 17.31 -1.57 -26.48
CA GLY C 371 17.20 -2.68 -25.57
C GLY C 371 16.43 -3.86 -26.15
N ASP C 372 16.05 -4.76 -25.25
CA ASP C 372 15.38 -6.00 -25.65
C ASP C 372 13.95 -5.72 -26.08
N LEU C 373 13.60 -6.13 -27.30
CA LEU C 373 12.27 -5.93 -27.84
C LEU C 373 11.60 -7.25 -28.21
N SER C 374 12.07 -8.36 -27.63
CA SER C 374 11.54 -9.67 -27.95
C SER C 374 10.20 -9.94 -27.27
N ASP C 375 9.88 -9.19 -26.22
CA ASP C 375 8.63 -9.41 -25.50
C ASP C 375 7.64 -8.33 -25.90
N PRO C 376 6.60 -8.66 -26.67
CA PRO C 376 5.63 -7.61 -27.06
C PRO C 376 4.85 -7.05 -25.89
N GLY C 377 4.69 -7.81 -24.80
CA GLY C 377 4.05 -7.26 -23.62
C GLY C 377 4.85 -6.11 -23.03
N ARG C 378 6.17 -6.28 -22.92
CA ARG C 378 7.02 -5.18 -22.48
C ARG C 378 6.98 -4.04 -23.49
N ASN C 379 6.92 -4.36 -24.78
CA ASN C 379 6.90 -3.33 -25.81
C ASN C 379 5.68 -2.43 -25.66
N ALA C 380 4.51 -3.03 -25.44
CA ALA C 380 3.32 -2.23 -25.16
C ALA C 380 3.53 -1.34 -23.95
N GLU C 381 4.03 -1.92 -22.85
CA GLU C 381 4.24 -1.16 -21.64
C GLU C 381 5.17 0.03 -21.86
N ALA C 382 6.26 -0.18 -22.61
CA ALA C 382 7.17 0.93 -22.87
C ALA C 382 6.53 1.99 -23.74
N ILE C 383 5.73 1.57 -24.74
CA ILE C 383 5.05 2.54 -25.61
C ILE C 383 4.06 3.37 -24.79
N LYS C 384 3.24 2.71 -23.98
CA LYS C 384 2.34 3.42 -23.09
C LYS C 384 3.11 4.33 -22.15
N ALA C 385 4.10 3.77 -21.44
CA ALA C 385 4.94 4.60 -20.58
C ALA C 385 5.54 5.77 -21.35
N LEU C 386 5.98 5.52 -22.59
CA LEU C 386 6.56 6.59 -23.40
C LEU C 386 5.54 7.70 -23.68
N GLY C 387 4.33 7.31 -24.10
CA GLY C 387 3.32 8.31 -24.38
C GLY C 387 2.93 9.13 -23.18
N TYR C 388 2.77 8.48 -22.02
CA TYR C 388 2.46 9.21 -20.81
C TYR C 388 3.60 10.14 -20.43
N TYR C 389 4.84 9.67 -20.55
CA TYR C 389 5.99 10.52 -20.29
C TYR C 389 5.96 11.77 -21.16
N LEU C 390 5.56 11.62 -22.42
CA LEU C 390 5.56 12.76 -23.34
C LEU C 390 4.32 13.65 -23.20
N GLY C 391 3.27 13.16 -22.55
CA GLY C 391 2.13 14.00 -22.23
C GLY C 391 0.77 13.50 -22.68
N ALA C 392 0.69 12.27 -23.17
CA ALA C 392 -0.61 11.72 -23.55
C ALA C 392 -1.47 11.50 -22.31
N ASP C 393 -2.80 11.60 -22.50
CA ASP C 393 -3.74 11.34 -21.43
C ASP C 393 -4.14 9.86 -21.37
N PHE C 394 -4.35 9.25 -22.52
CA PHE C 394 -4.61 7.83 -22.63
C PHE C 394 -3.75 7.25 -23.73
N VAL C 395 -3.38 5.98 -23.60
CA VAL C 395 -2.60 5.28 -24.61
C VAL C 395 -3.14 3.86 -24.73
N GLY C 396 -3.52 3.47 -25.95
CA GLY C 396 -3.96 2.12 -26.21
C GLY C 396 -3.38 1.65 -27.53
N ILE C 397 -3.35 0.32 -27.69
CA ILE C 397 -2.73 -0.31 -28.85
C ILE C 397 -3.71 -1.29 -29.47
N CYS C 398 -3.67 -1.39 -30.79
CA CYS C 398 -4.50 -2.36 -31.50
C CYS C 398 -3.86 -2.65 -32.85
N ARG C 399 -4.28 -3.77 -33.45
CA ARG C 399 -3.79 -4.14 -34.78
C ARG C 399 -4.40 -3.23 -35.83
N ALA C 400 -3.56 -2.50 -36.55
CA ALA C 400 -4.02 -1.60 -37.61
C ALA C 400 -4.54 -2.39 -38.80
N GLU C 401 -5.83 -2.72 -38.79
CA GLU C 401 -6.40 -3.53 -39.84
C GLU C 401 -6.52 -2.72 -41.14
N PRO C 402 -6.55 -3.41 -42.28
CA PRO C 402 -6.48 -2.68 -43.57
C PRO C 402 -7.68 -1.78 -43.83
N TRP C 403 -8.86 -2.15 -43.36
CA TRP C 403 -10.04 -1.32 -43.58
C TRP C 403 -10.03 -0.04 -42.73
N MET C 404 -9.03 0.12 -41.87
CA MET C 404 -8.83 1.37 -41.15
C MET C 404 -8.06 2.40 -41.97
N TYR C 405 -7.44 1.99 -43.07
CA TYR C 405 -6.76 2.90 -43.98
C TYR C 405 -7.74 3.41 -45.02
N TYR C 406 -7.51 4.65 -45.47
CA TYR C 406 -8.28 5.15 -46.60
C TYR C 406 -7.95 4.34 -47.86
N ALA C 407 -8.87 4.39 -48.82
CA ALA C 407 -8.63 3.67 -50.07
C ALA C 407 -7.58 4.39 -50.91
N SER C 408 -7.69 5.71 -51.01
CA SER C 408 -6.78 6.50 -51.82
C SER C 408 -6.58 7.85 -51.15
N ASP C 409 -5.46 8.50 -51.47
CA ASP C 409 -5.27 9.87 -51.05
C ASP C 409 -6.14 10.79 -51.91
N GLU C 410 -6.34 12.01 -51.43
CA GLU C 410 -7.26 12.94 -52.07
C GLU C 410 -6.56 13.91 -53.03
N VAL C 411 -5.23 13.93 -53.08
CA VAL C 411 -4.51 14.87 -53.92
C VAL C 411 -4.24 14.29 -55.31
N GLU C 412 -3.72 13.07 -55.36
CA GLU C 412 -3.45 12.41 -56.63
C GLU C 412 -4.33 11.18 -56.86
N GLY C 413 -5.19 10.83 -55.91
CA GLY C 413 -6.04 9.66 -56.06
C GLY C 413 -5.32 8.34 -55.96
N LYS C 414 -4.00 8.34 -55.77
CA LYS C 414 -3.26 7.09 -55.71
C LYS C 414 -3.66 6.27 -54.49
N PRO C 415 -3.54 4.95 -54.55
CA PRO C 415 -3.94 4.12 -53.41
C PRO C 415 -3.07 4.36 -52.18
N ILE C 416 -3.66 4.14 -51.02
CA ILE C 416 -2.93 4.04 -49.76
C ILE C 416 -2.88 2.57 -49.39
N GLU C 417 -1.70 2.09 -49.02
CA GLU C 417 -1.53 0.69 -48.67
C GLU C 417 -1.56 0.54 -47.16
N ALA C 418 -2.10 -0.59 -46.69
CA ALA C 418 -2.08 -0.91 -45.27
C ALA C 418 -0.66 -1.33 -44.91
N TYR C 419 0.19 -0.33 -44.71
CA TYR C 419 1.63 -0.57 -44.66
C TYR C 419 2.16 -0.89 -43.27
N HIS C 420 1.32 -0.88 -42.24
CA HIS C 420 1.79 -1.10 -40.88
C HIS C 420 0.91 -2.13 -40.18
N ASP C 421 1.48 -2.78 -39.18
CA ASP C 421 0.80 -3.86 -38.46
C ASP C 421 -0.01 -3.38 -37.27
N TYR C 422 0.45 -2.33 -36.58
CA TYR C 422 -0.13 -1.92 -35.32
C TYR C 422 -0.49 -0.43 -35.35
N ALA C 423 -1.46 -0.07 -34.50
CA ALA C 423 -1.89 1.31 -34.33
C ALA C 423 -1.76 1.67 -32.85
N VAL C 424 -0.95 2.67 -32.56
CA VAL C 424 -0.85 3.22 -31.21
C VAL C 424 -1.78 4.42 -31.16
N VAL C 425 -2.86 4.29 -30.38
CA VAL C 425 -3.90 5.29 -30.26
C VAL C 425 -3.71 6.05 -28.96
N MET C 426 -3.84 7.38 -29.03
CA MET C 426 -3.65 8.19 -27.84
C MET C 426 -4.71 9.30 -27.81
N LEU C 427 -5.30 9.50 -26.64
CA LEU C 427 -6.28 10.55 -26.44
C LEU C 427 -5.61 11.75 -25.78
N ILE C 428 -5.90 12.94 -26.30
CA ILE C 428 -5.47 14.20 -25.71
C ILE C 428 -6.73 14.90 -25.23
N ASP C 429 -6.79 15.19 -23.92
CA ASP C 429 -7.93 15.87 -23.35
C ASP C 429 -8.05 17.28 -23.93
N GLN C 430 -9.24 17.62 -24.41
CA GLN C 430 -9.41 18.94 -25.04
C GLN C 430 -9.45 20.07 -24.02
N GLY C 431 -9.76 19.79 -22.76
CA GLY C 431 -9.74 20.82 -21.74
C GLY C 431 -11.10 21.10 -21.13
N TYR C 432 -11.36 20.55 -19.95
CA TYR C 432 -12.68 20.67 -19.34
C TYR C 432 -12.95 22.09 -18.87
N GLU C 433 -12.02 22.68 -18.11
CA GLU C 433 -12.26 24.00 -17.55
C GLU C 433 -12.58 25.03 -18.63
N THR C 434 -11.79 25.06 -19.70
CA THR C 434 -12.03 26.02 -20.77
C THR C 434 -13.37 25.79 -21.43
N MET C 435 -13.66 24.52 -21.77
CA MET C 435 -14.94 24.19 -22.39
C MET C 435 -16.11 24.47 -21.45
N GLU C 436 -15.84 24.56 -20.14
CA GLU C 436 -16.90 24.82 -19.19
C GLU C 436 -17.42 26.25 -19.34
N GLY C 437 -16.52 27.20 -19.60
CA GLY C 437 -16.91 28.57 -19.81
C GLY C 437 -17.31 28.92 -21.22
N ALA C 438 -17.09 28.03 -22.17
CA ALA C 438 -17.35 28.29 -23.58
C ALA C 438 -18.77 27.90 -23.95
N SER C 439 -19.25 28.48 -25.04
CA SER C 439 -20.54 28.07 -25.61
C SER C 439 -20.43 26.75 -26.34
N GLY C 440 -19.21 26.33 -26.68
CA GLY C 440 -18.98 25.18 -27.52
C GLY C 440 -18.80 25.53 -28.98
N ASP C 441 -19.37 26.65 -29.41
CA ASP C 441 -19.23 27.12 -30.78
C ASP C 441 -18.83 28.59 -30.82
N ASP C 442 -18.15 29.05 -29.77
CA ASP C 442 -17.70 30.45 -29.71
C ASP C 442 -16.28 30.57 -30.24
N TRP C 443 -15.54 31.57 -29.79
CA TRP C 443 -14.29 31.93 -30.44
C TRP C 443 -13.10 31.10 -29.96
N ILE C 444 -13.30 30.19 -29.01
CA ILE C 444 -12.19 29.37 -28.52
C ILE C 444 -12.29 27.93 -29.00
N SER C 445 -13.40 27.54 -29.65
CA SER C 445 -13.63 26.14 -29.96
C SER C 445 -12.47 25.56 -30.75
N ALA C 446 -12.15 26.16 -31.91
CA ALA C 446 -11.11 25.59 -32.76
C ALA C 446 -9.75 25.61 -32.05
N SER C 447 -9.53 26.56 -31.14
CA SER C 447 -8.30 26.54 -30.36
C SER C 447 -8.21 25.30 -29.48
N GLN C 448 -9.35 24.83 -28.97
CA GLN C 448 -9.35 23.59 -28.21
C GLN C 448 -9.10 22.40 -29.11
N SER C 449 -9.67 22.40 -30.32
CA SER C 449 -9.32 21.40 -31.32
C SER C 449 -7.84 21.46 -31.66
N MET C 450 -7.34 22.65 -32.00
CA MET C 450 -5.99 22.74 -32.53
C MET C 450 -4.94 22.46 -31.46
N ARG C 451 -5.18 22.92 -30.22
CA ARG C 451 -4.25 22.59 -29.15
C ARG C 451 -4.09 21.07 -29.02
N ALA C 452 -5.21 20.36 -29.00
CA ALA C 452 -5.16 18.91 -28.84
C ALA C 452 -4.49 18.26 -30.04
N TYR C 453 -4.86 18.70 -31.24
CA TYR C 453 -4.18 18.24 -32.46
C TYR C 453 -2.67 18.46 -32.36
N MET C 454 -2.27 19.70 -32.04
CA MET C 454 -0.85 20.04 -32.04
C MET C 454 -0.09 19.24 -30.98
N ARG C 455 -0.63 19.18 -29.76
CA ARG C 455 0.02 18.44 -28.68
C ARG C 455 0.14 16.96 -29.03
N GLY C 456 -0.88 16.39 -29.67
CA GLY C 456 -0.83 14.98 -30.00
C GLY C 456 0.12 14.69 -31.14
N ALA C 457 0.20 15.59 -32.12
CA ALA C 457 1.10 15.37 -33.25
C ALA C 457 2.55 15.39 -32.80
N GLU C 458 2.90 16.30 -31.89
CA GLU C 458 4.24 16.34 -31.33
C GLU C 458 4.58 15.06 -30.58
N ILE C 459 3.68 14.63 -29.69
CA ILE C 459 3.90 13.38 -28.95
C ILE C 459 4.02 12.22 -29.92
N ALA C 460 3.09 12.13 -30.88
CA ALA C 460 3.12 11.03 -31.83
C ALA C 460 4.32 11.11 -32.75
N GLY C 461 4.70 12.33 -33.17
CA GLY C 461 5.87 12.48 -34.00
C GLY C 461 7.13 11.97 -33.31
N VAL C 462 7.30 12.32 -32.03
CA VAL C 462 8.48 11.88 -31.29
C VAL C 462 8.46 10.37 -31.09
N MET C 463 7.29 9.80 -30.79
CA MET C 463 7.23 8.37 -30.52
C MET C 463 7.52 7.56 -31.77
N ALA C 464 6.90 7.92 -32.90
CA ALA C 464 7.21 7.23 -34.15
C ALA C 464 8.69 7.35 -34.48
N ALA C 465 9.27 8.54 -34.28
CA ALA C 465 10.70 8.72 -34.54
C ALA C 465 11.53 7.70 -33.80
N HIS C 466 11.19 7.44 -32.53
CA HIS C 466 11.95 6.47 -31.75
C HIS C 466 11.73 5.05 -32.27
N CYS C 467 10.50 4.73 -32.69
CA CYS C 467 10.28 3.42 -33.30
C CYS C 467 11.17 3.24 -34.51
N ARG C 468 11.36 4.29 -35.30
CA ARG C 468 12.23 4.20 -36.46
C ARG C 468 13.69 4.05 -36.05
N ARG C 469 14.10 4.79 -35.02
CA ARG C 469 15.46 4.61 -34.50
C ARG C 469 15.73 3.14 -34.20
N MET C 470 14.81 2.49 -33.51
CA MET C 470 14.93 1.09 -33.16
C MET C 470 14.74 0.17 -34.35
N GLY C 471 14.60 0.72 -35.55
CA GLY C 471 14.55 -0.11 -36.74
C GLY C 471 13.18 -0.63 -37.10
N TYR C 472 12.11 0.04 -36.66
CA TYR C 472 10.75 -0.37 -36.95
C TYR C 472 10.01 0.80 -37.59
N SER C 473 9.47 0.57 -38.78
CA SER C 473 8.79 1.62 -39.51
C SER C 473 7.62 2.18 -38.70
N ALA C 474 7.50 3.51 -38.70
CA ALA C 474 6.46 4.18 -37.94
C ALA C 474 6.12 5.49 -38.64
N ARG C 475 4.83 5.81 -38.70
CA ARG C 475 4.35 7.07 -39.24
C ARG C 475 3.15 7.55 -38.43
N SER C 476 3.10 8.85 -38.17
CA SER C 476 2.03 9.43 -37.39
C SER C 476 0.92 9.94 -38.31
N HIS C 477 -0.28 10.04 -37.74
CA HIS C 477 -1.48 10.41 -38.50
C HIS C 477 -2.15 11.56 -37.74
N SER C 478 -1.97 12.77 -38.24
CA SER C 478 -2.37 13.99 -37.57
C SER C 478 -3.58 14.61 -38.26
N ASN C 479 -4.11 15.65 -37.61
N ASN C 479 -4.12 15.67 -37.65
CA ASN C 479 -5.15 16.48 -38.21
CA ASN C 479 -5.22 16.36 -38.31
C ASN C 479 -4.77 16.90 -39.61
C ASN C 479 -4.78 16.92 -39.66
N ALA C 480 -3.50 17.28 -39.80
CA ALA C 480 -3.01 17.80 -41.06
C ALA C 480 -2.82 16.71 -42.10
N HIS C 481 -2.61 15.46 -41.67
CA HIS C 481 -2.38 14.38 -42.62
C HIS C 481 -2.48 13.02 -41.94
N SER C 482 -3.60 12.34 -42.15
CA SER C 482 -3.80 10.98 -41.68
C SER C 482 -4.11 10.08 -42.88
N GLU C 483 -3.66 8.85 -42.81
CA GLU C 483 -4.05 7.84 -43.79
C GLU C 483 -4.82 6.70 -43.16
N VAL C 484 -5.10 6.77 -41.86
CA VAL C 484 -6.06 5.88 -41.20
C VAL C 484 -7.22 6.72 -40.71
N ILE C 485 -8.37 6.07 -40.56
CA ILE C 485 -9.53 6.66 -39.89
C ILE C 485 -9.42 6.33 -38.41
N HIS C 486 -9.31 7.36 -37.56
CA HIS C 486 -9.02 7.11 -36.14
C HIS C 486 -10.13 6.31 -35.47
N ASN C 487 -11.39 6.63 -35.78
CA ASN C 487 -12.51 6.12 -34.99
C ASN C 487 -12.48 4.62 -34.77
N PRO C 488 -12.23 3.78 -35.77
CA PRO C 488 -12.17 2.33 -35.50
C PRO C 488 -11.02 1.96 -34.59
N ALA C 489 -9.90 2.67 -34.70
CA ALA C 489 -8.74 2.38 -33.86
C ALA C 489 -8.96 2.80 -32.42
N ILE C 490 -9.72 3.89 -32.19
CA ILE C 490 -10.10 4.22 -30.83
C ILE C 490 -10.99 3.14 -30.25
N LEU C 491 -11.83 2.52 -31.08
CA LEU C 491 -12.69 1.43 -30.62
C LEU C 491 -11.89 0.18 -30.32
N MET C 492 -11.12 -0.32 -31.31
CA MET C 492 -10.39 -1.57 -31.16
C MET C 492 -9.27 -1.49 -30.12
N ALA C 493 -8.86 -0.29 -29.71
CA ALA C 493 -7.84 -0.11 -28.68
C ALA C 493 -8.42 0.03 -27.28
N GLY C 494 -9.74 -0.10 -27.13
CA GLY C 494 -10.35 0.01 -25.82
C GLY C 494 -10.25 1.38 -25.18
N LEU C 495 -10.28 2.45 -25.97
CA LEU C 495 -10.25 3.79 -25.44
C LEU C 495 -11.62 4.48 -25.44
N GLY C 496 -12.63 3.88 -26.07
CA GLY C 496 -13.96 4.46 -26.02
C GLY C 496 -15.00 3.49 -26.55
N GLU C 497 -16.27 3.82 -26.30
CA GLU C 497 -17.41 3.15 -26.90
C GLU C 497 -18.09 4.07 -27.91
N VAL C 498 -18.85 3.45 -28.82
CA VAL C 498 -19.68 4.21 -29.75
C VAL C 498 -20.71 5.01 -28.96
N SER C 499 -20.77 6.31 -29.22
CA SER C 499 -21.69 7.20 -28.52
C SER C 499 -22.69 7.79 -29.51
N ARG C 500 -23.73 8.43 -28.95
CA ARG C 500 -24.77 9.01 -29.80
C ARG C 500 -24.21 10.16 -30.63
N ILE C 501 -23.19 10.85 -30.13
CA ILE C 501 -22.64 11.98 -30.87
C ILE C 501 -22.41 11.60 -32.32
N GLY C 502 -21.96 10.36 -32.56
CA GLY C 502 -21.91 9.83 -33.91
C GLY C 502 -20.53 9.50 -34.41
N ASP C 503 -19.82 10.54 -34.89
CA ASP C 503 -18.44 10.39 -35.32
C ASP C 503 -17.45 10.63 -34.18
N THR C 504 -17.90 10.51 -32.94
CA THR C 504 -17.06 10.64 -31.75
C THR C 504 -17.27 9.45 -30.85
N LEU C 505 -16.19 8.88 -30.35
CA LEU C 505 -16.26 7.83 -29.34
C LEU C 505 -16.04 8.43 -27.96
N LEU C 506 -16.61 7.77 -26.95
CA LEU C 506 -16.72 8.34 -25.61
C LEU C 506 -15.88 7.53 -24.64
N ASN C 507 -14.99 8.21 -23.91
CA ASN C 507 -14.13 7.56 -22.93
C ASN C 507 -14.78 7.61 -21.55
N PRO C 508 -14.62 6.55 -20.75
CA PRO C 508 -15.34 6.51 -19.46
C PRO C 508 -14.86 7.53 -18.46
N PHE C 509 -13.70 8.16 -18.67
CA PHE C 509 -13.17 9.10 -17.70
C PHE C 509 -13.11 10.54 -18.18
N ILE C 510 -12.86 10.78 -19.47
CA ILE C 510 -12.91 12.13 -20.00
C ILE C 510 -14.09 12.29 -20.98
N GLY C 511 -15.03 11.37 -20.96
CA GLY C 511 -16.16 11.44 -21.86
C GLY C 511 -15.72 11.63 -23.29
N PRO C 512 -16.42 12.47 -24.03
CA PRO C 512 -16.04 12.77 -25.43
C PRO C 512 -15.06 13.94 -25.57
N ARG C 513 -14.49 14.43 -24.48
CA ARG C 513 -13.70 15.66 -24.48
C ARG C 513 -12.25 15.35 -24.87
N SER C 514 -12.07 14.93 -26.12
CA SER C 514 -10.76 14.46 -26.53
C SER C 514 -10.54 14.69 -28.02
N LYS C 515 -9.27 14.83 -28.39
CA LYS C 515 -8.79 14.61 -29.75
C LYS C 515 -7.82 13.43 -29.72
N SER C 516 -7.94 12.54 -30.69
CA SER C 516 -7.07 11.39 -30.77
C SER C 516 -5.88 11.68 -31.69
N ILE C 517 -4.74 11.10 -31.33
CA ILE C 517 -3.58 11.05 -32.22
C ILE C 517 -3.25 9.57 -32.43
N VAL C 518 -2.84 9.23 -33.64
CA VAL C 518 -2.48 7.86 -33.98
C VAL C 518 -1.15 7.88 -34.70
N PHE C 519 -0.29 6.92 -34.37
CA PHE C 519 0.84 6.57 -35.23
C PHE C 519 0.85 5.07 -35.38
N THR C 520 1.09 4.61 -36.61
CA THR C 520 1.15 3.20 -36.92
C THR C 520 2.61 2.77 -37.03
N THR C 521 2.86 1.49 -36.74
CA THR C 521 4.22 0.98 -36.67
C THR C 521 4.19 -0.53 -36.81
N ASP C 522 5.39 -1.09 -37.03
CA ASP C 522 5.59 -2.53 -37.07
C ASP C 522 6.10 -3.10 -35.76
N LEU C 523 6.52 -2.24 -34.82
CA LEU C 523 7.03 -2.67 -33.52
C LEU C 523 6.07 -3.68 -32.89
N PRO C 524 6.48 -4.94 -32.74
CA PRO C 524 5.57 -5.96 -32.21
C PRO C 524 5.10 -5.61 -30.82
N MET C 525 3.79 -5.56 -30.63
CA MET C 525 3.20 -5.11 -29.37
C MET C 525 1.97 -5.94 -29.06
N SER C 526 1.76 -6.20 -27.77
CA SER C 526 0.51 -6.79 -27.32
C SER C 526 -0.61 -5.77 -27.43
N VAL C 527 -1.76 -6.21 -27.94
CA VAL C 527 -2.88 -5.32 -28.21
C VAL C 527 -3.86 -5.36 -27.05
N ASP C 528 -4.45 -4.21 -26.74
CA ASP C 528 -5.57 -4.14 -25.82
C ASP C 528 -6.83 -4.68 -26.49
N ARG C 529 -7.85 -4.92 -25.68
CA ARG C 529 -9.16 -5.33 -26.17
C ARG C 529 -10.17 -4.18 -26.04
N PRO C 530 -11.28 -4.26 -26.75
CA PRO C 530 -12.32 -3.23 -26.59
C PRO C 530 -12.87 -3.22 -25.18
N ILE C 531 -13.56 -2.14 -24.85
CA ILE C 531 -14.11 -1.95 -23.51
C ILE C 531 -15.63 -1.97 -23.57
N ASP C 532 -16.23 -2.22 -22.41
CA ASP C 532 -17.68 -2.16 -22.23
C ASP C 532 -17.94 -1.59 -20.85
N PHE C 533 -18.39 -0.33 -20.79
CA PHE C 533 -18.72 0.31 -19.53
C PHE C 533 -20.16 0.80 -19.53
N GLY C 534 -21.01 0.15 -20.32
CA GLY C 534 -22.44 0.42 -20.30
C GLY C 534 -22.90 1.61 -21.10
N LEU C 535 -22.05 2.19 -21.96
CA LEU C 535 -22.47 3.40 -22.65
C LEU C 535 -23.64 3.14 -23.59
N GLN C 536 -23.71 1.96 -24.21
CA GLN C 536 -24.81 1.69 -25.13
C GLN C 536 -26.14 1.85 -24.42
N ASP C 537 -26.29 1.24 -23.24
CA ASP C 537 -27.50 1.44 -22.46
C ASP C 537 -27.67 2.90 -22.06
N PHE C 538 -26.56 3.56 -21.68
CA PHE C 538 -26.63 4.94 -21.22
C PHE C 538 -27.10 5.87 -22.33
N CYS C 539 -26.53 5.73 -23.53
CA CYS C 539 -26.90 6.62 -24.63
C CYS C 539 -28.35 6.38 -25.08
N ASN C 540 -28.84 5.15 -24.95
CA ASN C 540 -30.23 4.89 -25.33
C ASN C 540 -31.20 5.75 -24.53
N GLN C 541 -30.83 6.14 -23.32
CA GLN C 541 -31.71 6.89 -22.43
C GLN C 541 -31.36 8.37 -22.38
N CYS C 542 -30.44 8.82 -23.23
CA CYS C 542 -29.95 10.18 -23.19
C CYS C 542 -30.16 10.83 -24.56
N ARG C 543 -30.41 12.14 -24.55
CA ARG C 543 -30.50 12.91 -25.79
C ARG C 543 -29.82 14.27 -25.68
N LYS C 544 -29.06 14.53 -24.61
CA LYS C 544 -28.61 15.90 -24.35
C LYS C 544 -27.77 16.44 -25.50
N CYS C 545 -26.83 15.63 -26.00
CA CYS C 545 -25.98 16.09 -27.10
C CYS C 545 -26.84 16.46 -28.32
N ALA C 546 -27.78 15.59 -28.69
CA ALA C 546 -28.62 15.87 -29.85
C ALA C 546 -29.54 17.06 -29.59
N ARG C 547 -29.91 17.28 -28.33
CA ARG C 547 -30.78 18.41 -28.02
C ARG C 547 -30.06 19.73 -28.19
N GLU C 548 -28.76 19.77 -27.88
CA GLU C 548 -28.00 21.01 -27.80
C GLU C 548 -27.21 21.32 -29.08
N CYS C 549 -27.32 20.49 -30.11
CA CYS C 549 -26.55 20.71 -31.33
C CYS C 549 -27.14 21.87 -32.13
N PRO C 550 -26.36 22.90 -32.46
CA PRO C 550 -26.94 24.08 -33.11
C PRO C 550 -27.61 23.81 -34.44
N CYS C 551 -27.34 22.67 -35.08
CA CYS C 551 -27.93 22.39 -36.40
C CYS C 551 -28.61 21.02 -36.43
N ASN C 552 -28.93 20.46 -35.28
CA ASN C 552 -29.69 19.21 -35.20
C ASN C 552 -29.05 18.12 -36.05
N ALA C 553 -27.73 18.00 -35.93
CA ALA C 553 -27.01 17.01 -36.72
C ALA C 553 -26.95 15.64 -36.07
N ILE C 554 -27.08 15.56 -34.75
CA ILE C 554 -26.96 14.30 -34.03
C ILE C 554 -28.30 13.60 -33.98
N SER C 555 -28.29 12.28 -34.13
CA SER C 555 -29.51 11.50 -34.26
C SER C 555 -30.22 11.37 -32.92
N PHE C 556 -31.55 11.49 -32.94
CA PHE C 556 -32.39 11.21 -31.78
C PHE C 556 -32.90 9.78 -31.74
N GLY C 557 -32.70 9.01 -32.81
CA GLY C 557 -33.27 7.69 -32.94
C GLY C 557 -32.30 6.58 -32.59
N ASP C 558 -32.57 5.40 -33.14
CA ASP C 558 -31.80 4.21 -32.82
C ASP C 558 -30.54 4.13 -33.68
N LYS C 559 -29.64 3.24 -33.27
CA LYS C 559 -28.45 2.97 -34.05
C LYS C 559 -28.81 2.30 -35.38
N VAL C 560 -27.96 2.50 -36.37
CA VAL C 560 -28.19 1.96 -37.70
C VAL C 560 -26.94 1.25 -38.18
N MET C 561 -27.11 0.38 -39.17
CA MET C 561 -25.99 -0.21 -39.87
C MET C 561 -25.47 0.77 -40.91
N PHE C 562 -24.16 0.95 -40.97
CA PHE C 562 -23.56 1.96 -41.84
C PHE C 562 -22.22 1.43 -42.31
N ASN C 563 -22.10 1.14 -43.60
CA ASN C 563 -20.84 0.65 -44.16
C ASN C 563 -20.29 -0.52 -43.36
N GLY C 564 -21.19 -1.40 -42.91
CA GLY C 564 -20.79 -2.64 -42.28
C GLY C 564 -20.52 -2.58 -40.80
N TYR C 565 -21.00 -1.54 -40.11
CA TYR C 565 -20.85 -1.52 -38.65
C TYR C 565 -22.01 -0.75 -38.05
N GLU C 566 -22.30 -1.07 -36.79
CA GLU C 566 -23.38 -0.44 -36.04
C GLU C 566 -22.90 0.91 -35.52
N ILE C 567 -23.81 1.88 -35.54
CA ILE C 567 -23.41 3.26 -35.25
C ILE C 567 -24.66 4.13 -35.08
N TRP C 568 -24.52 5.22 -34.32
CA TRP C 568 -25.43 6.36 -34.42
C TRP C 568 -24.83 7.31 -35.46
N LYS C 569 -25.51 7.46 -36.58
CA LYS C 569 -24.97 8.27 -37.67
C LYS C 569 -25.49 9.69 -37.55
N ALA C 570 -24.62 10.61 -37.15
CA ALA C 570 -24.92 12.03 -37.20
C ALA C 570 -24.96 12.49 -38.67
N ASP C 571 -25.46 13.71 -38.87
CA ASP C 571 -25.56 14.27 -40.21
C ASP C 571 -24.29 15.08 -40.48
N VAL C 572 -23.32 14.43 -41.13
CA VAL C 572 -22.01 15.03 -41.32
C VAL C 572 -22.06 16.21 -42.30
N GLU C 573 -23.06 16.27 -43.18
CA GLU C 573 -23.20 17.44 -44.04
C GLU C 573 -23.61 18.67 -43.24
N LYS C 574 -24.65 18.54 -42.41
CA LYS C 574 -25.11 19.67 -41.61
C LYS C 574 -24.03 20.11 -40.63
N CYS C 575 -23.39 19.15 -39.96
CA CYS C 575 -22.32 19.48 -39.03
C CYS C 575 -21.17 20.17 -39.75
N THR C 576 -20.71 19.58 -40.86
CA THR C 576 -19.62 20.20 -41.62
C THR C 576 -19.96 21.63 -41.99
N LYS C 577 -21.18 21.85 -42.49
CA LYS C 577 -21.55 23.21 -42.91
C LYS C 577 -21.56 24.17 -41.73
N TYR C 578 -22.07 23.73 -40.58
CA TYR C 578 -22.15 24.65 -39.45
C TYR C 578 -20.76 25.05 -38.97
N ARG C 579 -19.85 24.07 -38.84
CA ARG C 579 -18.55 24.38 -38.28
C ARG C 579 -17.74 25.27 -39.22
N VAL C 580 -17.82 25.03 -40.53
CA VAL C 580 -17.07 25.84 -41.48
C VAL C 580 -17.71 27.22 -41.66
N THR C 581 -19.03 27.29 -41.54
CA THR C 581 -19.81 28.43 -42.03
C THR C 581 -20.28 29.37 -40.93
N GLN C 582 -20.63 28.85 -39.75
CA GLN C 582 -21.20 29.72 -38.72
C GLN C 582 -20.22 30.83 -38.37
N MET C 583 -20.77 32.02 -38.13
CA MET C 583 -19.98 33.25 -38.06
C MET C 583 -19.86 33.84 -36.66
N LYS C 584 -20.59 33.32 -35.67
CA LYS C 584 -20.49 33.84 -34.31
C LYS C 584 -19.49 33.06 -33.45
N GLY C 585 -18.51 32.42 -34.08
CA GLY C 585 -17.46 31.74 -33.36
C GLY C 585 -16.45 31.19 -34.34
N SER C 586 -15.65 30.22 -33.88
CA SER C 586 -14.72 29.51 -34.75
C SER C 586 -14.93 28.01 -34.59
N ALA C 587 -15.56 27.38 -35.58
CA ALA C 587 -15.86 25.96 -35.50
C ALA C 587 -16.87 25.67 -34.41
N CYS C 588 -16.98 24.40 -34.00
CA CYS C 588 -17.96 24.02 -32.99
C CYS C 588 -17.57 22.68 -32.38
N GLY C 589 -17.85 22.54 -31.08
CA GLY C 589 -17.67 21.30 -30.36
C GLY C 589 -18.63 21.22 -29.19
N ARG C 590 -19.83 21.74 -29.41
CA ARG C 590 -20.80 21.88 -28.34
C ARG C 590 -21.26 20.53 -27.82
N CYS C 591 -21.26 19.51 -28.68
CA CYS C 591 -21.73 18.20 -28.26
C CYS C 591 -20.86 17.63 -27.14
N MET C 592 -19.53 17.77 -27.27
CA MET C 592 -18.65 17.35 -26.19
C MET C 592 -18.97 18.08 -24.89
N LYS C 593 -19.25 19.38 -24.99
CA LYS C 593 -19.43 20.19 -23.79
C LYS C 593 -20.67 19.77 -23.01
N MET C 594 -21.74 19.42 -23.69
CA MET C 594 -23.03 19.18 -23.06
C MET C 594 -23.21 17.76 -22.58
N CYS C 595 -22.35 16.84 -23.00
CA CYS C 595 -22.53 15.44 -22.64
C CYS C 595 -22.34 15.25 -21.14
N PRO C 596 -23.23 14.53 -20.46
CA PRO C 596 -23.06 14.32 -19.01
C PRO C 596 -21.71 13.73 -18.63
N TRP C 597 -21.11 12.92 -19.50
CA TRP C 597 -19.81 12.32 -19.19
C TRP C 597 -18.68 13.34 -19.21
N ASN C 598 -18.96 14.58 -19.60
CA ASN C 598 -17.99 15.67 -19.59
C ASN C 598 -18.02 16.31 -18.21
N ARG C 599 -17.22 15.78 -17.29
CA ARG C 599 -17.28 16.14 -15.89
C ARG C 599 -15.94 16.63 -15.37
N GLU C 600 -15.99 17.33 -14.23
CA GLU C 600 -14.78 17.75 -13.56
C GLU C 600 -14.09 16.56 -12.89
N ASP C 601 -12.76 16.62 -12.81
CA ASP C 601 -11.95 15.53 -12.25
C ASP C 601 -11.92 15.68 -10.73
N THR C 602 -13.08 15.43 -10.12
CA THR C 602 -13.25 15.45 -8.67
C THR C 602 -13.75 14.10 -8.17
N VAL C 603 -13.78 13.96 -6.85
CA VAL C 603 -14.34 12.75 -6.26
C VAL C 603 -15.81 12.59 -6.65
N GLU C 604 -16.59 13.67 -6.50
CA GLU C 604 -18.00 13.60 -6.87
C GLU C 604 -18.17 13.30 -8.35
N GLY C 605 -17.43 14.00 -9.20
CA GLY C 605 -17.47 13.73 -10.63
C GLY C 605 -17.14 12.29 -10.95
N ARG C 606 -15.98 11.82 -10.49
CA ARG C 606 -15.58 10.44 -10.72
C ARG C 606 -16.65 9.47 -10.22
N ARG C 607 -17.26 9.77 -9.07
CA ARG C 607 -18.26 8.87 -8.50
C ARG C 607 -19.49 8.76 -9.40
N LEU C 608 -19.92 9.89 -9.98
CA LEU C 608 -21.05 9.83 -10.91
C LEU C 608 -20.71 8.95 -12.11
N ALA C 609 -19.46 8.96 -12.55
CA ALA C 609 -19.07 8.07 -13.63
C ALA C 609 -19.05 6.61 -13.16
N GLU C 610 -18.52 6.36 -11.96
CA GLU C 610 -18.55 5.01 -11.41
C GLU C 610 -19.98 4.49 -11.35
N LEU C 611 -20.90 5.29 -10.80
CA LEU C 611 -22.29 4.88 -10.75
C LEU C 611 -22.83 4.56 -12.13
N SER C 612 -22.60 5.46 -13.10
CA SER C 612 -23.04 5.23 -14.46
C SER C 612 -22.55 3.89 -14.98
N ILE C 613 -21.27 3.58 -14.72
CA ILE C 613 -20.70 2.33 -15.20
C ILE C 613 -21.32 1.14 -14.47
N LYS C 614 -21.35 1.19 -13.13
CA LYS C 614 -21.68 0.02 -12.33
C LYS C 614 -23.16 -0.16 -12.04
N VAL C 615 -23.96 0.90 -12.12
CA VAL C 615 -25.33 0.84 -11.60
C VAL C 615 -26.33 1.18 -12.69
N PRO C 616 -26.71 0.22 -13.54
CA PRO C 616 -27.64 0.53 -14.63
C PRO C 616 -28.90 1.25 -14.17
N GLU C 617 -29.46 0.87 -13.02
CA GLU C 617 -30.72 1.47 -12.60
C GLU C 617 -30.56 2.91 -12.13
N ALA C 618 -29.34 3.43 -12.10
CA ALA C 618 -29.09 4.83 -11.78
C ALA C 618 -28.85 5.69 -13.02
N ARG C 619 -28.65 5.07 -14.18
CA ARG C 619 -28.30 5.82 -15.38
C ARG C 619 -29.38 6.84 -15.74
N ALA C 620 -30.65 6.46 -15.65
CA ALA C 620 -31.72 7.39 -15.99
C ALA C 620 -31.74 8.59 -15.03
N ALA C 621 -31.55 8.34 -13.73
CA ALA C 621 -31.56 9.43 -12.77
C ALA C 621 -30.39 10.38 -12.99
N ILE C 622 -29.23 9.84 -13.34
CA ILE C 622 -28.06 10.68 -13.59
C ILE C 622 -28.26 11.53 -14.84
N ILE C 623 -28.85 10.94 -15.88
CA ILE C 623 -29.16 11.70 -17.10
C ILE C 623 -30.10 12.85 -16.77
N ALA C 624 -31.17 12.56 -16.03
CA ALA C 624 -32.16 13.58 -15.72
C ALA C 624 -31.58 14.66 -14.83
N MET C 625 -30.84 14.28 -13.78
CA MET C 625 -30.32 15.27 -12.86
C MET C 625 -29.28 16.16 -13.53
N ASP C 626 -28.59 15.66 -14.55
CA ASP C 626 -27.62 16.50 -15.22
C ASP C 626 -28.26 17.76 -15.77
N ASP C 627 -29.54 17.68 -16.17
CA ASP C 627 -30.28 18.86 -16.58
C ASP C 627 -30.85 19.60 -15.37
N ALA C 628 -31.38 18.86 -14.39
CA ALA C 628 -31.91 19.51 -13.20
C ALA C 628 -30.86 20.41 -12.55
N LEU C 629 -29.63 19.94 -12.48
CA LEU C 629 -28.54 20.75 -11.92
C LEU C 629 -27.93 21.69 -12.93
N GLN C 630 -28.46 21.74 -14.15
CA GLN C 630 -28.03 22.70 -15.17
C GLN C 630 -26.55 22.51 -15.53
N ASN C 631 -26.09 21.27 -15.55
CA ASN C 631 -24.79 20.99 -16.13
C ASN C 631 -24.82 21.30 -17.62
N GLY C 632 -23.74 21.91 -18.11
CA GLY C 632 -23.72 22.48 -19.43
C GLY C 632 -23.93 23.97 -19.46
N LYS C 633 -24.34 24.56 -18.34
CA LYS C 633 -24.43 26.00 -18.23
C LYS C 633 -23.05 26.62 -18.36
N ARG C 634 -22.96 27.75 -19.07
CA ARG C 634 -21.68 28.40 -19.28
C ARG C 634 -21.18 29.00 -17.97
N ASN C 635 -19.92 28.70 -17.62
CA ASN C 635 -19.31 29.10 -16.36
C ASN C 635 -18.53 30.39 -16.61
N LEU C 636 -19.11 31.51 -16.18
CA LEU C 636 -18.55 32.81 -16.53
C LEU C 636 -17.12 32.98 -16.04
N ILE C 637 -16.80 32.44 -14.86
CA ILE C 637 -15.46 32.61 -14.31
C ILE C 637 -14.39 31.95 -15.18
N LYS C 638 -14.77 31.01 -16.04
CA LYS C 638 -13.81 30.27 -16.86
C LYS C 638 -13.61 30.87 -18.24
N ARG C 639 -14.31 31.94 -18.59
CA ARG C 639 -14.20 32.57 -19.90
C ARG C 639 -12.98 33.49 -19.91
N TRP C 640 -11.81 32.91 -20.20
CA TRP C 640 -10.54 33.60 -20.01
C TRP C 640 -9.98 34.22 -21.29
N TRP C 641 -10.54 33.89 -22.46
CA TRP C 641 -9.95 34.29 -23.73
C TRP C 641 -10.60 35.55 -24.27
N PHE C 642 -9.90 36.19 -25.20
CA PHE C 642 -10.44 37.35 -25.91
C PHE C 642 -11.28 36.90 -27.10
N ASP C 643 -12.40 37.60 -27.32
CA ASP C 643 -13.23 37.38 -28.50
C ASP C 643 -12.60 38.18 -29.65
N LEU C 644 -11.70 37.54 -30.37
CA LEU C 644 -10.97 38.17 -31.46
C LEU C 644 -11.14 37.36 -32.74
N GLU C 645 -11.71 37.99 -33.76
CA GLU C 645 -11.76 37.41 -35.11
C GLU C 645 -10.70 38.09 -35.97
N VAL C 646 -10.02 37.30 -36.80
CA VAL C 646 -9.01 37.81 -37.70
C VAL C 646 -9.61 37.87 -39.09
N ILE C 647 -9.88 39.10 -39.55
CA ILE C 647 -10.38 39.35 -40.90
C ILE C 647 -9.33 40.20 -41.61
N ASP C 648 -8.77 39.66 -42.69
CA ASP C 648 -7.73 40.35 -43.46
C ASP C 648 -6.47 40.56 -42.61
N GLY C 649 -5.97 39.46 -42.05
CA GLY C 649 -4.71 39.47 -41.34
C GLY C 649 -4.64 40.43 -40.16
N VAL C 650 -5.78 40.94 -39.72
CA VAL C 650 -5.85 41.81 -38.55
C VAL C 650 -6.92 41.27 -37.62
N ALA C 651 -6.64 41.32 -36.32
CA ALA C 651 -7.59 40.86 -35.32
C ALA C 651 -8.48 42.01 -34.89
N GLY C 652 -9.79 41.75 -34.84
CA GLY C 652 -10.74 42.73 -34.39
C GLY C 652 -11.89 42.05 -33.66
N ALA C 653 -12.82 42.86 -33.19
CA ALA C 653 -14.00 42.32 -32.55
C ALA C 653 -14.73 41.38 -33.50
N PRO C 654 -15.48 40.42 -32.99
CA PRO C 654 -16.20 39.49 -33.88
C PRO C 654 -17.19 40.24 -34.76
N ARG C 655 -17.08 40.01 -36.07
CA ARG C 655 -17.91 40.73 -37.02
C ARG C 655 -19.40 40.51 -36.76
N MET C 656 -19.81 39.25 -36.62
CA MET C 656 -21.23 38.91 -36.55
C MET C 656 -21.75 38.70 -35.15
N GLY C 657 -20.87 38.52 -34.16
CA GLY C 657 -21.31 38.29 -32.80
C GLY C 657 -20.54 37.14 -32.18
N THR C 658 -21.11 36.59 -31.11
CA THR C 658 -20.46 35.50 -30.37
C THR C 658 -21.55 34.62 -29.79
N ASN C 659 -21.53 33.33 -30.15
CA ASN C 659 -22.46 32.37 -29.56
C ASN C 659 -22.31 32.37 -28.06
N GLU C 660 -23.44 32.47 -27.35
CA GLU C 660 -23.46 32.43 -25.90
C GLU C 660 -24.66 31.58 -25.48
N ARG C 661 -24.62 30.32 -25.88
CA ARG C 661 -25.79 29.45 -25.77
C ARG C 661 -25.96 28.93 -24.36
N ASP C 662 -27.21 28.80 -23.94
CA ASP C 662 -27.60 28.17 -22.69
C ASP C 662 -28.30 26.84 -22.99
N LEU C 663 -28.61 26.10 -21.93
CA LEU C 663 -29.34 24.86 -22.09
C LEU C 663 -30.62 25.09 -22.88
N SER C 664 -30.86 24.22 -23.88
CA SER C 664 -32.01 24.31 -24.77
C SER C 664 -33.17 23.49 -24.24
N PRO C 665 -34.40 23.87 -24.55
CA PRO C 665 -35.56 23.11 -24.08
C PRO C 665 -35.65 21.76 -24.79
N ASP C 666 -36.44 20.87 -24.19
CA ASP C 666 -36.60 19.53 -24.74
C ASP C 666 -37.33 19.61 -26.09
N ARG C 667 -36.84 18.83 -27.05
CA ARG C 667 -37.55 18.68 -28.32
C ARG C 667 -38.84 17.90 -28.07
N GLY C 668 -39.52 17.50 -29.14
CA GLY C 668 -40.73 16.73 -28.97
C GLY C 668 -40.49 15.41 -28.23
N ASP C 669 -41.54 14.59 -28.17
CA ASP C 669 -41.38 13.20 -27.75
C ASP C 669 -41.24 12.26 -28.94
N LYS C 670 -41.83 12.64 -30.07
CA LYS C 670 -41.72 11.89 -31.31
C LYS C 670 -40.56 12.36 -32.18
N ILE C 671 -39.64 13.15 -31.62
CA ILE C 671 -38.54 13.68 -32.42
C ILE C 671 -37.68 12.55 -32.97
N GLY C 672 -37.59 11.44 -32.26
CA GLY C 672 -36.84 10.30 -32.76
C GLY C 672 -37.43 9.72 -34.02
N ALA C 673 -38.76 9.63 -34.08
CA ALA C 673 -39.44 9.15 -35.27
C ALA C 673 -39.54 10.21 -36.36
N ASN C 674 -39.47 11.48 -36.00
CA ASN C 674 -39.69 12.58 -36.93
C ASN C 674 -38.41 13.17 -37.50
N GLN C 675 -37.29 13.08 -36.78
CA GLN C 675 -36.04 13.59 -37.32
C GLN C 675 -35.57 12.75 -38.50
N LYS C 676 -35.05 13.41 -39.52
CA LYS C 676 -34.64 12.75 -40.75
C LYS C 676 -33.29 13.31 -41.16
N LEU C 677 -32.25 12.50 -41.02
CA LEU C 677 -30.88 12.90 -41.34
C LEU C 677 -30.42 12.18 -42.60
N ALA C 678 -29.31 12.67 -43.15
CA ALA C 678 -28.71 12.08 -44.34
C ALA C 678 -27.41 11.38 -43.97
N MET C 679 -27.24 10.15 -44.44
CA MET C 679 -26.00 9.42 -44.29
C MET C 679 -25.31 9.28 -45.64
N TYR C 680 -23.99 9.14 -45.61
CA TYR C 680 -23.16 9.08 -46.80
C TYR C 680 -22.18 7.92 -46.69
N PRO C 681 -22.67 6.69 -46.83
CA PRO C 681 -21.77 5.55 -46.92
C PRO C 681 -21.04 5.57 -48.25
N PRO C 682 -20.09 4.66 -48.47
CA PRO C 682 -19.27 4.74 -49.70
C PRO C 682 -20.07 4.95 -50.97
N ARG C 683 -21.22 4.26 -51.12
CA ARG C 683 -21.96 4.36 -52.37
C ARG C 683 -22.34 5.81 -52.68
N LEU C 684 -22.51 6.65 -51.66
CA LEU C 684 -22.85 8.06 -51.85
C LEU C 684 -21.65 8.98 -51.67
N GLN C 685 -20.44 8.43 -51.71
CA GLN C 685 -19.21 9.17 -51.54
C GLN C 685 -18.43 9.28 -52.83
N PRO C 686 -17.44 10.16 -52.91
CA PRO C 686 -16.53 10.15 -54.04
C PRO C 686 -15.82 8.82 -54.13
N PRO C 687 -15.90 8.14 -55.28
CA PRO C 687 -15.32 6.80 -55.38
C PRO C 687 -13.81 6.84 -55.19
N PRO C 688 -13.21 5.72 -54.78
CA PRO C 688 -11.76 5.71 -54.58
C PRO C 688 -11.01 6.09 -55.85
N GLY C 689 -10.02 6.96 -55.69
CA GLY C 689 -9.27 7.50 -56.80
C GLY C 689 -9.60 8.94 -57.12
N THR C 690 -10.77 9.41 -56.69
CA THR C 690 -11.13 10.81 -56.91
C THR C 690 -10.17 11.72 -56.15
N THR C 691 -9.88 12.87 -56.73
CA THR C 691 -9.00 13.86 -56.12
C THR C 691 -9.76 15.16 -55.87
N LEU C 692 -9.07 16.13 -55.29
CA LEU C 692 -9.69 17.41 -54.98
C LEU C 692 -10.04 18.22 -56.21
N ASP C 693 -9.49 17.88 -57.38
CA ASP C 693 -9.78 18.66 -58.57
C ASP C 693 -11.21 18.45 -59.05
N ALA C 694 -11.80 17.30 -58.75
CA ALA C 694 -13.17 17.02 -59.13
C ALA C 694 -14.15 17.70 -58.16
N VAL C 695 -15.43 17.63 -58.50
CA VAL C 695 -16.50 18.25 -57.73
C VAL C 695 -17.71 17.31 -57.78
N LEU C 696 -18.19 16.89 -56.61
CA LEU C 696 -19.34 16.01 -56.50
C LEU C 696 -20.31 16.66 -55.54
N PRO C 697 -21.23 17.49 -56.03
CA PRO C 697 -22.26 18.05 -55.17
C PRO C 697 -22.90 16.96 -54.33
N VAL C 698 -22.92 17.18 -53.01
CA VAL C 698 -23.49 16.19 -52.11
C VAL C 698 -24.93 15.90 -52.50
N ASP C 699 -25.27 14.61 -52.57
CA ASP C 699 -26.63 14.20 -52.92
C ASP C 699 -27.46 14.07 -51.65
N ARG C 700 -27.97 15.22 -51.18
CA ARG C 700 -28.65 15.23 -49.90
C ARG C 700 -29.91 14.37 -49.93
N SER C 701 -30.75 14.55 -50.95
CA SER C 701 -31.96 13.73 -51.02
C SER C 701 -31.62 12.25 -51.11
N GLY C 702 -30.54 11.92 -51.81
CA GLY C 702 -30.12 10.53 -51.85
C GLY C 702 -29.72 9.99 -50.49
N GLY C 703 -28.97 10.79 -49.73
CA GLY C 703 -28.54 10.37 -48.41
C GLY C 703 -29.67 10.32 -47.39
N LEU C 704 -30.69 11.18 -47.57
CA LEU C 704 -31.86 11.10 -46.70
C LEU C 704 -32.60 9.78 -46.90
N ALA C 705 -32.77 9.37 -48.15
CA ALA C 705 -33.41 8.08 -48.41
C ALA C 705 -32.51 6.91 -48.01
N GLU C 706 -31.19 7.09 -48.15
CA GLU C 706 -30.26 6.07 -47.67
C GLU C 706 -30.44 5.83 -46.17
N TYR C 707 -30.48 6.92 -45.40
CA TYR C 707 -30.70 6.79 -43.96
C TYR C 707 -31.98 6.03 -43.66
N ALA C 708 -33.07 6.36 -44.36
CA ALA C 708 -34.34 5.68 -44.13
C ALA C 708 -34.26 4.20 -44.51
N ALA C 709 -33.36 3.84 -45.40
CA ALA C 709 -33.25 2.46 -45.87
C ALA C 709 -32.21 1.67 -45.11
N ALA C 710 -31.62 2.23 -44.06
CA ALA C 710 -30.54 1.58 -43.36
C ALA C 710 -31.03 0.37 -42.58
N GLU C 711 -30.21 -0.68 -42.54
CA GLU C 711 -30.58 -1.89 -41.84
C GLU C 711 -30.36 -1.71 -40.34
N THR C 712 -31.34 -2.15 -39.55
CA THR C 712 -31.18 -2.08 -38.10
C THR C 712 -30.09 -3.06 -37.66
N PRO C 713 -29.34 -2.72 -36.62
CA PRO C 713 -28.36 -3.69 -36.10
C PRO C 713 -28.97 -5.01 -35.72
N ALA C 714 -30.21 -5.01 -35.22
CA ALA C 714 -30.89 -6.26 -34.88
C ALA C 714 -31.07 -7.13 -36.12
N ALA C 715 -31.59 -6.53 -37.20
CA ALA C 715 -31.72 -7.28 -38.45
C ALA C 715 -30.38 -7.84 -38.90
N ALA C 716 -29.29 -7.11 -38.63
CA ALA C 716 -27.98 -7.52 -39.13
C ALA C 716 -27.45 -8.73 -38.36
N ARG C 717 -27.54 -8.69 -37.02
CA ARG C 717 -27.14 -9.85 -36.23
C ARG C 717 -27.94 -11.08 -36.63
N ALA C 718 -29.26 -10.94 -36.75
CA ALA C 718 -30.09 -12.03 -37.22
C ALA C 718 -29.70 -12.44 -38.63
N ARG C 719 -29.57 -11.48 -39.54
CA ARG C 719 -29.17 -11.79 -40.91
C ARG C 719 -27.85 -12.56 -40.93
N LEU C 720 -26.94 -12.24 -40.00
CA LEU C 720 -25.62 -12.85 -40.04
C LEU C 720 -25.62 -14.26 -39.47
N LYS C 721 -26.30 -14.47 -38.34
CA LYS C 721 -26.38 -15.79 -37.73
C LYS C 721 -26.92 -16.84 -38.69
N SER C 722 -27.44 -16.42 -39.85
CA SER C 722 -27.76 -17.33 -40.94
C SER C 722 -26.58 -17.39 -41.92
N SER C 723 -25.51 -18.00 -41.44
CA SER C 723 -24.29 -18.15 -42.22
C SER C 723 -23.77 -19.58 -42.11
#